data_9HE8
#
_entry.id   9HE8
#
_cell.length_a   78.429
_cell.length_b   177.180
_cell.length_c   78.753
_cell.angle_alpha   90.000
_cell.angle_beta   98.844
_cell.angle_gamma   90.000
#
_symmetry.space_group_name_H-M   'P 1 21 1'
#
loop_
_entity.id
_entity.type
_entity.pdbx_description
1 polymer Beta-xylosidase
2 water water
#
_entity_poly.entity_id   1
_entity_poly.type   'polypeptide(L)'
_entity_poly.pdbx_seq_one_letter_code
;MGSSHHHHHHSSGLVPRGSHMKIQNPVLPGFNADPSMIRVGDTYYIANSTFEWFPGVRLHESKDLVHWNLLPSPLSTTTL
LDMKGNPASGGIWAPDLSYADGKFWLIYTDVKITEGPFKDMTNYLTTATDIRGPWTDPIAVNGVGFDASLFHDENGRKYL
VQQTWDHREYHHPFNGITLTEFDTATMQLKPETARNIYNGTDVKLVEGPHLYQISGYYYLFAAEGGTVFTHQEVVARSKT
LDELSFESEPDGPFITNMDTPDFYLQKQGHGALTSTPSGEWYYASLVSRPWNHTNESSHDPRGWSTLGRETSIQKVEWDD
AGWPRVVGGHGGQVEVDAPKDAIETTAPKDHSQHDDFDQPTLDLNWNTLRQPFTAQMGSVGNGELKLIGQQTMSSNFDVS
LIARRWQAFNFDAETKVKFDPFTYQQMAGLANIYNDKHYSWIFITWDEKKGHVIEVAQNDNNNYTSYLKDDAIKIPDGTN
YVWFRTKVRKQSYTYEYSFDGQNWETVPVELDAAILSDDYVLQNYGGFFTGAFVGLMAADYAGYKRVATFDYFDYQELPD
;
_entity_poly.pdbx_strand_id   A,B,C,D
#
# COMPACT_ATOMS: atom_id res chain seq x y z
N MET A 21 1.15 2.68 -51.85
CA MET A 21 1.69 1.31 -52.02
C MET A 21 2.09 0.71 -50.67
N LYS A 22 2.32 1.54 -49.63
CA LYS A 22 2.92 1.03 -48.40
C LYS A 22 2.15 1.44 -47.14
N ILE A 23 1.58 0.45 -46.45
CA ILE A 23 0.97 0.64 -45.13
C ILE A 23 2.09 0.96 -44.15
N GLN A 24 1.98 2.07 -43.42
CA GLN A 24 2.93 2.43 -42.39
C GLN A 24 2.29 2.31 -41.01
N ASN A 25 2.74 1.34 -40.20
CA ASN A 25 2.12 1.05 -38.93
C ASN A 25 2.70 1.96 -37.84
N PRO A 26 1.91 2.40 -36.84
CA PRO A 26 0.45 2.22 -36.82
C PRO A 26 -0.33 3.07 -37.83
N VAL A 27 -1.32 2.51 -38.50
CA VAL A 27 -2.05 3.22 -39.54
C VAL A 27 -3.05 4.20 -38.93
N LEU A 28 -3.63 3.83 -37.78
CA LEU A 28 -4.52 4.72 -37.04
C LEU A 28 -3.78 5.10 -35.77
N PRO A 29 -3.09 6.27 -35.73
CA PRO A 29 -2.25 6.63 -34.58
C PRO A 29 -3.07 7.19 -33.42
N GLY A 30 -2.53 7.07 -32.21
CA GLY A 30 -3.26 7.49 -31.01
C GLY A 30 -4.36 6.49 -30.69
N PHE A 31 -5.20 6.81 -29.71
CA PHE A 31 -6.16 5.86 -29.17
C PHE A 31 -7.13 5.39 -30.25
N ASN A 32 -6.92 4.15 -30.70
CA ASN A 32 -7.69 3.47 -31.74
C ASN A 32 -7.60 1.97 -31.47
N ALA A 33 -8.24 1.53 -30.37
CA ALA A 33 -8.01 0.20 -29.84
C ALA A 33 -9.03 -0.79 -30.39
N ASP A 34 -8.72 -2.08 -30.22
CA ASP A 34 -9.66 -3.15 -30.43
C ASP A 34 -10.29 -3.07 -31.83
N PRO A 35 -9.49 -3.02 -32.91
CA PRO A 35 -10.04 -2.88 -34.27
C PRO A 35 -10.86 -4.08 -34.69
N SER A 36 -12.11 -3.80 -35.11
CA SER A 36 -12.95 -4.69 -35.89
C SER A 36 -12.93 -4.17 -37.32
N MET A 37 -12.41 -4.96 -38.26
CA MET A 37 -12.23 -4.49 -39.62
C MET A 37 -13.03 -5.39 -40.55
N ILE A 38 -13.78 -4.78 -41.49
CA ILE A 38 -14.53 -5.53 -42.49
C ILE A 38 -14.29 -4.93 -43.87
N ARG A 39 -14.65 -5.70 -44.90
CA ARG A 39 -14.66 -5.23 -46.28
C ARG A 39 -16.07 -5.40 -46.82
N VAL A 40 -16.59 -4.36 -47.48
CA VAL A 40 -17.85 -4.46 -48.23
C VAL A 40 -17.54 -3.94 -49.63
N GLY A 41 -17.50 -4.86 -50.60
CA GLY A 41 -17.07 -4.54 -51.94
C GLY A 41 -15.59 -4.13 -51.96
N ASP A 42 -15.36 -2.89 -52.41
CA ASP A 42 -14.02 -2.34 -52.54
C ASP A 42 -13.64 -1.49 -51.32
N THR A 43 -14.51 -1.41 -50.30
CA THR A 43 -14.29 -0.48 -49.20
C THR A 43 -14.03 -1.25 -47.90
N TYR A 44 -13.05 -0.78 -47.13
CA TYR A 44 -12.73 -1.33 -45.82
C TYR A 44 -13.24 -0.37 -44.75
N TYR A 45 -13.70 -0.94 -43.63
CA TYR A 45 -14.12 -0.14 -42.48
C TYR A 45 -13.47 -0.70 -41.23
N ILE A 46 -13.04 0.19 -40.33
CA ILE A 46 -12.54 -0.20 -39.01
C ILE A 46 -13.38 0.50 -37.93
N ALA A 47 -13.86 -0.29 -36.98
CA ALA A 47 -14.49 0.23 -35.77
C ALA A 47 -13.56 0.01 -34.58
N ASN A 48 -13.40 1.03 -33.73
CA ASN A 48 -12.53 0.98 -32.57
C ASN A 48 -13.33 1.27 -31.29
N SER A 49 -12.82 0.72 -30.17
CA SER A 49 -13.39 0.95 -28.85
C SER A 49 -13.17 2.41 -28.43
N THR A 50 -14.06 2.95 -27.57
CA THR A 50 -14.06 4.36 -27.17
C THR A 50 -14.19 4.53 -25.65
N PHE A 51 -14.58 3.48 -24.92
CA PHE A 51 -14.64 3.52 -23.46
C PHE A 51 -15.55 4.67 -23.05
N GLU A 52 -15.06 5.60 -22.21
CA GLU A 52 -15.90 6.62 -21.62
C GLU A 52 -16.09 7.82 -22.57
N TRP A 53 -15.39 7.84 -23.70
CA TRP A 53 -15.44 8.99 -24.58
C TRP A 53 -16.65 8.90 -25.51
N PHE A 54 -17.34 10.04 -25.66
CA PHE A 54 -18.55 10.16 -26.44
C PHE A 54 -18.30 11.07 -27.64
N PRO A 55 -18.82 10.80 -28.86
CA PRO A 55 -19.70 9.66 -29.13
C PRO A 55 -19.02 8.30 -29.16
N GLY A 56 -19.82 7.23 -29.05
CA GLY A 56 -19.28 5.89 -28.91
C GLY A 56 -19.00 5.23 -30.26
N VAL A 57 -17.92 4.44 -30.26
CA VAL A 57 -17.46 3.63 -31.39
C VAL A 57 -16.90 4.53 -32.48
N ARG A 58 -15.60 4.43 -32.72
CA ARG A 58 -14.94 5.23 -33.75
C ARG A 58 -14.97 4.44 -35.06
N LEU A 59 -15.26 5.12 -36.17
CA LEU A 59 -15.34 4.48 -37.48
C LEU A 59 -14.37 5.16 -38.45
N HIS A 60 -13.66 4.35 -39.26
CA HIS A 60 -12.76 4.83 -40.29
C HIS A 60 -12.99 4.04 -41.56
N GLU A 61 -12.69 4.66 -42.72
CA GLU A 61 -12.95 4.06 -44.02
C GLU A 61 -11.75 4.23 -44.93
N SER A 62 -11.52 3.25 -45.81
CA SER A 62 -10.41 3.28 -46.74
C SER A 62 -10.68 2.29 -47.87
N LYS A 63 -10.01 2.49 -49.00
CA LYS A 63 -10.05 1.55 -50.11
C LYS A 63 -8.65 1.05 -50.44
N ASP A 64 -7.63 1.48 -49.67
CA ASP A 64 -6.24 1.07 -49.93
C ASP A 64 -5.58 0.48 -48.71
N LEU A 65 -6.17 0.66 -47.51
CA LEU A 65 -5.61 0.21 -46.24
C LEU A 65 -4.47 1.10 -45.77
N VAL A 66 -4.03 2.05 -46.60
CA VAL A 66 -2.87 2.90 -46.27
C VAL A 66 -3.36 4.20 -45.66
N HIS A 67 -4.37 4.80 -46.31
CA HIS A 67 -4.89 6.10 -45.95
C HIS A 67 -6.31 5.92 -45.44
N TRP A 68 -6.66 6.58 -44.33
CA TRP A 68 -7.94 6.33 -43.68
C TRP A 68 -8.65 7.65 -43.37
N ASN A 69 -9.97 7.70 -43.55
CA ASN A 69 -10.78 8.86 -43.20
C ASN A 69 -11.76 8.55 -42.06
N LEU A 70 -11.96 9.52 -41.17
CA LEU A 70 -12.85 9.36 -40.04
C LEU A 70 -14.30 9.54 -40.49
N LEU A 71 -15.18 8.61 -40.09
CA LEU A 71 -16.61 8.70 -40.34
C LEU A 71 -17.35 9.08 -39.06
N PRO A 72 -18.63 9.52 -39.13
CA PRO A 72 -19.42 9.80 -37.93
C PRO A 72 -19.54 8.54 -37.08
N SER A 73 -19.39 8.71 -35.76
CA SER A 73 -19.53 7.63 -34.80
C SER A 73 -20.98 7.20 -34.70
N PRO A 74 -21.29 5.89 -34.65
CA PRO A 74 -22.69 5.45 -34.57
C PRO A 74 -23.41 5.83 -33.28
N LEU A 75 -22.71 5.77 -32.14
CA LEU A 75 -23.38 5.84 -30.85
C LEU A 75 -23.39 7.29 -30.37
N SER A 76 -24.33 8.06 -30.91
CA SER A 76 -24.27 9.51 -30.84
C SER A 76 -25.41 10.09 -30.02
N THR A 77 -26.28 9.25 -29.44
CA THR A 77 -27.39 9.72 -28.62
C THR A 77 -27.41 8.91 -27.32
N THR A 78 -28.13 9.41 -26.31
CA THR A 78 -28.24 8.70 -25.05
C THR A 78 -29.18 7.49 -25.21
N THR A 79 -30.02 7.47 -26.26
CA THR A 79 -30.79 6.27 -26.58
C THR A 79 -29.85 5.14 -27.00
N LEU A 80 -28.76 5.48 -27.72
CA LEU A 80 -27.79 4.47 -28.13
C LEU A 80 -26.80 4.18 -27.02
N LEU A 81 -26.43 5.19 -26.22
CA LEU A 81 -25.35 5.02 -25.27
C LEU A 81 -25.48 6.01 -24.12
N ASP A 82 -25.66 5.45 -22.90
CA ASP A 82 -25.84 6.22 -21.69
C ASP A 82 -24.75 5.85 -20.68
N MET A 83 -23.73 6.72 -20.55
CA MET A 83 -22.53 6.39 -19.78
C MET A 83 -22.32 7.38 -18.66
N LYS A 84 -23.29 8.25 -18.39
CA LYS A 84 -23.19 9.14 -17.25
C LYS A 84 -22.90 8.29 -16.00
N GLY A 85 -21.82 8.66 -15.29
CA GLY A 85 -21.46 7.97 -14.07
C GLY A 85 -20.55 6.76 -14.28
N ASN A 86 -20.32 6.35 -15.53
CA ASN A 86 -19.48 5.19 -15.80
C ASN A 86 -18.08 5.40 -15.23
N PRO A 87 -17.43 4.37 -14.68
CA PRO A 87 -16.00 4.47 -14.33
C PRO A 87 -15.16 4.64 -15.59
N ALA A 88 -14.03 5.30 -15.40
CA ALA A 88 -13.06 5.46 -16.48
C ALA A 88 -12.63 4.08 -16.96
N SER A 89 -12.61 3.92 -18.28
CA SER A 89 -12.25 2.68 -18.94
C SER A 89 -13.32 1.62 -18.78
N GLY A 90 -14.48 2.03 -18.29
CA GLY A 90 -15.74 1.37 -18.57
C GLY A 90 -16.27 1.82 -19.92
N GLY A 91 -17.59 1.69 -20.10
CA GLY A 91 -18.22 2.10 -21.33
C GLY A 91 -17.90 1.13 -22.46
N ILE A 92 -17.58 1.68 -23.64
CA ILE A 92 -17.54 0.90 -24.88
C ILE A 92 -16.21 0.15 -24.96
N TRP A 93 -16.25 -1.15 -24.75
CA TRP A 93 -15.10 -1.99 -24.95
C TRP A 93 -15.06 -2.40 -26.42
N ALA A 94 -14.41 -3.51 -26.75
CA ALA A 94 -14.22 -3.89 -28.13
C ALA A 94 -15.56 -3.99 -28.83
N PRO A 95 -15.76 -3.26 -29.95
CA PRO A 95 -16.96 -3.37 -30.76
C PRO A 95 -16.78 -4.40 -31.87
N ASP A 96 -17.91 -4.80 -32.44
CA ASP A 96 -17.89 -5.74 -33.55
C ASP A 96 -18.79 -5.20 -34.64
N LEU A 97 -18.19 -4.85 -35.77
CA LEU A 97 -18.88 -4.39 -36.96
C LEU A 97 -18.91 -5.52 -37.99
N SER A 98 -20.08 -5.77 -38.55
CA SER A 98 -20.26 -6.79 -39.55
C SER A 98 -21.22 -6.28 -40.62
N TYR A 99 -21.12 -6.89 -41.81
CA TYR A 99 -22.01 -6.59 -42.91
C TYR A 99 -22.59 -7.91 -43.41
N ALA A 100 -23.91 -8.00 -43.40
CA ALA A 100 -24.60 -9.18 -43.92
C ALA A 100 -26.05 -8.79 -44.19
N ASP A 101 -26.67 -9.47 -45.15
CA ASP A 101 -28.09 -9.30 -45.43
C ASP A 101 -28.37 -7.86 -45.81
N GLY A 102 -27.42 -7.23 -46.52
CA GLY A 102 -27.58 -5.90 -47.03
C GLY A 102 -27.58 -4.82 -45.94
N LYS A 103 -27.02 -5.08 -44.75
CA LYS A 103 -26.88 -4.00 -43.79
C LYS A 103 -25.72 -4.21 -42.82
N PHE A 104 -25.36 -3.11 -42.13
CA PHE A 104 -24.32 -3.10 -41.11
C PHE A 104 -24.94 -3.51 -39.78
N TRP A 105 -24.20 -4.33 -39.04
CA TRP A 105 -24.57 -4.76 -37.70
C TRP A 105 -23.45 -4.37 -36.75
N LEU A 106 -23.80 -3.70 -35.64
CA LEU A 106 -22.82 -3.29 -34.66
C LEU A 106 -23.18 -3.87 -33.29
N ILE A 107 -22.30 -4.73 -32.79
CA ILE A 107 -22.41 -5.23 -31.42
C ILE A 107 -21.47 -4.40 -30.58
N TYR A 108 -22.00 -3.84 -29.48
CA TYR A 108 -21.18 -3.02 -28.62
C TYR A 108 -21.52 -3.33 -27.18
N THR A 109 -20.56 -3.04 -26.30
CA THR A 109 -20.62 -3.47 -24.91
C THR A 109 -20.44 -2.24 -24.05
N ASP A 110 -21.32 -2.04 -23.08
CA ASP A 110 -21.19 -1.01 -22.06
C ASP A 110 -20.79 -1.68 -20.75
N VAL A 111 -19.52 -1.47 -20.34
CA VAL A 111 -19.00 -2.07 -19.13
C VAL A 111 -19.15 -1.09 -17.96
N LYS A 112 -19.74 -1.56 -16.85
CA LYS A 112 -20.07 -0.73 -15.71
C LYS A 112 -19.11 -0.92 -14.53
N ILE A 113 -18.32 -2.00 -14.54
CA ILE A 113 -17.40 -2.32 -13.46
C ILE A 113 -16.04 -2.66 -14.07
N THR A 114 -14.95 -2.02 -13.59
CA THR A 114 -13.63 -2.22 -14.16
C THR A 114 -12.68 -2.90 -13.18
N GLU A 115 -13.05 -3.04 -11.90
CA GLU A 115 -12.20 -3.69 -10.92
C GLU A 115 -12.99 -4.65 -10.04
N GLY A 116 -12.28 -5.65 -9.52
CA GLY A 116 -12.79 -6.56 -8.52
C GLY A 116 -13.24 -7.86 -9.16
N PRO A 117 -13.99 -8.72 -8.43
CA PRO A 117 -14.39 -10.03 -8.98
C PRO A 117 -15.38 -10.00 -10.14
N PHE A 118 -16.09 -8.88 -10.33
CA PHE A 118 -17.13 -8.79 -11.35
C PHE A 118 -16.76 -7.78 -12.43
N LYS A 119 -17.43 -7.91 -13.58
CA LYS A 119 -17.21 -7.00 -14.69
C LYS A 119 -18.50 -6.76 -15.47
N ASP A 120 -19.57 -6.48 -14.73
CA ASP A 120 -20.94 -6.40 -15.24
C ASP A 120 -20.99 -5.57 -16.52
N MET A 121 -21.53 -6.19 -17.57
CA MET A 121 -21.53 -5.59 -18.89
C MET A 121 -22.86 -5.96 -19.56
N THR A 122 -23.29 -5.11 -20.50
CA THR A 122 -24.38 -5.44 -21.39
C THR A 122 -23.90 -5.29 -22.82
N ASN A 123 -24.19 -6.32 -23.63
CA ASN A 123 -23.96 -6.30 -25.06
C ASN A 123 -25.25 -5.85 -25.78
N TYR A 124 -25.10 -4.90 -26.70
CA TYR A 124 -26.19 -4.34 -27.45
C TYR A 124 -25.98 -4.56 -28.94
N LEU A 125 -27.07 -4.51 -29.70
CA LEU A 125 -27.07 -4.57 -31.17
C LEU A 125 -27.81 -3.35 -31.73
N THR A 126 -27.16 -2.66 -32.68
CA THR A 126 -27.82 -1.71 -33.54
C THR A 126 -27.45 -2.04 -34.99
N THR A 127 -28.24 -1.56 -35.94
CA THR A 127 -28.02 -1.82 -37.36
C THR A 127 -28.26 -0.55 -38.17
N ALA A 128 -27.75 -0.57 -39.40
CA ALA A 128 -27.88 0.56 -40.32
C ALA A 128 -27.73 0.05 -41.75
N THR A 129 -28.49 0.65 -42.67
CA THR A 129 -28.28 0.37 -44.08
C THR A 129 -27.14 1.25 -44.61
N ASP A 130 -26.84 2.39 -43.96
CA ASP A 130 -25.70 3.20 -44.35
C ASP A 130 -24.74 3.34 -43.18
N ILE A 131 -23.45 3.21 -43.48
CA ILE A 131 -22.39 3.25 -42.47
C ILE A 131 -22.42 4.57 -41.68
N ARG A 132 -22.94 5.65 -42.29
CA ARG A 132 -23.03 6.96 -41.65
C ARG A 132 -24.28 7.09 -40.81
N GLY A 133 -25.14 6.08 -40.82
CA GLY A 133 -26.38 6.12 -40.05
C GLY A 133 -27.58 6.44 -40.93
N PRO A 134 -28.80 6.56 -40.38
CA PRO A 134 -29.03 6.43 -38.93
C PRO A 134 -28.95 4.98 -38.44
N TRP A 135 -28.75 4.81 -37.13
CA TRP A 135 -28.66 3.50 -36.50
C TRP A 135 -29.92 3.23 -35.70
N THR A 136 -30.42 2.00 -35.76
CA THR A 136 -31.64 1.62 -35.08
C THR A 136 -31.45 1.63 -33.55
N ASP A 137 -32.55 1.96 -32.85
CA ASP A 137 -32.63 1.87 -31.41
C ASP A 137 -32.08 0.51 -30.98
N PRO A 138 -31.18 0.47 -29.97
CA PRO A 138 -30.46 -0.75 -29.64
C PRO A 138 -31.36 -1.79 -28.97
N ILE A 139 -31.05 -3.05 -29.25
CA ILE A 139 -31.60 -4.21 -28.57
C ILE A 139 -30.55 -4.68 -27.57
N ALA A 140 -30.95 -4.93 -26.33
CA ALA A 140 -30.06 -5.58 -25.37
C ALA A 140 -29.95 -7.06 -25.74
N VAL A 141 -28.73 -7.59 -25.86
CA VAL A 141 -28.54 -8.96 -26.29
C VAL A 141 -28.28 -9.86 -25.08
N ASN A 142 -27.19 -9.61 -24.34
CA ASN A 142 -26.91 -10.40 -23.15
C ASN A 142 -25.78 -9.75 -22.36
N GLY A 143 -25.33 -10.44 -21.31
CA GLY A 143 -24.07 -10.16 -20.62
C GLY A 143 -23.01 -11.20 -20.97
N VAL A 144 -22.73 -12.10 -20.01
CA VAL A 144 -21.94 -13.32 -20.20
C VAL A 144 -20.46 -12.98 -20.23
N GLY A 145 -20.08 -12.12 -21.18
CA GLY A 145 -18.74 -11.62 -21.31
C GLY A 145 -18.67 -10.49 -22.33
N PHE A 146 -17.51 -9.84 -22.36
CA PHE A 146 -17.25 -8.76 -23.29
C PHE A 146 -16.68 -9.38 -24.56
N ASP A 147 -16.25 -8.54 -25.50
CA ASP A 147 -15.71 -8.97 -26.77
C ASP A 147 -16.71 -9.82 -27.54
N ALA A 148 -17.97 -9.40 -27.51
CA ALA A 148 -19.05 -10.08 -28.20
C ALA A 148 -18.98 -9.74 -29.68
N SER A 149 -19.20 -10.76 -30.51
CA SER A 149 -19.00 -10.67 -31.94
C SER A 149 -20.12 -11.45 -32.62
N LEU A 150 -20.72 -10.85 -33.64
CA LEU A 150 -21.83 -11.45 -34.36
C LEU A 150 -21.25 -12.30 -35.50
N PHE A 151 -21.50 -13.61 -35.45
CA PHE A 151 -21.09 -14.48 -36.53
C PHE A 151 -22.30 -14.79 -37.41
N HIS A 152 -22.19 -14.42 -38.69
CA HIS A 152 -23.19 -14.70 -39.69
C HIS A 152 -22.80 -15.94 -40.49
N ASP A 153 -23.41 -17.09 -40.17
CA ASP A 153 -23.15 -18.31 -40.92
C ASP A 153 -23.72 -18.20 -42.33
N GLU A 154 -23.04 -18.79 -43.32
CA GLU A 154 -23.49 -18.76 -44.70
C GLU A 154 -24.87 -19.42 -44.85
N ASN A 155 -25.24 -20.32 -43.94
CA ASN A 155 -26.51 -21.01 -43.99
C ASN A 155 -27.66 -20.18 -43.38
N GLY A 156 -27.39 -18.94 -42.97
CA GLY A 156 -28.44 -18.04 -42.52
C GLY A 156 -28.65 -18.02 -41.00
N ARG A 157 -28.02 -18.96 -40.29
CA ARG A 157 -28.02 -18.94 -38.84
C ARG A 157 -27.07 -17.85 -38.32
N LYS A 158 -27.37 -17.33 -37.14
CA LYS A 158 -26.51 -16.30 -36.58
C LYS A 158 -26.27 -16.60 -35.12
N TYR A 159 -25.07 -16.21 -34.67
CA TYR A 159 -24.58 -16.55 -33.35
C TYR A 159 -23.85 -15.35 -32.76
N LEU A 160 -23.80 -15.34 -31.43
CA LEU A 160 -22.92 -14.46 -30.68
C LEU A 160 -21.75 -15.29 -30.14
N VAL A 161 -20.54 -14.85 -30.42
CA VAL A 161 -19.35 -15.49 -29.89
C VAL A 161 -18.65 -14.48 -29.00
N GLN A 162 -18.24 -14.87 -27.78
CA GLN A 162 -17.75 -13.88 -26.83
C GLN A 162 -16.81 -14.51 -25.80
N GLN A 163 -16.05 -13.63 -25.13
CA GLN A 163 -15.38 -13.94 -23.89
C GLN A 163 -16.42 -14.33 -22.83
N THR A 164 -15.97 -15.08 -21.80
CA THR A 164 -16.85 -15.61 -20.78
C THR A 164 -16.30 -15.27 -19.38
N TRP A 165 -16.94 -14.34 -18.69
CA TRP A 165 -16.44 -13.92 -17.38
C TRP A 165 -16.75 -14.98 -16.31
N ASP A 166 -15.77 -15.28 -15.45
CA ASP A 166 -15.99 -16.13 -14.29
C ASP A 166 -15.50 -15.38 -13.05
N HIS A 167 -16.44 -15.08 -12.15
CA HIS A 167 -16.16 -14.33 -10.93
C HIS A 167 -15.56 -15.22 -9.84
N ARG A 168 -15.58 -16.55 -10.04
CA ARG A 168 -15.20 -17.46 -8.98
C ARG A 168 -13.67 -17.41 -8.84
N GLU A 169 -13.19 -16.97 -7.68
CA GLU A 169 -11.77 -16.66 -7.49
C GLU A 169 -10.89 -17.91 -7.53
N TYR A 170 -11.49 -19.09 -7.35
CA TYR A 170 -10.76 -20.36 -7.38
C TYR A 170 -10.75 -20.95 -8.78
N HIS A 171 -11.28 -20.23 -9.78
CA HIS A 171 -11.12 -20.56 -11.19
C HIS A 171 -10.34 -19.48 -11.92
N HIS A 172 -9.98 -19.75 -13.18
CA HIS A 172 -9.42 -18.70 -14.02
C HIS A 172 -10.58 -17.82 -14.48
N PRO A 173 -10.40 -16.48 -14.54
CA PRO A 173 -11.53 -15.60 -14.86
C PRO A 173 -12.06 -15.61 -16.29
N PHE A 174 -11.29 -16.13 -17.27
CA PHE A 174 -11.73 -16.14 -18.65
C PHE A 174 -12.08 -17.57 -19.06
N ASN A 175 -13.37 -17.89 -19.02
CA ASN A 175 -13.83 -19.26 -19.01
C ASN A 175 -14.18 -19.71 -20.43
N GLY A 176 -13.20 -19.67 -21.32
CA GLY A 176 -13.41 -20.19 -22.67
C GLY A 176 -14.19 -19.19 -23.54
N ILE A 177 -14.48 -19.61 -24.76
CA ILE A 177 -15.19 -18.80 -25.74
C ILE A 177 -16.61 -19.36 -25.86
N THR A 178 -17.61 -18.59 -25.43
CA THR A 178 -18.99 -19.02 -25.47
C THR A 178 -19.56 -18.67 -26.84
N LEU A 179 -20.26 -19.63 -27.44
CA LEU A 179 -21.03 -19.44 -28.65
C LEU A 179 -22.50 -19.74 -28.33
N THR A 180 -23.38 -18.79 -28.67
CA THR A 180 -24.81 -18.91 -28.43
C THR A 180 -25.55 -18.53 -29.70
N GLU A 181 -26.61 -19.27 -30.04
CA GLU A 181 -27.34 -19.02 -31.27
C GLU A 181 -28.47 -18.03 -31.05
N PHE A 182 -28.65 -17.16 -32.06
CA PHE A 182 -29.76 -16.22 -32.14
C PHE A 182 -30.98 -16.89 -32.77
N ASP A 183 -32.16 -16.48 -32.27
CA ASP A 183 -33.40 -16.46 -33.05
C ASP A 183 -33.35 -15.23 -33.96
N THR A 184 -33.23 -15.46 -35.28
CA THR A 184 -32.90 -14.37 -36.19
C THR A 184 -34.13 -13.52 -36.48
N ALA A 185 -35.33 -13.99 -36.13
CA ALA A 185 -36.55 -13.20 -36.29
C ALA A 185 -36.62 -12.04 -35.27
N THR A 186 -36.11 -12.24 -34.04
CA THR A 186 -36.14 -11.24 -32.99
C THR A 186 -34.74 -10.72 -32.64
N MET A 187 -33.71 -11.41 -33.12
CA MET A 187 -32.33 -11.22 -32.68
C MET A 187 -32.23 -11.23 -31.16
N GLN A 188 -32.92 -12.19 -30.52
CA GLN A 188 -32.68 -12.56 -29.14
C GLN A 188 -31.97 -13.91 -29.11
N LEU A 189 -31.02 -14.08 -28.19
CA LEU A 189 -30.31 -15.34 -28.07
C LEU A 189 -31.21 -16.42 -27.48
N LYS A 190 -30.88 -17.68 -27.85
CA LYS A 190 -31.48 -18.87 -27.28
C LYS A 190 -30.48 -19.50 -26.30
N PRO A 191 -30.58 -19.16 -25.00
CA PRO A 191 -29.54 -19.53 -24.04
C PRO A 191 -29.22 -21.02 -23.96
N GLU A 192 -30.19 -21.87 -24.31
CA GLU A 192 -29.99 -23.31 -24.22
C GLU A 192 -28.95 -23.77 -25.24
N THR A 193 -28.59 -22.94 -26.24
CA THR A 193 -27.66 -23.33 -27.29
C THR A 193 -26.22 -22.97 -26.89
N ALA A 194 -26.03 -22.26 -25.78
CA ALA A 194 -24.71 -21.82 -25.34
C ALA A 194 -23.78 -23.02 -25.14
N ARG A 195 -22.56 -22.90 -25.66
CA ARG A 195 -21.51 -23.84 -25.33
C ARG A 195 -20.15 -23.17 -25.49
N ASN A 196 -19.18 -23.75 -24.80
CA ASN A 196 -17.78 -23.40 -24.90
C ASN A 196 -17.20 -24.11 -26.14
N ILE A 197 -16.76 -23.34 -27.14
CA ILE A 197 -16.18 -23.88 -28.36
C ILE A 197 -14.65 -23.99 -28.27
N TYR A 198 -14.02 -23.31 -27.30
CA TYR A 198 -12.56 -23.22 -27.28
C TYR A 198 -12.04 -22.70 -25.95
N ASN A 199 -11.10 -23.45 -25.34
CA ASN A 199 -10.53 -23.08 -24.05
C ASN A 199 -9.24 -22.30 -24.17
N GLY A 200 -8.69 -22.15 -25.37
CA GLY A 200 -7.44 -21.43 -25.51
C GLY A 200 -6.24 -22.30 -25.12
N THR A 201 -5.10 -21.64 -24.90
CA THR A 201 -3.82 -22.26 -24.59
C THR A 201 -3.46 -21.87 -23.16
N ASP A 202 -2.28 -22.30 -22.70
CA ASP A 202 -1.87 -22.04 -21.32
C ASP A 202 -1.67 -20.54 -21.05
N VAL A 203 -1.63 -19.69 -22.08
CA VAL A 203 -1.46 -18.26 -21.87
C VAL A 203 -2.75 -17.64 -21.31
N LYS A 204 -3.89 -18.28 -21.60
CA LYS A 204 -5.18 -17.96 -20.98
C LYS A 204 -5.61 -16.52 -21.29
N LEU A 205 -6.53 -15.98 -20.47
CA LEU A 205 -7.22 -14.74 -20.77
C LEU A 205 -7.77 -14.77 -22.20
N VAL A 206 -8.38 -15.90 -22.60
CA VAL A 206 -8.90 -16.03 -23.94
C VAL A 206 -10.13 -15.12 -24.10
N GLU A 207 -10.07 -14.28 -25.16
CA GLU A 207 -11.05 -13.27 -25.47
C GLU A 207 -10.98 -12.90 -26.95
N GLY A 208 -11.64 -11.80 -27.32
CA GLY A 208 -11.62 -11.26 -28.67
C GLY A 208 -11.98 -12.24 -29.77
N PRO A 209 -12.97 -13.14 -29.59
CA PRO A 209 -13.21 -14.21 -30.56
C PRO A 209 -13.87 -13.66 -31.83
N HIS A 210 -13.39 -14.11 -32.99
CA HIS A 210 -14.08 -13.91 -34.25
C HIS A 210 -14.08 -15.24 -35.03
N LEU A 211 -15.22 -15.57 -35.63
CA LEU A 211 -15.36 -16.78 -36.43
C LEU A 211 -15.39 -16.41 -37.91
N TYR A 212 -14.74 -17.22 -38.75
CA TYR A 212 -14.74 -17.02 -40.21
C TYR A 212 -14.93 -18.38 -40.88
N GLN A 213 -15.77 -18.44 -41.92
CA GLN A 213 -15.90 -19.65 -42.73
C GLN A 213 -14.98 -19.52 -43.92
N ILE A 214 -13.97 -20.38 -43.99
CA ILE A 214 -12.95 -20.31 -45.02
C ILE A 214 -12.58 -21.75 -45.41
N SER A 215 -12.70 -22.03 -46.71
CA SER A 215 -12.27 -23.30 -47.32
C SER A 215 -12.84 -24.51 -46.57
N GLY A 216 -14.12 -24.45 -46.21
CA GLY A 216 -14.78 -25.59 -45.58
C GLY A 216 -14.53 -25.70 -44.07
N TYR A 217 -13.82 -24.75 -43.45
CA TYR A 217 -13.59 -24.83 -42.01
C TYR A 217 -14.16 -23.58 -41.38
N TYR A 218 -14.52 -23.71 -40.09
CA TYR A 218 -14.68 -22.54 -39.23
C TYR A 218 -13.33 -22.22 -38.61
N TYR A 219 -12.82 -21.02 -38.86
CA TYR A 219 -11.62 -20.52 -38.18
C TYR A 219 -12.03 -19.59 -37.06
N LEU A 220 -11.42 -19.81 -35.89
CA LEU A 220 -11.58 -18.96 -34.72
C LEU A 220 -10.27 -18.22 -34.45
N PHE A 221 -10.34 -16.89 -34.47
CA PHE A 221 -9.28 -16.04 -33.99
C PHE A 221 -9.65 -15.61 -32.57
N ALA A 222 -8.69 -15.63 -31.65
CA ALA A 222 -8.93 -15.19 -30.28
C ALA A 222 -7.67 -14.51 -29.77
N ALA A 223 -7.88 -13.46 -28.96
CA ALA A 223 -6.81 -12.80 -28.23
C ALA A 223 -6.54 -13.56 -26.95
N GLU A 224 -5.30 -13.49 -26.45
CA GLU A 224 -4.92 -14.14 -25.19
C GLU A 224 -3.85 -13.30 -24.50
N GLY A 225 -3.68 -13.58 -23.20
CA GLY A 225 -2.55 -13.03 -22.45
C GLY A 225 -2.82 -11.65 -21.86
N GLY A 226 -4.00 -11.05 -22.10
CA GLY A 226 -4.27 -9.68 -21.64
C GLY A 226 -3.67 -8.66 -22.61
N THR A 227 -4.17 -7.40 -22.57
CA THR A 227 -3.88 -6.41 -23.61
C THR A 227 -2.62 -5.60 -23.30
N VAL A 228 -1.70 -6.15 -22.49
CA VAL A 228 -0.42 -5.51 -22.20
C VAL A 228 0.66 -6.26 -22.98
N PHE A 229 1.90 -6.39 -22.48
CA PHE A 229 3.00 -6.84 -23.33
C PHE A 229 2.95 -8.35 -23.63
N THR A 230 2.16 -9.10 -22.87
CA THR A 230 1.98 -10.53 -23.05
C THR A 230 0.81 -10.85 -23.97
N HIS A 231 0.19 -9.82 -24.56
CA HIS A 231 -0.88 -9.99 -25.52
C HIS A 231 -0.42 -10.88 -26.69
N GLN A 232 -1.36 -11.67 -27.20
CA GLN A 232 -1.15 -12.42 -28.44
C GLN A 232 -2.50 -12.73 -29.09
N GLU A 233 -2.47 -13.13 -30.36
CA GLU A 233 -3.63 -13.69 -31.03
C GLU A 233 -3.31 -15.13 -31.40
N VAL A 234 -4.26 -16.03 -31.18
CA VAL A 234 -4.13 -17.42 -31.59
C VAL A 234 -5.27 -17.73 -32.55
N VAL A 235 -5.10 -18.82 -33.28
CA VAL A 235 -6.03 -19.29 -34.29
C VAL A 235 -6.32 -20.75 -34.03
N ALA A 236 -7.58 -21.15 -34.23
CA ALA A 236 -8.05 -22.50 -34.07
C ALA A 236 -9.02 -22.80 -35.21
N ARG A 237 -9.32 -24.07 -35.47
CA ARG A 237 -10.28 -24.38 -36.52
C ARG A 237 -11.06 -25.64 -36.19
N SER A 238 -12.24 -25.75 -36.82
CA SER A 238 -13.11 -26.91 -36.67
C SER A 238 -13.98 -27.01 -37.92
N LYS A 239 -14.41 -28.21 -38.24
CA LYS A 239 -15.40 -28.43 -39.28
C LYS A 239 -16.79 -28.10 -38.75
N THR A 240 -16.93 -27.96 -37.42
CA THR A 240 -18.25 -27.71 -36.82
C THR A 240 -18.16 -26.56 -35.81
N LEU A 241 -19.33 -26.25 -35.23
CA LEU A 241 -19.48 -25.30 -34.14
C LEU A 241 -19.79 -26.06 -32.85
N ASP A 242 -19.29 -27.28 -32.74
CA ASP A 242 -19.53 -28.12 -31.59
C ASP A 242 -18.70 -27.66 -30.39
N GLU A 243 -19.22 -27.97 -29.20
CA GLU A 243 -18.52 -27.81 -27.93
C GLU A 243 -17.09 -28.33 -28.01
N LEU A 244 -16.13 -27.50 -27.58
CA LEU A 244 -14.71 -27.80 -27.52
C LEU A 244 -14.23 -28.57 -28.75
N SER A 245 -14.63 -28.14 -29.94
CA SER A 245 -14.24 -28.84 -31.17
C SER A 245 -13.05 -28.15 -31.85
N PHE A 246 -12.65 -26.96 -31.36
CA PHE A 246 -11.66 -26.18 -32.08
C PHE A 246 -10.25 -26.64 -31.70
N GLU A 247 -9.41 -26.84 -32.73
CA GLU A 247 -8.04 -27.25 -32.57
C GLU A 247 -7.09 -26.08 -32.87
N SER A 248 -6.08 -25.90 -32.01
CA SER A 248 -5.17 -24.78 -32.06
C SER A 248 -4.20 -24.93 -33.22
N GLU A 249 -3.90 -23.78 -33.87
CA GLU A 249 -2.86 -23.70 -34.88
C GLU A 249 -1.55 -24.22 -34.31
N PRO A 250 -0.83 -25.12 -35.01
CA PRO A 250 0.50 -25.54 -34.57
C PRO A 250 1.50 -24.41 -34.79
N ASP A 251 2.54 -24.40 -33.96
CA ASP A 251 3.62 -23.43 -34.09
C ASP A 251 3.07 -22.01 -33.99
N GLY A 252 2.22 -21.80 -32.99
CA GLY A 252 1.62 -20.51 -32.73
C GLY A 252 2.55 -19.66 -31.88
N PRO A 253 2.16 -18.44 -31.49
CA PRO A 253 0.84 -17.89 -31.83
C PRO A 253 0.83 -17.27 -33.23
N PHE A 254 -0.32 -16.73 -33.62
CA PHE A 254 -0.47 -16.06 -34.89
C PHE A 254 0.25 -14.70 -34.86
N ILE A 255 -0.01 -13.90 -33.81
CA ILE A 255 0.70 -12.63 -33.65
C ILE A 255 1.00 -12.40 -32.17
N THR A 256 2.21 -11.89 -31.89
CA THR A 256 2.59 -11.40 -30.56
C THR A 256 3.87 -10.59 -30.68
N ASN A 257 4.02 -9.60 -29.77
CA ASN A 257 5.28 -8.90 -29.57
C ASN A 257 5.83 -9.17 -28.17
N MET A 258 5.26 -10.15 -27.47
CA MET A 258 5.77 -10.53 -26.15
C MET A 258 7.26 -10.84 -26.24
N ASP A 259 7.65 -11.57 -27.30
CA ASP A 259 9.00 -12.10 -27.43
C ASP A 259 9.78 -11.30 -28.47
N THR A 260 9.35 -10.07 -28.76
CA THR A 260 10.13 -9.14 -29.59
C THR A 260 10.29 -7.84 -28.80
N PRO A 261 11.03 -7.83 -27.67
CA PRO A 261 10.99 -6.72 -26.73
C PRO A 261 11.59 -5.41 -27.22
N ASP A 262 12.40 -5.46 -28.28
CA ASP A 262 13.01 -4.24 -28.81
C ASP A 262 12.28 -3.72 -30.06
N PHE A 263 11.24 -4.42 -30.52
CA PHE A 263 10.57 -4.04 -31.75
C PHE A 263 9.73 -2.76 -31.58
N TYR A 264 9.64 -1.97 -32.65
CA TYR A 264 8.93 -0.71 -32.67
C TYR A 264 7.46 -0.91 -32.31
N LEU A 265 6.89 -2.07 -32.69
CA LEU A 265 5.48 -2.36 -32.38
C LEU A 265 5.41 -3.29 -31.18
N GLN A 266 4.44 -3.05 -30.31
CA GLN A 266 4.22 -3.86 -29.12
C GLN A 266 2.72 -4.10 -28.92
N LYS A 267 2.40 -5.12 -28.14
CA LYS A 267 1.06 -5.41 -27.63
C LYS A 267 0.11 -5.83 -28.75
N GLN A 268 0.64 -6.31 -29.89
CA GLN A 268 -0.25 -6.72 -30.95
C GLN A 268 -0.95 -8.00 -30.54
N GLY A 269 -2.18 -8.16 -31.05
CA GLY A 269 -3.01 -9.30 -30.68
C GLY A 269 -4.44 -9.08 -31.18
N HIS A 270 -5.33 -8.69 -30.26
CA HIS A 270 -6.75 -8.52 -30.48
C HIS A 270 -6.96 -7.76 -31.79
N GLY A 271 -7.75 -8.33 -32.70
CA GLY A 271 -7.91 -7.76 -34.02
C GLY A 271 -8.84 -8.60 -34.89
N ALA A 272 -8.79 -8.38 -36.20
CA ALA A 272 -9.76 -8.94 -37.11
C ALA A 272 -9.11 -9.18 -38.48
N LEU A 273 -9.54 -10.28 -39.11
CA LEU A 273 -9.06 -10.72 -40.41
C LEU A 273 -10.03 -10.24 -41.49
N THR A 274 -9.47 -9.77 -42.61
CA THR A 274 -10.26 -9.42 -43.78
C THR A 274 -9.55 -9.95 -45.02
N SER A 275 -10.37 -10.29 -46.02
CA SER A 275 -9.90 -10.57 -47.37
C SER A 275 -9.96 -9.28 -48.18
N THR A 276 -9.24 -9.25 -49.30
CA THR A 276 -9.36 -8.19 -50.29
C THR A 276 -10.17 -8.73 -51.46
N PRO A 277 -10.65 -7.89 -52.41
CA PRO A 277 -11.43 -8.39 -53.54
C PRO A 277 -10.69 -9.44 -54.37
N SER A 278 -9.35 -9.43 -54.38
CA SER A 278 -8.53 -10.34 -55.18
C SER A 278 -8.09 -11.58 -54.42
N GLY A 279 -8.46 -11.70 -53.15
CA GLY A 279 -8.14 -12.89 -52.38
C GLY A 279 -6.79 -12.79 -51.66
N GLU A 280 -6.30 -11.58 -51.42
CA GLU A 280 -5.26 -11.37 -50.42
C GLU A 280 -5.92 -11.28 -49.04
N TRP A 281 -5.08 -11.34 -48.00
CA TRP A 281 -5.54 -11.41 -46.61
C TRP A 281 -4.75 -10.44 -45.73
N TYR A 282 -5.47 -9.67 -44.91
CA TYR A 282 -4.89 -8.70 -43.99
C TYR A 282 -5.54 -8.84 -42.60
N TYR A 283 -4.79 -8.43 -41.58
CA TYR A 283 -5.22 -8.49 -40.18
C TYR A 283 -4.97 -7.15 -39.53
N ALA A 284 -6.04 -6.52 -39.02
CA ALA A 284 -5.88 -5.32 -38.21
C ALA A 284 -5.74 -5.75 -36.74
N SER A 285 -4.75 -5.15 -36.05
CA SER A 285 -4.42 -5.46 -34.67
C SER A 285 -4.39 -4.17 -33.87
N LEU A 286 -4.71 -4.23 -32.56
CA LEU A 286 -4.31 -3.10 -31.73
C LEU A 286 -2.81 -3.19 -31.56
N VAL A 287 -2.19 -2.04 -31.23
CA VAL A 287 -0.74 -1.95 -31.13
C VAL A 287 -0.39 -0.75 -30.27
N SER A 288 0.80 -0.79 -29.64
CA SER A 288 1.31 0.37 -28.94
C SER A 288 2.77 0.59 -29.31
N ARG A 289 3.24 1.82 -29.07
CA ARG A 289 4.62 2.25 -29.21
C ARG A 289 5.08 2.84 -27.88
N PRO A 290 5.35 2.00 -26.86
CA PRO A 290 5.65 2.48 -25.51
C PRO A 290 7.08 3.02 -25.51
N TRP A 291 7.31 4.15 -24.84
CA TRP A 291 8.63 4.73 -24.78
C TRP A 291 9.18 4.63 -23.36
N ASN A 292 10.49 4.89 -23.18
CA ASN A 292 11.13 4.86 -21.89
C ASN A 292 11.64 6.25 -21.52
N HIS A 293 11.60 6.56 -20.22
CA HIS A 293 12.44 7.61 -19.65
C HIS A 293 13.90 7.22 -19.84
N THR A 294 14.77 8.24 -19.80
CA THR A 294 16.18 8.08 -20.11
C THR A 294 16.86 7.07 -19.18
N ASN A 295 16.49 7.02 -17.89
CA ASN A 295 17.25 6.18 -16.96
C ASN A 295 16.72 4.76 -16.83
N GLU A 296 15.62 4.42 -17.51
CA GLU A 296 14.95 3.14 -17.29
C GLU A 296 15.60 2.03 -18.13
N SER A 297 15.57 0.79 -17.63
CA SER A 297 15.87 -0.37 -18.46
C SER A 297 14.86 -0.47 -19.60
N SER A 298 15.32 -0.71 -20.83
CA SER A 298 14.42 -0.83 -21.96
C SER A 298 13.47 -2.02 -21.80
N HIS A 299 13.79 -3.00 -20.95
CA HIS A 299 12.96 -4.18 -20.80
C HIS A 299 12.19 -4.24 -19.48
N ASP A 300 12.35 -3.24 -18.60
CA ASP A 300 11.57 -3.22 -17.37
C ASP A 300 11.65 -1.85 -16.72
N PRO A 301 10.65 -0.95 -16.87
CA PRO A 301 9.42 -1.25 -17.58
C PRO A 301 9.64 -1.27 -19.09
N ARG A 302 8.84 -2.06 -19.81
CA ARG A 302 8.95 -2.09 -21.26
C ARG A 302 8.55 -0.75 -21.87
N GLY A 303 7.70 0.02 -21.15
CA GLY A 303 7.57 1.44 -21.44
C GLY A 303 6.17 2.00 -21.16
N TRP A 304 5.95 3.23 -21.63
CA TRP A 304 4.77 4.00 -21.33
C TRP A 304 4.06 4.37 -22.63
N SER A 305 2.76 4.00 -22.70
CA SER A 305 1.97 4.21 -23.88
C SER A 305 1.07 5.45 -23.73
N THR A 306 1.59 6.63 -24.05
CA THR A 306 0.78 7.85 -24.01
C THR A 306 -0.23 7.89 -25.16
N LEU A 307 0.15 7.32 -26.30
CA LEU A 307 -0.76 7.23 -27.45
C LEU A 307 -1.66 6.01 -27.32
N GLY A 308 -1.52 5.26 -26.22
CA GLY A 308 -2.45 4.20 -25.89
C GLY A 308 -2.33 3.04 -26.90
N ARG A 309 -3.47 2.37 -27.11
CA ARG A 309 -3.59 1.30 -28.08
C ARG A 309 -4.10 1.91 -29.38
N GLU A 310 -3.24 1.82 -30.41
CA GLU A 310 -3.45 2.31 -31.75
C GLU A 310 -3.84 1.12 -32.62
N THR A 311 -3.98 1.31 -33.94
CA THR A 311 -4.28 0.21 -34.84
C THR A 311 -3.15 0.02 -35.85
N SER A 312 -2.72 -1.23 -36.03
CA SER A 312 -1.81 -1.64 -37.09
C SER A 312 -2.52 -2.60 -38.05
N ILE A 313 -1.95 -2.78 -39.24
CA ILE A 313 -2.43 -3.75 -40.22
C ILE A 313 -1.26 -4.57 -40.70
N GLN A 314 -1.44 -5.89 -40.66
CA GLN A 314 -0.43 -6.85 -41.08
C GLN A 314 -0.99 -7.67 -42.22
N LYS A 315 -0.09 -8.15 -43.10
CA LYS A 315 -0.47 -9.00 -44.20
C LYS A 315 -0.43 -10.45 -43.74
N VAL A 316 -1.34 -11.26 -44.30
CA VAL A 316 -1.48 -12.65 -43.93
C VAL A 316 -1.32 -13.53 -45.16
N GLU A 317 -0.61 -14.67 -45.00
CA GLU A 317 -0.59 -15.73 -45.99
C GLU A 317 -0.90 -17.06 -45.32
N TRP A 318 -1.34 -18.02 -46.13
CA TRP A 318 -1.74 -19.33 -45.65
C TRP A 318 -0.64 -20.34 -45.96
N ASP A 319 -0.28 -21.15 -44.97
CA ASP A 319 0.73 -22.17 -45.12
C ASP A 319 0.07 -23.39 -45.77
N ASP A 320 0.86 -24.44 -46.04
CA ASP A 320 0.40 -25.58 -46.84
C ASP A 320 -0.70 -26.35 -46.12
N ALA A 321 -0.69 -26.30 -44.78
CA ALA A 321 -1.65 -27.03 -43.98
C ALA A 321 -2.91 -26.20 -43.74
N GLY A 322 -3.02 -25.02 -44.35
CA GLY A 322 -4.25 -24.25 -44.28
C GLY A 322 -4.32 -23.36 -43.03
N TRP A 323 -3.15 -23.00 -42.49
CA TRP A 323 -3.08 -22.15 -41.31
C TRP A 323 -2.61 -20.76 -41.71
N PRO A 324 -3.23 -19.70 -41.17
CA PRO A 324 -2.82 -18.32 -41.48
C PRO A 324 -1.60 -17.90 -40.67
N ARG A 325 -0.67 -17.21 -41.35
CA ARG A 325 0.58 -16.74 -40.77
C ARG A 325 0.80 -15.29 -41.17
N VAL A 326 1.30 -14.49 -40.23
CA VAL A 326 1.62 -13.10 -40.49
C VAL A 326 2.90 -13.03 -41.34
N VAL A 327 2.85 -12.20 -42.38
CA VAL A 327 4.00 -11.96 -43.24
C VAL A 327 5.04 -11.18 -42.43
N GLY A 328 6.28 -11.69 -42.43
CA GLY A 328 7.37 -11.06 -41.69
C GLY A 328 7.57 -11.74 -40.35
N GLY A 329 6.82 -12.82 -40.06
CA GLY A 329 6.92 -13.50 -38.77
C GLY A 329 5.89 -12.97 -37.76
N HIS A 330 5.78 -13.66 -36.63
CA HIS A 330 4.67 -13.46 -35.70
C HIS A 330 4.69 -12.09 -35.01
N GLY A 331 5.79 -11.32 -35.15
CA GLY A 331 5.84 -9.98 -34.57
C GLY A 331 5.28 -8.93 -35.52
N GLY A 332 5.07 -9.30 -36.79
CA GLY A 332 4.56 -8.37 -37.78
C GLY A 332 5.68 -7.48 -38.33
N GLN A 333 5.26 -6.50 -39.16
CA GLN A 333 6.18 -5.56 -39.81
C GLN A 333 5.70 -4.15 -39.58
N VAL A 334 6.66 -3.21 -39.64
CA VAL A 334 6.36 -1.79 -39.52
C VAL A 334 5.70 -1.31 -40.82
N GLU A 335 6.29 -1.74 -41.93
CA GLU A 335 5.79 -1.38 -43.25
C GLU A 335 5.28 -2.62 -43.96
N VAL A 336 4.12 -2.49 -44.59
CA VAL A 336 3.43 -3.64 -45.17
C VAL A 336 2.93 -3.27 -46.57
N ASP A 337 3.07 -4.21 -47.51
CA ASP A 337 2.55 -4.04 -48.86
C ASP A 337 1.03 -3.89 -48.84
N ALA A 338 0.55 -2.84 -49.48
CA ALA A 338 -0.87 -2.59 -49.64
C ALA A 338 -1.47 -3.61 -50.60
N PRO A 339 -2.81 -3.79 -50.61
CA PRO A 339 -3.45 -4.74 -51.52
C PRO A 339 -3.09 -4.44 -52.98
N LYS A 340 -2.94 -5.49 -53.80
CA LYS A 340 -2.68 -5.34 -55.22
C LYS A 340 -3.77 -4.54 -55.91
N ASP A 341 -5.01 -4.74 -55.49
CA ASP A 341 -6.16 -4.07 -56.09
C ASP A 341 -6.53 -2.80 -55.32
N ALA A 342 -5.60 -2.28 -54.50
CA ALA A 342 -5.84 -1.06 -53.75
C ALA A 342 -6.39 0.04 -54.65
N ILE A 343 -7.43 0.73 -54.18
CA ILE A 343 -7.93 1.93 -54.84
C ILE A 343 -7.50 3.12 -53.97
N GLU A 344 -6.77 4.08 -54.55
CA GLU A 344 -6.16 5.15 -53.78
C GLU A 344 -7.22 5.93 -53.00
N THR A 345 -6.95 6.15 -51.71
CA THR A 345 -7.82 6.94 -50.86
C THR A 345 -7.05 8.20 -50.46
N THR A 346 -7.66 9.37 -50.61
CA THR A 346 -7.01 10.58 -50.17
C THR A 346 -7.40 10.81 -48.72
N ALA A 347 -6.42 11.15 -47.90
CA ALA A 347 -6.66 11.53 -46.51
C ALA A 347 -5.79 12.71 -46.15
N PRO A 348 -6.13 13.47 -45.08
CA PRO A 348 -5.24 14.53 -44.58
C PRO A 348 -3.82 14.00 -44.39
N LYS A 349 -2.83 14.87 -44.50
CA LYS A 349 -1.42 14.45 -44.45
C LYS A 349 -1.06 13.96 -43.04
N ASP A 350 -1.72 14.53 -42.02
CA ASP A 350 -1.50 14.17 -40.62
C ASP A 350 -2.81 14.43 -39.86
N HIS A 351 -2.76 14.38 -38.52
CA HIS A 351 -3.96 14.57 -37.72
C HIS A 351 -4.00 15.95 -37.06
N SER A 352 -3.25 16.92 -37.58
CA SER A 352 -3.35 18.31 -37.12
C SER A 352 -4.79 18.81 -37.24
N GLN A 353 -5.16 19.78 -36.41
CA GLN A 353 -6.52 20.26 -36.36
C GLN A 353 -6.49 21.77 -36.13
N HIS A 354 -7.20 22.51 -37.00
CA HIS A 354 -7.23 23.96 -36.92
C HIS A 354 -8.70 24.37 -36.87
N ASP A 355 -9.19 24.66 -35.68
CA ASP A 355 -10.62 24.83 -35.49
C ASP A 355 -10.92 26.27 -35.10
N ASP A 356 -11.69 26.98 -35.95
CA ASP A 356 -12.13 28.35 -35.70
C ASP A 356 -13.50 28.39 -35.05
N PHE A 357 -14.15 27.23 -34.87
CA PHE A 357 -15.47 27.13 -34.27
C PHE A 357 -16.47 27.92 -35.11
N ASP A 358 -16.27 27.85 -36.43
CA ASP A 358 -17.08 28.57 -37.40
C ASP A 358 -18.36 27.79 -37.70
N GLN A 359 -18.36 26.48 -37.42
CA GLN A 359 -19.48 25.60 -37.73
C GLN A 359 -20.40 25.45 -36.52
N PRO A 360 -21.71 25.24 -36.72
CA PRO A 360 -22.64 25.05 -35.60
C PRO A 360 -22.59 23.70 -34.88
N THR A 361 -21.79 22.74 -35.39
CA THR A 361 -21.59 21.45 -34.76
C THR A 361 -20.08 21.22 -34.59
N LEU A 362 -19.71 20.38 -33.62
CA LEU A 362 -18.30 20.13 -33.31
C LEU A 362 -17.65 19.33 -34.44
N ASP A 363 -16.42 19.67 -34.79
CA ASP A 363 -15.54 18.81 -35.58
C ASP A 363 -15.59 17.40 -34.99
N LEU A 364 -15.61 16.38 -35.87
CA LEU A 364 -15.72 14.97 -35.50
C LEU A 364 -14.60 14.51 -34.57
N ASN A 365 -13.42 15.14 -34.65
CA ASN A 365 -12.27 14.73 -33.86
C ASN A 365 -12.45 15.07 -32.37
N TRP A 366 -13.37 15.98 -32.04
CA TRP A 366 -13.70 16.30 -30.67
C TRP A 366 -14.54 15.20 -30.05
N ASN A 367 -14.26 14.86 -28.77
CA ASN A 367 -15.11 13.99 -27.98
C ASN A 367 -15.49 14.69 -26.67
N THR A 368 -16.58 14.23 -26.04
CA THR A 368 -16.94 14.62 -24.69
C THR A 368 -16.76 13.44 -23.75
N LEU A 369 -16.76 13.69 -22.46
CA LEU A 369 -16.74 12.62 -21.48
C LEU A 369 -18.17 12.15 -21.24
N ARG A 370 -18.45 10.90 -21.66
CA ARG A 370 -19.57 10.09 -21.20
C ARG A 370 -20.91 10.47 -21.84
N GLN A 371 -21.11 11.77 -22.09
CA GLN A 371 -22.42 12.33 -22.42
C GLN A 371 -22.31 13.22 -23.64
N PRO A 372 -23.40 13.39 -24.43
CA PRO A 372 -23.37 14.28 -25.59
C PRO A 372 -23.12 15.75 -25.25
N PHE A 373 -22.60 16.50 -26.22
CA PHE A 373 -22.46 17.93 -26.10
C PHE A 373 -23.83 18.57 -26.21
N THR A 374 -24.47 18.89 -25.08
CA THR A 374 -25.80 19.49 -25.08
C THR A 374 -25.67 20.97 -24.73
N ALA A 375 -26.80 21.67 -24.75
CA ALA A 375 -26.86 23.09 -24.42
C ALA A 375 -26.39 23.33 -22.98
N GLN A 376 -26.53 22.31 -22.12
CA GLN A 376 -26.11 22.37 -20.73
C GLN A 376 -24.58 22.47 -20.63
N MET A 377 -23.85 21.86 -21.57
CA MET A 377 -22.40 21.96 -21.58
C MET A 377 -21.95 23.26 -22.26
N GLY A 378 -22.74 23.75 -23.21
CA GLY A 378 -22.40 24.96 -23.94
C GLY A 378 -22.85 24.88 -25.40
N SER A 379 -22.13 25.60 -26.28
CA SER A 379 -22.53 25.81 -27.66
CA SER A 379 -22.53 25.83 -27.67
C SER A 379 -21.30 26.09 -28.53
N VAL A 380 -21.45 25.89 -29.83
CA VAL A 380 -20.40 26.18 -30.77
C VAL A 380 -21.03 26.81 -32.02
N GLY A 381 -20.32 27.76 -32.64
CA GLY A 381 -20.79 28.39 -33.87
C GLY A 381 -20.39 29.87 -33.89
N ASN A 382 -20.39 30.44 -35.10
CA ASN A 382 -20.08 31.85 -35.31
C ASN A 382 -18.71 32.22 -34.76
N GLY A 383 -17.75 31.28 -34.76
CA GLY A 383 -16.37 31.62 -34.45
C GLY A 383 -16.00 31.41 -32.99
N GLU A 384 -16.93 30.90 -32.16
CA GLU A 384 -16.68 30.75 -30.73
C GLU A 384 -17.23 29.43 -30.20
N LEU A 385 -16.45 28.83 -29.27
CA LEU A 385 -16.91 27.75 -28.41
C LEU A 385 -17.22 28.37 -27.06
N LYS A 386 -18.44 28.12 -26.56
CA LYS A 386 -18.82 28.48 -25.21
C LYS A 386 -18.96 27.21 -24.39
N LEU A 387 -18.23 27.13 -23.29
CA LEU A 387 -18.41 26.04 -22.33
C LEU A 387 -18.95 26.63 -21.04
N ILE A 388 -20.05 26.05 -20.58
CA ILE A 388 -20.67 26.43 -19.32
C ILE A 388 -20.01 25.60 -18.21
N GLY A 389 -19.35 26.29 -17.27
CA GLY A 389 -18.71 25.63 -16.15
C GLY A 389 -19.68 24.74 -15.39
N GLN A 390 -19.37 23.44 -15.32
CA GLN A 390 -20.09 22.49 -14.48
C GLN A 390 -19.09 21.78 -13.58
N GLN A 391 -19.08 20.43 -13.56
CA GLN A 391 -18.25 19.70 -12.64
C GLN A 391 -16.82 19.62 -13.16
N THR A 392 -15.88 19.32 -12.26
CA THR A 392 -14.46 19.27 -12.58
C THR A 392 -14.14 17.98 -13.34
N MET A 393 -12.93 17.93 -13.91
CA MET A 393 -12.43 16.75 -14.60
C MET A 393 -12.31 15.55 -13.67
N SER A 394 -12.45 15.77 -12.35
CA SER A 394 -12.44 14.68 -11.39
C SER A 394 -13.79 13.94 -11.32
N SER A 395 -14.83 14.44 -12.02
CA SER A 395 -16.18 13.90 -11.94
C SER A 395 -16.50 12.93 -13.09
N ASN A 396 -17.36 11.96 -12.80
CA ASN A 396 -17.95 11.10 -13.82
C ASN A 396 -19.32 11.61 -14.28
N PHE A 397 -19.64 12.88 -13.96
CA PHE A 397 -20.94 13.46 -14.24
C PHE A 397 -20.82 14.91 -14.70
N ASP A 398 -21.46 15.24 -15.83
CA ASP A 398 -21.68 16.61 -16.25
C ASP A 398 -20.39 17.43 -16.25
N VAL A 399 -19.44 17.03 -17.12
CA VAL A 399 -18.20 17.76 -17.27
C VAL A 399 -18.23 18.48 -18.61
N SER A 400 -18.13 19.83 -18.57
CA SER A 400 -18.11 20.64 -19.78
C SER A 400 -16.69 20.66 -20.31
N LEU A 401 -16.42 19.68 -21.18
CA LEU A 401 -15.08 19.44 -21.70
C LEU A 401 -15.20 18.89 -23.11
N ILE A 402 -14.37 19.39 -24.04
CA ILE A 402 -14.19 18.73 -25.32
C ILE A 402 -12.69 18.46 -25.48
N ALA A 403 -12.36 17.30 -26.04
CA ALA A 403 -10.96 16.91 -26.18
C ALA A 403 -10.77 16.00 -27.37
N ARG A 404 -9.53 15.96 -27.86
CA ARG A 404 -9.16 15.15 -29.00
C ARG A 404 -7.88 14.40 -28.67
N ARG A 405 -7.67 13.25 -29.32
CA ARG A 405 -6.58 12.37 -28.97
C ARG A 405 -5.22 13.00 -29.24
N TRP A 406 -4.23 12.69 -28.39
CA TRP A 406 -2.84 12.80 -28.80
C TRP A 406 -2.62 11.81 -29.95
N GLN A 407 -2.19 12.27 -31.12
CA GLN A 407 -1.98 11.37 -32.27
C GLN A 407 -0.55 11.47 -32.84
N ALA A 408 0.31 12.25 -32.17
CA ALA A 408 1.73 12.34 -32.45
C ALA A 408 2.47 12.45 -31.14
N PHE A 409 3.76 12.07 -31.10
CA PHE A 409 4.53 12.15 -29.86
C PHE A 409 4.88 13.60 -29.52
N ASN A 410 5.05 14.41 -30.57
CA ASN A 410 5.42 15.81 -30.46
C ASN A 410 4.36 16.66 -31.12
N PHE A 411 3.85 17.67 -30.40
CA PHE A 411 2.85 18.57 -30.94
C PHE A 411 2.76 19.82 -30.05
N ASP A 412 2.21 20.87 -30.66
CA ASP A 412 1.82 22.09 -29.97
C ASP A 412 0.30 22.21 -30.08
N ALA A 413 -0.37 22.55 -28.97
CA ALA A 413 -1.78 22.92 -29.01
C ALA A 413 -1.96 24.29 -28.36
N GLU A 414 -2.93 25.06 -28.86
CA GLU A 414 -3.10 26.44 -28.48
C GLU A 414 -4.59 26.81 -28.52
N THR A 415 -4.98 27.71 -27.61
CA THR A 415 -6.31 28.28 -27.64
C THR A 415 -6.22 29.72 -27.14
N LYS A 416 -7.33 30.42 -27.33
CA LYS A 416 -7.51 31.77 -26.82
C LYS A 416 -8.86 31.80 -26.10
N VAL A 417 -8.86 32.19 -24.82
CA VAL A 417 -10.03 32.00 -23.97
C VAL A 417 -10.27 33.23 -23.11
N LYS A 418 -11.56 33.54 -22.91
CA LYS A 418 -12.04 34.57 -22.03
C LYS A 418 -12.91 33.93 -20.96
N PHE A 419 -12.74 34.34 -19.71
CA PHE A 419 -13.42 33.73 -18.58
C PHE A 419 -13.34 34.74 -17.44
N ASP A 420 -14.45 34.97 -16.74
CA ASP A 420 -14.51 36.03 -15.73
C ASP A 420 -14.86 35.43 -14.35
N PRO A 421 -13.94 34.69 -13.70
CA PRO A 421 -14.31 34.02 -12.45
C PRO A 421 -14.32 35.01 -11.30
N PHE A 422 -15.24 34.79 -10.34
CA PHE A 422 -15.28 35.57 -9.11
C PHE A 422 -15.00 34.70 -7.88
N THR A 423 -14.74 33.40 -8.09
CA THR A 423 -14.39 32.50 -7.00
C THR A 423 -13.36 31.48 -7.51
N TYR A 424 -12.59 30.92 -6.59
CA TYR A 424 -11.53 29.96 -6.89
C TYR A 424 -12.15 28.65 -7.33
N GLN A 425 -13.48 28.50 -7.18
CA GLN A 425 -14.16 27.28 -7.60
C GLN A 425 -14.51 27.32 -9.09
N GLN A 426 -14.11 28.40 -9.78
CA GLN A 426 -14.31 28.54 -11.21
C GLN A 426 -12.95 28.49 -11.90
N MET A 427 -12.82 27.58 -12.88
CA MET A 427 -11.55 27.34 -13.56
C MET A 427 -11.83 27.01 -15.03
N ALA A 428 -11.03 27.53 -15.96
CA ALA A 428 -11.20 27.23 -17.37
C ALA A 428 -9.88 27.38 -18.13
N GLY A 429 -9.61 26.43 -19.03
CA GLY A 429 -8.40 26.50 -19.82
C GLY A 429 -8.15 25.27 -20.67
N LEU A 430 -6.85 24.98 -20.84
CA LEU A 430 -6.36 24.06 -21.83
C LEU A 430 -5.78 22.87 -21.06
N ALA A 431 -6.30 21.67 -21.34
CA ALA A 431 -6.00 20.50 -20.52
C ALA A 431 -5.42 19.34 -21.35
N ASN A 432 -4.62 18.51 -20.66
CA ASN A 432 -4.24 17.18 -21.08
C ASN A 432 -4.84 16.19 -20.08
N ILE A 433 -5.57 15.19 -20.56
CA ILE A 433 -6.33 14.32 -19.68
C ILE A 433 -6.20 12.87 -20.15
N TYR A 434 -6.05 11.95 -19.18
CA TYR A 434 -6.24 10.53 -19.41
C TYR A 434 -7.56 10.13 -18.74
N ASN A 435 -7.69 10.37 -17.44
CA ASN A 435 -8.94 10.08 -16.74
C ASN A 435 -9.13 11.02 -15.55
N ASP A 436 -10.18 10.75 -14.78
CA ASP A 436 -10.58 11.59 -13.66
C ASP A 436 -9.49 11.73 -12.58
N LYS A 437 -8.51 10.80 -12.53
CA LYS A 437 -7.43 10.87 -11.56
C LYS A 437 -6.08 11.12 -12.21
N HIS A 438 -6.05 11.38 -13.52
CA HIS A 438 -4.82 11.60 -14.26
C HIS A 438 -5.04 12.68 -15.34
N TYR A 439 -4.71 13.93 -15.00
CA TYR A 439 -4.90 15.06 -15.89
C TYR A 439 -4.07 16.24 -15.38
N SER A 440 -3.91 17.22 -16.28
CA SER A 440 -3.25 18.47 -15.94
C SER A 440 -3.84 19.57 -16.82
N TRP A 441 -3.61 20.81 -16.44
CA TRP A 441 -4.05 21.91 -17.28
C TRP A 441 -3.48 23.24 -16.78
N ILE A 442 -3.54 24.22 -17.68
CA ILE A 442 -3.31 25.61 -17.37
C ILE A 442 -4.65 26.32 -17.51
N PHE A 443 -4.98 27.16 -16.53
CA PHE A 443 -6.33 27.68 -16.48
C PHE A 443 -6.36 29.07 -15.86
N ILE A 444 -7.42 29.78 -16.20
CA ILE A 444 -7.80 31.03 -15.54
C ILE A 444 -8.65 30.67 -14.33
N THR A 445 -8.35 31.32 -13.20
CA THR A 445 -9.18 31.20 -12.01
C THR A 445 -9.15 32.52 -11.25
N TRP A 446 -9.60 32.49 -10.00
CA TRP A 446 -9.68 33.68 -9.17
C TRP A 446 -8.98 33.38 -7.86
N ASP A 447 -8.26 34.35 -7.29
CA ASP A 447 -7.77 34.20 -5.93
C ASP A 447 -8.08 35.46 -5.14
N GLU A 448 -8.00 35.30 -3.81
CA GLU A 448 -8.44 36.27 -2.84
C GLU A 448 -7.61 37.55 -2.90
N LYS A 449 -6.30 37.46 -3.19
CA LYS A 449 -5.41 38.60 -3.14
C LYS A 449 -5.28 39.30 -4.50
N LYS A 450 -5.27 38.53 -5.60
CA LYS A 450 -4.90 39.10 -6.89
C LYS A 450 -6.08 39.20 -7.85
N GLY A 451 -7.21 38.53 -7.59
CA GLY A 451 -8.29 38.44 -8.54
C GLY A 451 -7.99 37.41 -9.62
N HIS A 452 -8.20 37.79 -10.88
CA HIS A 452 -8.02 36.88 -12.00
C HIS A 452 -6.55 36.48 -12.10
N VAL A 453 -6.29 35.17 -12.08
CA VAL A 453 -4.92 34.66 -12.18
C VAL A 453 -4.87 33.44 -13.09
N ILE A 454 -3.63 33.02 -13.38
CA ILE A 454 -3.34 31.82 -14.13
C ILE A 454 -2.62 30.84 -13.19
N GLU A 455 -3.13 29.60 -13.20
CA GLU A 455 -2.55 28.52 -12.42
C GLU A 455 -2.32 27.31 -13.35
N VAL A 456 -1.42 26.45 -12.91
CA VAL A 456 -1.24 25.14 -13.50
C VAL A 456 -1.42 24.12 -12.40
N ALA A 457 -2.18 23.06 -12.71
CA ALA A 457 -2.38 21.98 -11.77
C ALA A 457 -2.30 20.64 -12.48
N GLN A 458 -1.90 19.64 -11.70
CA GLN A 458 -1.80 18.26 -12.12
C GLN A 458 -2.46 17.38 -11.07
N ASN A 459 -3.32 16.47 -11.53
CA ASN A 459 -3.85 15.40 -10.70
C ASN A 459 -3.16 14.09 -11.10
N ASP A 460 -2.36 13.55 -10.17
CA ASP A 460 -1.56 12.35 -10.39
C ASP A 460 -2.02 11.27 -9.44
N ASN A 461 -3.03 10.51 -9.87
CA ASN A 461 -3.67 9.50 -9.05
C ASN A 461 -4.14 10.10 -7.73
N ASN A 462 -4.81 11.24 -7.80
CA ASN A 462 -5.36 11.97 -6.66
C ASN A 462 -4.28 12.58 -5.77
N ASN A 463 -3.01 12.51 -6.19
CA ASN A 463 -1.99 13.38 -5.63
C ASN A 463 -2.03 14.66 -6.45
N TYR A 464 -2.64 15.71 -5.89
CA TYR A 464 -2.98 16.92 -6.63
C TYR A 464 -1.98 18.02 -6.29
N THR A 465 -1.41 18.63 -7.34
CA THR A 465 -0.42 19.69 -7.17
C THR A 465 -0.89 20.95 -7.87
N SER A 466 -0.93 22.07 -7.12
CA SER A 466 -1.00 23.42 -7.70
C SER A 466 0.40 23.97 -7.77
N TYR A 467 0.90 24.25 -8.98
CA TYR A 467 2.30 24.60 -9.15
C TYR A 467 2.62 26.01 -8.67
N LEU A 468 1.78 26.98 -8.97
CA LEU A 468 2.16 28.37 -8.70
C LEU A 468 1.66 28.84 -7.32
N LYS A 469 0.48 28.35 -6.90
CA LYS A 469 -0.08 28.68 -5.59
C LYS A 469 -0.25 30.20 -5.48
N ASP A 470 0.20 30.81 -4.37
CA ASP A 470 0.10 32.25 -4.20
C ASP A 470 0.81 33.02 -5.33
N ASP A 471 1.75 32.38 -6.03
CA ASP A 471 2.47 33.02 -7.11
C ASP A 471 1.78 32.81 -8.45
N ALA A 472 0.50 32.45 -8.45
CA ALA A 472 -0.29 32.41 -9.67
C ALA A 472 -0.12 33.75 -10.38
N ILE A 473 -0.09 33.71 -11.72
CA ILE A 473 0.20 34.88 -12.52
C ILE A 473 -1.01 35.81 -12.55
N LYS A 474 -0.83 37.06 -12.10
CA LYS A 474 -1.88 38.06 -12.21
C LYS A 474 -2.19 38.33 -13.68
N ILE A 475 -3.47 38.31 -14.04
CA ILE A 475 -3.94 38.73 -15.34
C ILE A 475 -4.12 40.25 -15.31
N PRO A 476 -3.35 41.06 -16.10
CA PRO A 476 -3.47 42.52 -16.05
C PRO A 476 -4.89 43.04 -16.28
N ASP A 477 -5.20 44.19 -15.67
CA ASP A 477 -6.54 44.78 -15.68
C ASP A 477 -7.06 45.05 -17.09
N GLY A 478 -6.20 45.30 -18.07
CA GLY A 478 -6.66 45.46 -19.45
C GLY A 478 -7.23 44.17 -20.09
N THR A 479 -6.84 43.00 -19.58
CA THR A 479 -6.82 41.79 -20.39
C THR A 479 -8.23 41.23 -20.58
N ASN A 480 -8.63 41.06 -21.83
CA ASN A 480 -9.85 40.37 -22.23
C ASN A 480 -9.55 38.87 -22.31
N TYR A 481 -8.82 38.48 -23.37
CA TYR A 481 -8.57 37.08 -23.66
C TYR A 481 -7.21 36.70 -23.10
N VAL A 482 -7.07 35.42 -22.70
CA VAL A 482 -5.76 34.85 -22.42
C VAL A 482 -5.48 33.77 -23.45
N TRP A 483 -4.23 33.70 -23.92
CA TRP A 483 -3.82 32.65 -24.83
C TRP A 483 -3.10 31.57 -24.03
N PHE A 484 -3.36 30.30 -24.34
CA PHE A 484 -2.68 29.19 -23.68
C PHE A 484 -2.12 28.24 -24.73
N ARG A 485 -1.00 27.60 -24.37
CA ARG A 485 -0.34 26.66 -25.26
C ARG A 485 0.18 25.51 -24.43
N THR A 486 0.16 24.29 -24.99
CA THR A 486 0.89 23.19 -24.40
C THR A 486 1.85 22.67 -25.47
N LYS A 487 3.07 22.37 -25.06
CA LYS A 487 4.04 21.76 -25.96
C LYS A 487 4.36 20.37 -25.43
N VAL A 488 3.90 19.35 -26.16
CA VAL A 488 4.17 17.98 -25.78
C VAL A 488 5.37 17.47 -26.56
N ARG A 489 6.35 16.89 -25.84
CA ARG A 489 7.60 16.43 -26.41
C ARG A 489 7.89 15.03 -25.91
N LYS A 490 6.97 14.10 -26.26
CA LYS A 490 7.10 12.67 -26.03
C LYS A 490 7.04 12.33 -24.55
N GLN A 491 8.18 12.46 -23.85
CA GLN A 491 8.29 12.00 -22.48
C GLN A 491 7.77 13.08 -21.51
N SER A 492 7.68 14.32 -21.97
CA SER A 492 7.41 15.43 -21.09
C SER A 492 6.71 16.56 -21.86
N TYR A 493 6.10 17.46 -21.09
CA TYR A 493 5.33 18.55 -21.67
C TYR A 493 5.31 19.76 -20.72
N THR A 494 5.00 20.91 -21.31
CA THR A 494 4.95 22.19 -20.60
C THR A 494 3.71 22.95 -21.04
N TYR A 495 3.41 24.01 -20.27
CA TYR A 495 2.38 24.97 -20.59
C TYR A 495 3.00 26.36 -20.70
N GLU A 496 2.40 27.17 -21.59
CA GLU A 496 2.75 28.58 -21.77
C GLU A 496 1.47 29.41 -21.82
N TYR A 497 1.62 30.72 -21.61
CA TYR A 497 0.49 31.64 -21.67
C TYR A 497 0.98 32.95 -22.33
N SER A 498 0.04 33.76 -22.81
CA SER A 498 0.31 35.06 -23.43
C SER A 498 -0.91 35.95 -23.25
N PHE A 499 -0.68 37.25 -23.07
CA PHE A 499 -1.77 38.21 -22.96
C PHE A 499 -1.98 38.94 -24.29
N ASP A 500 -1.24 38.59 -25.35
CA ASP A 500 -1.42 39.26 -26.64
C ASP A 500 -1.34 38.29 -27.83
N GLY A 501 -0.97 37.02 -27.58
CA GLY A 501 -0.94 36.02 -28.63
C GLY A 501 0.41 35.99 -29.36
N GLN A 502 1.33 36.87 -28.97
CA GLN A 502 2.61 37.03 -29.66
C GLN A 502 3.78 36.80 -28.71
N ASN A 503 3.69 37.37 -27.50
CA ASN A 503 4.73 37.23 -26.48
C ASN A 503 4.29 36.19 -25.45
N TRP A 504 5.07 35.11 -25.36
CA TRP A 504 4.74 33.94 -24.57
C TRP A 504 5.67 33.82 -23.37
N GLU A 505 5.11 33.37 -22.24
CA GLU A 505 5.88 32.99 -21.08
C GLU A 505 5.69 31.50 -20.82
N THR A 506 6.77 30.78 -20.54
CA THR A 506 6.66 29.37 -20.17
C THR A 506 6.48 29.27 -18.65
N VAL A 507 5.49 28.50 -18.21
CA VAL A 507 5.38 28.21 -16.78
C VAL A 507 6.52 27.25 -16.46
N PRO A 508 7.41 27.59 -15.51
CA PRO A 508 8.65 26.82 -15.32
C PRO A 508 8.44 25.48 -14.59
N VAL A 509 7.70 24.59 -15.24
CA VAL A 509 7.38 23.28 -14.69
C VAL A 509 7.36 22.31 -15.86
N GLU A 510 8.11 21.22 -15.74
CA GLU A 510 8.11 20.19 -16.79
C GLU A 510 7.26 19.03 -16.27
N LEU A 511 6.18 18.69 -16.97
CA LEU A 511 5.29 17.61 -16.53
C LEU A 511 5.68 16.30 -17.21
N ASP A 512 5.52 15.19 -16.47
CA ASP A 512 5.84 13.86 -16.96
C ASP A 512 4.65 13.32 -17.77
N ALA A 513 4.87 13.07 -19.05
CA ALA A 513 3.82 12.54 -19.92
C ALA A 513 3.43 11.11 -19.51
N ALA A 514 4.29 10.40 -18.78
CA ALA A 514 3.98 9.03 -18.39
C ALA A 514 2.78 8.99 -17.46
N ILE A 515 2.44 10.10 -16.79
CA ILE A 515 1.26 10.15 -15.93
C ILE A 515 -0.03 9.99 -16.74
N LEU A 516 0.01 10.29 -18.05
CA LEU A 516 -1.13 10.13 -18.94
C LEU A 516 -0.93 8.96 -19.88
N SER A 517 -0.47 7.82 -19.35
CA SER A 517 -0.21 6.63 -20.15
C SER A 517 -0.94 5.42 -19.57
N ASP A 518 -1.30 4.46 -20.44
CA ASP A 518 -1.99 3.24 -20.04
C ASP A 518 -1.19 2.52 -18.96
N ASP A 519 0.12 2.43 -19.18
CA ASP A 519 1.01 1.63 -18.36
C ASP A 519 1.16 2.21 -16.96
N TYR A 520 1.05 3.53 -16.82
CA TYR A 520 1.07 4.14 -15.50
C TYR A 520 -0.25 3.91 -14.76
N VAL A 521 -1.38 4.10 -15.47
CA VAL A 521 -2.69 3.98 -14.83
C VAL A 521 -2.92 2.55 -14.34
N LEU A 522 -2.41 1.58 -15.12
CA LEU A 522 -2.47 0.15 -14.80
C LEU A 522 -1.88 -0.17 -13.44
N GLN A 523 -0.92 0.63 -12.97
CA GLN A 523 -0.23 0.36 -11.71
C GLN A 523 -1.20 0.39 -10.53
N ASN A 524 -2.26 1.20 -10.59
CA ASN A 524 -3.14 1.39 -9.43
C ASN A 524 -4.62 1.31 -9.79
N TYR A 525 -4.96 0.93 -11.03
CA TYR A 525 -6.34 0.89 -11.47
C TYR A 525 -6.44 -0.11 -12.62
N GLY A 526 -7.50 -0.93 -12.61
CA GLY A 526 -7.65 -2.03 -13.53
C GLY A 526 -8.29 -1.62 -14.85
N GLY A 527 -8.65 -0.33 -15.01
CA GLY A 527 -9.11 0.19 -16.28
C GLY A 527 -8.06 1.14 -16.89
N PHE A 528 -7.41 0.70 -17.98
CA PHE A 528 -6.30 1.45 -18.55
C PHE A 528 -6.28 1.31 -20.05
N PHE A 529 -7.43 1.63 -20.68
CA PHE A 529 -7.68 1.17 -22.04
C PHE A 529 -7.84 2.30 -23.04
N THR A 530 -7.53 3.57 -22.68
CA THR A 530 -7.76 4.67 -23.61
C THR A 530 -6.44 5.23 -24.12
N GLY A 531 -5.99 6.37 -23.59
CA GLY A 531 -4.91 7.13 -24.19
C GLY A 531 -5.07 8.61 -23.83
N ALA A 532 -4.01 9.39 -24.01
CA ALA A 532 -4.02 10.78 -23.63
C ALA A 532 -4.80 11.61 -24.66
N PHE A 533 -5.50 12.63 -24.14
CA PHE A 533 -6.23 13.58 -24.95
C PHE A 533 -5.83 15.00 -24.54
N VAL A 534 -6.03 15.94 -25.47
CA VAL A 534 -5.81 17.35 -25.21
C VAL A 534 -7.11 18.06 -25.55
N GLY A 535 -7.45 19.08 -24.73
CA GLY A 535 -8.66 19.82 -25.04
C GLY A 535 -8.89 20.99 -24.13
N LEU A 536 -10.17 21.36 -24.06
CA LEU A 536 -10.62 22.62 -23.51
C LEU A 536 -11.71 22.29 -22.51
N MET A 537 -11.71 22.95 -21.34
CA MET A 537 -12.79 22.74 -20.39
C MET A 537 -12.95 23.94 -19.47
N ALA A 538 -14.17 24.03 -18.93
CA ALA A 538 -14.55 24.99 -17.91
C ALA A 538 -15.24 24.24 -16.79
N ALA A 539 -14.88 24.62 -15.55
CA ALA A 539 -15.49 24.10 -14.36
C ALA A 539 -16.03 25.25 -13.50
N ASP A 540 -17.19 25.00 -12.86
CA ASP A 540 -17.73 25.89 -11.85
C ASP A 540 -18.40 25.02 -10.79
N TYR A 541 -17.65 24.61 -9.77
CA TYR A 541 -18.19 23.78 -8.72
C TYR A 541 -18.78 24.66 -7.61
N ALA A 542 -18.80 25.98 -7.80
CA ALA A 542 -19.73 26.86 -7.06
C ALA A 542 -21.15 26.71 -7.57
N GLY A 543 -21.31 26.14 -8.78
CA GLY A 543 -22.60 25.87 -9.36
C GLY A 543 -23.27 27.10 -10.00
N TYR A 544 -22.48 28.14 -10.33
CA TYR A 544 -23.03 29.37 -10.90
C TYR A 544 -22.83 29.44 -12.41
N LYS A 545 -22.43 28.34 -13.06
CA LYS A 545 -22.51 28.25 -14.51
C LYS A 545 -21.70 29.33 -15.23
N ARG A 546 -20.52 29.63 -14.73
CA ARG A 546 -19.67 30.65 -15.34
C ARG A 546 -19.22 30.19 -16.73
N VAL A 547 -19.28 31.09 -17.73
CA VAL A 547 -19.08 30.70 -19.12
C VAL A 547 -17.67 31.07 -19.58
N ALA A 548 -16.98 30.10 -20.20
CA ALA A 548 -15.70 30.36 -20.86
C ALA A 548 -15.93 30.41 -22.36
N THR A 549 -15.32 31.37 -23.03
CA THR A 549 -15.41 31.53 -24.48
C THR A 549 -14.03 31.28 -25.08
N PHE A 550 -13.97 30.35 -26.03
CA PHE A 550 -12.74 29.99 -26.72
C PHE A 550 -12.91 30.39 -28.18
N ASP A 551 -11.95 31.15 -28.71
CA ASP A 551 -12.08 31.70 -30.05
C ASP A 551 -11.59 30.72 -31.11
N TYR A 552 -10.64 29.87 -30.74
CA TYR A 552 -10.14 28.86 -31.64
C TYR A 552 -9.41 27.78 -30.84
N PHE A 553 -9.08 26.70 -31.54
CA PHE A 553 -8.19 25.67 -31.05
C PHE A 553 -7.29 25.22 -32.18
N ASP A 554 -5.98 25.15 -31.90
CA ASP A 554 -5.02 24.69 -32.86
C ASP A 554 -4.24 23.50 -32.29
N TYR A 555 -4.12 22.42 -33.07
CA TYR A 555 -3.34 21.24 -32.69
C TYR A 555 -2.44 20.95 -33.88
N GLN A 556 -1.13 21.16 -33.68
CA GLN A 556 -0.13 21.06 -34.72
C GLN A 556 0.87 19.95 -34.39
N GLU A 557 0.81 18.88 -35.18
CA GLU A 557 1.72 17.75 -35.03
C GLU A 557 3.09 18.13 -35.58
N LEU A 558 4.13 17.64 -34.91
CA LEU A 558 5.51 17.90 -35.29
C LEU A 558 6.19 16.57 -35.58
N PRO A 559 7.32 16.56 -36.31
CA PRO A 559 7.98 15.30 -36.65
C PRO A 559 8.46 14.53 -35.41
N ASP A 560 8.55 13.22 -35.52
CA ASP A 560 9.09 12.37 -34.46
C ASP A 560 10.58 12.64 -34.26
N GLY B 13 0.23 24.98 42.38
CA GLY B 13 1.01 24.88 43.63
C GLY B 13 1.10 26.22 44.35
N LEU B 14 2.04 26.35 45.31
CA LEU B 14 2.31 27.63 45.94
C LEU B 14 3.48 28.35 45.24
N VAL B 15 4.33 27.61 44.50
CA VAL B 15 5.55 28.21 43.95
C VAL B 15 5.24 28.94 42.63
N PRO B 16 5.74 30.19 42.43
CA PRO B 16 5.57 30.90 41.15
C PRO B 16 6.29 30.24 39.97
N ARG B 17 5.63 30.25 38.79
CA ARG B 17 6.31 29.99 37.52
C ARG B 17 7.59 30.84 37.46
N GLY B 18 8.72 30.13 37.19
CA GLY B 18 10.01 30.76 36.95
C GLY B 18 10.90 30.76 38.18
N SER B 19 10.39 30.18 39.28
CA SER B 19 11.22 29.93 40.45
C SER B 19 12.13 28.75 40.17
N HIS B 20 13.32 28.77 40.79
CA HIS B 20 14.21 27.63 40.82
C HIS B 20 13.58 26.46 41.59
N MET B 21 12.42 26.67 42.24
CA MET B 21 11.72 25.58 42.93
C MET B 21 10.46 25.15 42.17
N LYS B 22 10.41 25.47 40.87
CA LYS B 22 9.32 25.06 40.01
C LYS B 22 9.82 24.11 38.91
N ILE B 23 9.35 22.86 38.97
CA ILE B 23 9.59 21.89 37.90
C ILE B 23 8.85 22.39 36.67
N GLN B 24 9.56 22.53 35.55
CA GLN B 24 8.94 22.88 34.29
C GLN B 24 9.00 21.66 33.35
N ASN B 25 7.85 21.08 33.00
CA ASN B 25 7.80 19.87 32.18
C ASN B 25 7.85 20.25 30.70
N PRO B 26 8.51 19.46 29.82
CA PRO B 26 9.39 18.34 30.19
C PRO B 26 10.67 18.73 30.89
N VAL B 27 11.05 18.01 31.95
CA VAL B 27 12.25 18.30 32.70
C VAL B 27 13.48 17.82 31.93
N LEU B 28 13.34 16.70 31.22
CA LEU B 28 14.40 16.17 30.36
C LEU B 28 13.90 16.31 28.93
N PRO B 29 14.27 17.38 28.21
CA PRO B 29 13.73 17.64 26.88
C PRO B 29 14.44 16.84 25.79
N GLY B 30 13.74 16.62 24.68
CA GLY B 30 14.23 15.75 23.61
C GLY B 30 14.18 14.30 24.05
N PHE B 31 14.82 13.43 23.26
CA PHE B 31 14.65 12.00 23.42
C PHE B 31 15.18 11.56 24.79
N ASN B 32 14.25 11.24 25.68
CA ASN B 32 14.50 10.80 27.06
C ASN B 32 13.31 9.94 27.51
N ALA B 33 13.19 8.76 26.90
CA ALA B 33 11.97 7.97 27.02
C ALA B 33 12.04 6.99 28.19
N ASP B 34 10.87 6.49 28.58
CA ASP B 34 10.75 5.34 29.47
C ASP B 34 11.54 5.58 30.76
N PRO B 35 11.27 6.67 31.50
CA PRO B 35 12.03 6.96 32.71
C PRO B 35 11.81 5.94 33.81
N SER B 36 12.90 5.41 34.32
CA SER B 36 13.00 4.70 35.58
C SER B 36 13.65 5.64 36.58
N MET B 37 12.94 6.05 37.62
CA MET B 37 13.44 7.04 38.55
C MET B 37 13.50 6.42 39.93
N ILE B 38 14.64 6.58 40.63
CA ILE B 38 14.74 6.21 42.03
C ILE B 38 15.34 7.35 42.84
N ARG B 39 15.29 7.19 44.17
CA ARG B 39 15.97 8.06 45.12
C ARG B 39 16.90 7.20 45.96
N VAL B 40 18.15 7.67 46.14
CA VAL B 40 19.04 7.10 47.13
C VAL B 40 19.51 8.25 48.01
N GLY B 41 19.06 8.24 49.28
CA GLY B 41 19.30 9.35 50.18
C GLY B 41 18.64 10.63 49.68
N ASP B 42 19.46 11.66 49.41
CA ASP B 42 18.96 12.94 48.93
C ASP B 42 19.05 13.07 47.41
N THR B 43 19.49 12.02 46.70
CA THR B 43 19.75 12.15 45.28
C THR B 43 18.76 11.33 44.46
N TYR B 44 18.21 11.95 43.40
CA TYR B 44 17.32 11.28 42.48
C TYR B 44 18.10 10.92 41.22
N TYR B 45 17.78 9.77 40.65
CA TYR B 45 18.38 9.28 39.43
C TYR B 45 17.29 8.87 38.46
N ILE B 46 17.45 9.25 37.18
CA ILE B 46 16.58 8.77 36.11
C ILE B 46 17.43 8.04 35.07
N ALA B 47 16.99 6.84 34.71
CA ALA B 47 17.52 6.08 33.58
C ALA B 47 16.51 6.08 32.43
N ASN B 48 16.97 6.36 31.20
CA ASN B 48 16.11 6.44 30.04
C ASN B 48 16.53 5.40 28.99
N SER B 49 15.57 4.98 28.17
CA SER B 49 15.83 4.07 27.05
C SER B 49 16.59 4.79 25.96
N THR B 50 17.40 4.04 25.17
CA THR B 50 18.28 4.62 24.16
C THR B 50 18.18 3.91 22.81
N PHE B 51 17.51 2.76 22.74
CA PHE B 51 17.29 2.06 21.48
C PHE B 51 18.63 1.80 20.81
N GLU B 52 18.79 2.20 19.55
CA GLU B 52 19.97 1.91 18.74
C GLU B 52 21.16 2.85 19.04
N TRP B 53 20.94 3.87 19.87
CA TRP B 53 21.99 4.84 20.09
C TRP B 53 22.93 4.37 21.19
N PHE B 54 24.23 4.53 20.94
CA PHE B 54 25.29 4.09 21.82
C PHE B 54 26.04 5.31 22.38
N PRO B 55 26.45 5.35 23.66
CA PRO B 55 26.26 4.24 24.61
C PRO B 55 24.83 4.04 25.13
N GLY B 56 24.56 2.85 25.70
CA GLY B 56 23.21 2.51 26.09
C GLY B 56 22.85 2.99 27.51
N VAL B 57 21.57 3.40 27.64
CA VAL B 57 20.93 3.82 28.87
C VAL B 57 21.48 5.19 29.27
N ARG B 58 20.60 6.19 29.24
CA ARG B 58 20.98 7.52 29.68
C ARG B 58 20.72 7.65 31.16
N LEU B 59 21.65 8.30 31.90
CA LEU B 59 21.51 8.53 33.33
C LEU B 59 21.53 10.03 33.60
N HIS B 60 20.64 10.46 34.50
CA HIS B 60 20.60 11.84 34.97
C HIS B 60 20.46 11.84 36.50
N GLU B 61 20.97 12.90 37.13
CA GLU B 61 20.94 13.05 38.57
C GLU B 61 20.46 14.45 38.96
N SER B 62 19.80 14.54 40.12
CA SER B 62 19.30 15.80 40.64
C SER B 62 19.02 15.64 42.12
N LYS B 63 19.03 16.77 42.83
CA LYS B 63 18.60 16.82 44.23
C LYS B 63 17.35 17.68 44.42
N ASP B 64 16.81 18.26 43.33
CA ASP B 64 15.65 19.11 43.43
C ASP B 64 14.50 18.69 42.51
N LEU B 65 14.78 17.80 41.53
CA LEU B 65 13.82 17.36 40.53
C LEU B 65 13.60 18.43 39.45
N VAL B 66 14.16 19.64 39.63
CA VAL B 66 13.94 20.74 38.68
C VAL B 66 15.08 20.78 37.66
N HIS B 67 16.31 20.67 38.17
CA HIS B 67 17.51 20.80 37.36
C HIS B 67 18.22 19.45 37.33
N TRP B 68 18.66 19.02 36.14
CA TRP B 68 19.18 17.67 36.00
C TRP B 68 20.52 17.69 35.27
N ASN B 69 21.46 16.85 35.73
CA ASN B 69 22.72 16.71 35.02
C ASN B 69 22.90 15.30 34.48
N LEU B 70 23.48 15.23 33.29
CA LEU B 70 23.80 13.98 32.63
C LEU B 70 24.99 13.32 33.30
N LEU B 71 24.85 12.01 33.59
CA LEU B 71 25.92 11.16 34.08
C LEU B 71 26.39 10.23 32.95
N PRO B 72 27.56 9.57 33.10
CA PRO B 72 28.04 8.64 32.07
C PRO B 72 27.06 7.48 31.91
N SER B 73 26.81 7.07 30.67
CA SER B 73 25.95 5.94 30.37
C SER B 73 26.57 4.62 30.83
N PRO B 74 25.82 3.69 31.46
CA PRO B 74 26.40 2.42 31.88
C PRO B 74 26.89 1.53 30.75
N LEU B 75 26.15 1.46 29.66
CA LEU B 75 26.34 0.40 28.68
C LEU B 75 27.27 0.94 27.60
N SER B 76 28.58 0.94 27.91
CA SER B 76 29.55 1.70 27.18
C SER B 76 30.56 0.82 26.46
N THR B 77 30.42 -0.51 26.52
CA THR B 77 31.31 -1.44 25.83
C THR B 77 30.44 -2.46 25.10
N THR B 78 31.04 -3.16 24.15
CA THR B 78 30.32 -4.20 23.41
C THR B 78 30.14 -5.44 24.29
N THR B 79 30.90 -5.58 25.40
CA THR B 79 30.63 -6.62 26.37
C THR B 79 29.28 -6.37 27.05
N LEU B 80 28.95 -5.10 27.28
CA LEU B 80 27.67 -4.74 27.90
C LEU B 80 26.55 -4.71 26.86
N LEU B 81 26.84 -4.26 25.65
CA LEU B 81 25.80 -4.01 24.68
C LEU B 81 26.37 -4.10 23.26
N ASP B 82 25.86 -5.07 22.48
CA ASP B 82 26.32 -5.34 21.13
C ASP B 82 25.14 -5.22 20.15
N MET B 83 25.06 -4.09 19.43
CA MET B 83 23.86 -3.76 18.66
C MET B 83 24.17 -3.60 17.18
N LYS B 84 25.37 -3.97 16.74
CA LYS B 84 25.68 -3.97 15.32
C LYS B 84 24.60 -4.78 14.60
N GLY B 85 23.99 -4.18 13.59
CA GLY B 85 22.99 -4.84 12.78
C GLY B 85 21.57 -4.70 13.34
N ASN B 86 21.41 -4.15 14.55
CA ASN B 86 20.09 -4.05 15.15
C ASN B 86 19.17 -3.20 14.28
N PRO B 87 17.87 -3.54 14.15
CA PRO B 87 16.90 -2.63 13.55
C PRO B 87 16.74 -1.35 14.36
N ALA B 88 16.45 -0.27 13.64
CA ALA B 88 16.14 1.00 14.27
C ALA B 88 14.98 0.79 15.22
N SER B 89 15.15 1.33 16.45
CA SER B 89 14.14 1.24 17.49
C SER B 89 14.04 -0.17 18.07
N GLY B 90 15.00 -1.01 17.71
CA GLY B 90 15.41 -2.14 18.54
C GLY B 90 16.39 -1.66 19.59
N GLY B 91 17.24 -2.57 20.08
CA GLY B 91 18.22 -2.23 21.09
C GLY B 91 17.56 -2.01 22.43
N ILE B 92 17.96 -0.93 23.14
CA ILE B 92 17.65 -0.75 24.54
C ILE B 92 16.25 -0.16 24.68
N TRP B 93 15.31 -0.98 25.13
CA TRP B 93 13.98 -0.52 25.42
C TRP B 93 13.97 -0.01 26.87
N ALA B 94 12.81 0.04 27.51
CA ALA B 94 12.73 0.62 28.83
C ALA B 94 13.72 -0.07 29.77
N PRO B 95 14.63 0.68 30.42
CA PRO B 95 15.48 0.13 31.47
C PRO B 95 14.85 0.23 32.86
N ASP B 96 15.44 -0.49 33.80
CA ASP B 96 15.02 -0.44 35.18
C ASP B 96 16.23 -0.30 36.07
N LEU B 97 16.29 0.80 36.81
CA LEU B 97 17.35 1.07 37.76
C LEU B 97 16.77 0.92 39.17
N SER B 98 17.50 0.19 40.01
CA SER B 98 17.10 -0.02 41.39
C SER B 98 18.34 0.06 42.29
N TYR B 99 18.08 0.30 43.58
CA TYR B 99 19.13 0.34 44.57
C TYR B 99 18.72 -0.55 45.74
N ALA B 100 19.56 -1.53 46.08
CA ALA B 100 19.32 -2.41 47.20
C ALA B 100 20.64 -3.11 47.53
N ASP B 101 20.80 -3.47 48.80
CA ASP B 101 21.93 -4.26 49.26
C ASP B 101 23.24 -3.53 48.95
N GLY B 102 23.21 -2.22 49.07
CA GLY B 102 24.38 -1.38 48.90
C GLY B 102 24.86 -1.30 47.45
N LYS B 103 24.03 -1.59 46.44
CA LYS B 103 24.45 -1.34 45.08
C LYS B 103 23.30 -1.06 44.12
N PHE B 104 23.69 -0.56 42.93
CA PHE B 104 22.79 -0.29 41.84
C PHE B 104 22.63 -1.56 41.03
N TRP B 105 21.37 -1.78 40.62
CA TRP B 105 21.03 -2.88 39.74
C TRP B 105 20.37 -2.28 38.51
N LEU B 106 20.85 -2.70 37.33
CA LEU B 106 20.31 -2.23 36.08
C LEU B 106 19.81 -3.41 35.27
N ILE B 107 18.48 -3.45 35.05
CA ILE B 107 17.90 -4.40 34.11
C ILE B 107 17.72 -3.66 32.79
N TYR B 108 18.22 -4.25 31.70
CA TYR B 108 18.05 -3.65 30.40
C TYR B 108 17.73 -4.73 29.38
N THR B 109 17.14 -4.32 28.27
CA THR B 109 16.58 -5.22 27.27
C THR B 109 17.17 -4.84 25.93
N ASP B 110 17.71 -5.82 25.19
CA ASP B 110 18.16 -5.63 23.81
C ASP B 110 17.12 -6.31 22.90
N VAL B 111 16.34 -5.50 22.16
CA VAL B 111 15.32 -6.01 21.28
C VAL B 111 15.88 -6.15 19.85
N LYS B 112 15.70 -7.34 19.25
CA LYS B 112 16.27 -7.66 17.95
C LYS B 112 15.22 -7.68 16.82
N ILE B 113 13.92 -7.68 17.17
CA ILE B 113 12.84 -7.64 16.17
C ILE B 113 11.84 -6.55 16.57
N THR B 114 11.48 -5.66 15.62
CA THR B 114 10.57 -4.54 15.91
C THR B 114 9.22 -4.65 15.21
N GLU B 115 9.04 -5.60 14.27
CA GLU B 115 7.77 -5.76 13.56
C GLU B 115 7.42 -7.24 13.44
N GLY B 116 6.12 -7.53 13.29
CA GLY B 116 5.64 -8.86 12.96
C GLY B 116 5.18 -9.62 14.20
N PRO B 117 4.94 -10.96 14.11
CA PRO B 117 4.43 -11.73 15.25
C PRO B 117 5.35 -11.88 16.44
N PHE B 118 6.67 -11.71 16.23
CA PHE B 118 7.64 -11.92 17.30
C PHE B 118 8.33 -10.59 17.67
N LYS B 119 8.94 -10.58 18.86
CA LYS B 119 9.67 -9.42 19.35
C LYS B 119 10.86 -9.86 20.18
N ASP B 120 11.65 -10.78 19.63
CA ASP B 120 12.72 -11.47 20.34
C ASP B 120 13.60 -10.47 21.09
N MET B 121 13.74 -10.69 22.40
CA MET B 121 14.43 -9.78 23.29
C MET B 121 15.19 -10.59 24.31
N THR B 122 16.28 -10.03 24.83
CA THR B 122 16.96 -10.59 25.98
C THR B 122 17.06 -9.50 27.04
N ASN B 123 16.69 -9.88 28.27
CA ASN B 123 16.83 -9.02 29.43
C ASN B 123 18.12 -9.37 30.15
N TYR B 124 18.89 -8.32 30.46
CA TYR B 124 20.19 -8.47 31.10
C TYR B 124 20.20 -7.76 32.44
N LEU B 125 21.10 -8.20 33.33
CA LEU B 125 21.38 -7.57 34.61
C LEU B 125 22.86 -7.21 34.69
N THR B 126 23.14 -5.94 35.04
CA THR B 126 24.46 -5.51 35.45
C THR B 126 24.30 -4.75 36.76
N THR B 127 25.40 -4.62 37.53
CA THR B 127 25.38 -3.97 38.81
C THR B 127 26.63 -3.09 38.97
N ALA B 128 26.53 -2.17 39.94
CA ALA B 128 27.61 -1.24 40.24
C ALA B 128 27.45 -0.74 41.66
N THR B 129 28.57 -0.55 42.37
CA THR B 129 28.58 0.12 43.66
C THR B 129 28.34 1.63 43.49
N ASP B 130 28.84 2.16 42.37
CA ASP B 130 28.85 3.58 42.08
C ASP B 130 28.06 3.81 40.78
N ILE B 131 27.15 4.79 40.80
CA ILE B 131 26.29 5.10 39.67
C ILE B 131 27.09 5.44 38.41
N ARG B 132 28.35 5.89 38.57
CA ARG B 132 29.24 6.21 37.47
C ARG B 132 29.97 4.97 36.94
N GLY B 133 29.76 3.82 37.59
CA GLY B 133 30.43 2.59 37.19
C GLY B 133 31.66 2.32 38.04
N PRO B 134 32.49 1.32 37.68
CA PRO B 134 32.22 0.44 36.51
C PRO B 134 31.09 -0.55 36.74
N TRP B 135 30.55 -1.10 35.63
CA TRP B 135 29.41 -2.01 35.68
C TRP B 135 29.86 -3.44 35.39
N THR B 136 29.28 -4.40 36.11
CA THR B 136 29.70 -5.79 35.96
C THR B 136 29.26 -6.35 34.62
N ASP B 137 30.06 -7.29 34.08
CA ASP B 137 29.72 -8.08 32.91
C ASP B 137 28.27 -8.55 33.05
N PRO B 138 27.44 -8.40 32.01
CA PRO B 138 26.01 -8.68 32.15
C PRO B 138 25.72 -10.18 32.27
N ILE B 139 24.69 -10.50 33.04
CA ILE B 139 24.10 -11.82 33.13
C ILE B 139 22.82 -11.78 32.30
N ALA B 140 22.64 -12.79 31.44
CA ALA B 140 21.38 -12.91 30.73
C ALA B 140 20.33 -13.42 31.72
N VAL B 141 19.19 -12.73 31.81
CA VAL B 141 18.20 -13.12 32.79
C VAL B 141 17.13 -14.00 32.10
N ASN B 142 16.46 -13.47 31.09
CA ASN B 142 15.45 -14.21 30.35
C ASN B 142 15.05 -13.40 29.12
N GLY B 143 14.03 -13.91 28.40
CA GLY B 143 13.27 -13.16 27.39
C GLY B 143 11.89 -12.82 27.94
N VAL B 144 10.86 -13.55 27.48
CA VAL B 144 9.51 -13.56 28.01
C VAL B 144 8.75 -12.32 27.57
N GLY B 145 9.31 -11.16 27.91
CA GLY B 145 8.80 -9.87 27.48
C GLY B 145 9.75 -8.73 27.86
N PHE B 146 9.48 -7.55 27.31
CA PHE B 146 10.26 -6.37 27.57
C PHE B 146 9.72 -5.68 28.82
N ASP B 147 10.25 -4.50 29.12
CA ASP B 147 9.87 -3.74 30.31
C ASP B 147 10.11 -4.54 31.59
N ALA B 148 11.24 -5.23 31.65
CA ALA B 148 11.59 -6.02 32.82
C ALA B 148 12.07 -5.11 33.95
N SER B 149 11.67 -5.43 35.17
CA SER B 149 11.90 -4.60 36.34
C SER B 149 12.25 -5.49 37.53
N LEU B 150 13.28 -5.12 38.27
CA LEU B 150 13.75 -5.86 39.41
C LEU B 150 12.99 -5.40 40.65
N PHE B 151 12.22 -6.29 41.26
CA PHE B 151 11.53 -5.96 42.51
C PHE B 151 12.28 -6.58 43.68
N HIS B 152 12.73 -5.71 44.59
CA HIS B 152 13.39 -6.11 45.82
C HIS B 152 12.39 -6.09 46.97
N ASP B 153 11.86 -7.26 47.34
CA ASP B 153 10.93 -7.36 48.46
C ASP B 153 11.66 -7.07 49.78
N GLU B 154 10.95 -6.44 50.72
CA GLU B 154 11.53 -6.10 52.01
C GLU B 154 11.96 -7.34 52.79
N ASN B 155 11.39 -8.51 52.45
CA ASN B 155 11.70 -9.76 53.13
C ASN B 155 12.94 -10.43 52.53
N GLY B 156 13.61 -9.79 51.56
CA GLY B 156 14.88 -10.30 51.06
C GLY B 156 14.73 -11.15 49.79
N ARG B 157 13.50 -11.49 49.41
CA ARG B 157 13.25 -12.17 48.14
C ARG B 157 13.30 -11.16 46.99
N LYS B 158 13.64 -11.63 45.79
CA LYS B 158 13.73 -10.76 44.65
C LYS B 158 13.06 -11.42 43.45
N TYR B 159 12.47 -10.56 42.60
CA TYR B 159 11.66 -11.01 41.49
C TYR B 159 11.92 -10.12 40.27
N LEU B 160 11.64 -10.69 39.10
CA LEU B 160 11.53 -9.95 37.85
C LEU B 160 10.04 -9.83 37.49
N VAL B 161 9.61 -8.58 37.28
CA VAL B 161 8.26 -8.34 36.81
C VAL B 161 8.35 -7.73 35.41
N GLN B 162 7.56 -8.21 34.46
CA GLN B 162 7.72 -7.79 33.07
C GLN B 162 6.42 -7.92 32.27
N GLN B 163 6.39 -7.23 31.12
CA GLN B 163 5.45 -7.49 30.04
C GLN B 163 5.66 -8.93 29.54
N THR B 164 4.63 -9.48 28.88
CA THR B 164 4.62 -10.86 28.44
C THR B 164 4.18 -10.91 26.98
N TRP B 165 5.13 -11.19 26.08
CA TRP B 165 4.82 -11.28 24.67
C TRP B 165 4.06 -12.57 24.34
N ASP B 166 3.01 -12.44 23.54
CA ASP B 166 2.31 -13.61 22.97
C ASP B 166 2.26 -13.46 21.45
N HIS B 167 2.90 -14.41 20.74
CA HIS B 167 2.99 -14.38 19.29
C HIS B 167 1.73 -14.95 18.64
N ARG B 168 0.85 -15.57 19.43
CA ARG B 168 -0.28 -16.27 18.87
C ARG B 168 -1.31 -15.24 18.42
N GLU B 169 -1.58 -15.18 17.10
CA GLU B 169 -2.31 -14.07 16.49
C GLU B 169 -3.79 -14.07 16.90
N TYR B 170 -4.29 -15.18 17.44
CA TYR B 170 -5.67 -15.31 17.86
C TYR B 170 -5.81 -14.94 19.35
N HIS B 171 -4.73 -14.46 19.99
CA HIS B 171 -4.77 -13.88 21.32
C HIS B 171 -4.35 -12.41 21.25
N HIS B 172 -4.50 -11.68 22.36
CA HIS B 172 -3.96 -10.34 22.44
C HIS B 172 -2.46 -10.48 22.70
N PRO B 173 -1.61 -9.64 22.08
CA PRO B 173 -0.16 -9.84 22.18
C PRO B 173 0.50 -9.53 23.51
N PHE B 174 -0.17 -8.78 24.41
CA PHE B 174 0.38 -8.46 25.71
C PHE B 174 -0.34 -9.29 26.79
N ASN B 175 0.28 -10.42 27.16
CA ASN B 175 -0.38 -11.47 27.91
C ASN B 175 -0.14 -11.27 29.40
N GLY B 176 -0.61 -10.16 29.94
CA GLY B 176 -0.54 -9.92 31.36
C GLY B 176 0.86 -9.56 31.82
N ILE B 177 0.99 -9.42 33.13
CA ILE B 177 2.25 -9.05 33.76
C ILE B 177 2.80 -10.28 34.45
N THR B 178 3.95 -10.78 33.98
CA THR B 178 4.55 -11.96 34.53
C THR B 178 5.45 -11.54 35.68
N LEU B 179 5.34 -12.28 36.78
CA LEU B 179 6.25 -12.16 37.90
C LEU B 179 6.94 -13.51 38.09
N THR B 180 8.27 -13.50 38.16
CA THR B 180 9.08 -14.70 38.32
C THR B 180 10.11 -14.41 39.42
N GLU B 181 10.37 -15.41 40.27
CA GLU B 181 11.25 -15.21 41.40
C GLU B 181 12.68 -15.60 41.05
N PHE B 182 13.62 -14.79 41.57
CA PHE B 182 15.03 -15.07 41.50
C PHE B 182 15.47 -16.02 42.61
N ASP B 183 16.45 -16.86 42.28
CA ASP B 183 17.41 -17.39 43.25
C ASP B 183 18.45 -16.31 43.49
N THR B 184 18.46 -15.73 44.70
CA THR B 184 19.21 -14.52 44.95
C THR B 184 20.71 -14.82 45.10
N ALA B 185 21.09 -16.09 45.27
CA ALA B 185 22.50 -16.46 45.35
C ALA B 185 23.17 -16.39 43.98
N THR B 186 22.45 -16.69 42.89
CA THR B 186 23.02 -16.70 41.55
C THR B 186 22.40 -15.62 40.67
N MET B 187 21.31 -15.00 41.14
CA MET B 187 20.46 -14.12 40.34
C MET B 187 20.11 -14.78 38.99
N GLN B 188 19.73 -16.06 39.06
CA GLN B 188 19.04 -16.72 37.96
C GLN B 188 17.58 -16.91 38.38
N LEU B 189 16.65 -16.71 37.42
CA LEU B 189 15.25 -16.94 37.68
C LEU B 189 14.95 -18.41 37.90
N LYS B 190 13.89 -18.66 38.69
CA LYS B 190 13.29 -19.97 38.85
C LYS B 190 12.01 -19.98 38.01
N PRO B 191 12.07 -20.45 36.74
CA PRO B 191 10.95 -20.35 35.82
C PRO B 191 9.64 -20.92 36.32
N GLU B 192 9.71 -21.89 37.23
CA GLU B 192 8.53 -22.57 37.75
C GLU B 192 7.68 -21.61 38.57
N THR B 193 8.24 -20.44 38.99
CA THR B 193 7.54 -19.53 39.89
C THR B 193 6.78 -18.49 39.07
N ALA B 194 6.96 -18.46 37.74
CA ALA B 194 6.29 -17.51 36.86
C ALA B 194 4.77 -17.58 37.03
N ARG B 195 4.13 -16.42 37.18
CA ARG B 195 2.70 -16.34 37.07
C ARG B 195 2.29 -14.93 36.62
N ASN B 196 1.07 -14.87 36.09
CA ASN B 196 0.41 -13.65 35.69
C ASN B 196 -0.22 -13.04 36.94
N ILE B 197 0.26 -11.85 37.35
CA ILE B 197 -0.24 -11.15 38.53
C ILE B 197 -1.34 -10.16 38.16
N TYR B 198 -1.47 -9.79 36.87
CA TYR B 198 -2.38 -8.71 36.50
C TYR B 198 -2.61 -8.67 35.00
N ASN B 199 -3.89 -8.66 34.61
CA ASN B 199 -4.26 -8.67 33.21
C ASN B 199 -4.54 -7.27 32.67
N GLY B 200 -4.54 -6.26 33.53
CA GLY B 200 -4.82 -4.92 33.04
C GLY B 200 -6.31 -4.68 32.88
N THR B 201 -6.65 -3.61 32.17
CA THR B 201 -8.01 -3.16 31.93
C THR B 201 -8.31 -3.37 30.46
N ASP B 202 -9.51 -2.94 30.02
CA ASP B 202 -9.92 -3.15 28.63
C ASP B 202 -9.02 -2.39 27.66
N VAL B 203 -8.20 -1.43 28.14
CA VAL B 203 -7.34 -0.68 27.25
C VAL B 203 -6.17 -1.54 26.75
N LYS B 204 -5.78 -2.55 27.55
CA LYS B 204 -4.85 -3.61 27.15
C LYS B 204 -3.46 -3.04 26.84
N LEU B 205 -2.64 -3.80 26.08
CA LEU B 205 -1.23 -3.51 25.92
C LEU B 205 -0.59 -3.25 27.29
N VAL B 206 -0.89 -4.10 28.27
CA VAL B 206 -0.35 -3.90 29.61
C VAL B 206 1.18 -4.20 29.59
N GLU B 207 1.95 -3.25 30.14
CA GLU B 207 3.40 -3.27 30.14
C GLU B 207 3.93 -2.33 31.22
N GLY B 208 5.25 -2.05 31.16
CA GLY B 208 5.94 -1.16 32.10
C GLY B 208 5.65 -1.42 33.58
N PRO B 209 5.60 -2.69 34.05
CA PRO B 209 5.24 -2.95 35.44
C PRO B 209 6.33 -2.55 36.42
N HIS B 210 5.93 -1.91 37.53
CA HIS B 210 6.79 -1.69 38.68
C HIS B 210 5.99 -2.01 39.94
N LEU B 211 6.63 -2.72 40.88
CA LEU B 211 6.02 -3.07 42.14
C LEU B 211 6.62 -2.21 43.24
N TYR B 212 5.79 -1.80 44.20
CA TYR B 212 6.19 -1.02 45.35
C TYR B 212 5.48 -1.55 46.60
N GLN B 213 6.20 -1.65 47.71
CA GLN B 213 5.57 -2.03 48.97
C GLN B 213 5.28 -0.76 49.75
N ILE B 214 4.00 -0.44 49.92
CA ILE B 214 3.59 0.81 50.57
C ILE B 214 2.37 0.54 51.42
N SER B 215 2.46 0.91 52.71
CA SER B 215 1.35 0.87 53.67
C SER B 215 0.73 -0.53 53.73
N GLY B 216 1.55 -1.57 53.71
CA GLY B 216 1.06 -2.93 53.84
C GLY B 216 0.50 -3.53 52.54
N TYR B 217 0.60 -2.83 51.41
CA TYR B 217 0.11 -3.40 50.16
C TYR B 217 1.26 -3.45 49.19
N TYR B 218 1.13 -4.35 48.20
CA TYR B 218 1.93 -4.25 46.99
C TYR B 218 1.15 -3.40 46.00
N TYR B 219 1.79 -2.31 45.54
CA TYR B 219 1.22 -1.51 44.46
C TYR B 219 1.92 -1.85 43.16
N LEU B 220 1.11 -2.08 42.13
CA LEU B 220 1.60 -2.29 40.77
C LEU B 220 1.22 -1.08 39.91
N PHE B 221 2.24 -0.43 39.36
CA PHE B 221 2.07 0.56 38.31
C PHE B 221 2.30 -0.16 36.98
N ALA B 222 1.47 0.11 35.99
CA ALA B 222 1.66 -0.47 34.66
C ALA B 222 1.20 0.53 33.61
N ALA B 223 1.93 0.56 32.50
CA ALA B 223 1.53 1.32 31.32
C ALA B 223 0.53 0.50 30.50
N GLU B 224 -0.36 1.17 29.78
CA GLU B 224 -1.34 0.54 28.91
C GLU B 224 -1.62 1.43 27.71
N GLY B 225 -2.23 0.83 26.67
CA GLY B 225 -2.75 1.56 25.54
C GLY B 225 -1.72 1.80 24.44
N GLY B 226 -0.45 1.39 24.66
CA GLY B 226 0.62 1.72 23.72
C GLY B 226 1.16 3.14 23.94
N THR B 227 2.37 3.42 23.45
CA THR B 227 3.08 4.66 23.80
C THR B 227 2.74 5.84 22.87
N VAL B 228 1.58 5.82 22.21
CA VAL B 228 1.14 6.98 21.41
C VAL B 228 0.06 7.74 22.20
N PHE B 229 -0.95 8.33 21.57
CA PHE B 229 -1.87 9.25 22.27
C PHE B 229 -2.84 8.54 23.21
N THR B 230 -3.01 7.21 23.05
CA THR B 230 -3.87 6.40 23.90
C THR B 230 -3.12 5.84 25.10
N HIS B 231 -1.86 6.23 25.29
CA HIS B 231 -1.06 5.79 26.41
C HIS B 231 -1.75 6.19 27.72
N GLN B 232 -1.59 5.34 28.73
CA GLN B 232 -1.97 5.69 30.11
C GLN B 232 -1.14 4.84 31.08
N GLU B 233 -1.17 5.28 32.35
CA GLU B 233 -0.66 4.45 33.43
C GLU B 233 -1.82 4.10 34.33
N VAL B 234 -1.86 2.82 34.75
CA VAL B 234 -2.85 2.38 35.71
C VAL B 234 -2.11 1.91 36.95
N VAL B 235 -2.89 1.85 38.04
CA VAL B 235 -2.39 1.37 39.32
C VAL B 235 -3.33 0.29 39.82
N ALA B 236 -2.74 -0.74 40.40
CA ALA B 236 -3.45 -1.87 40.98
C ALA B 236 -2.78 -2.20 42.32
N ARG B 237 -3.47 -2.94 43.19
CA ARG B 237 -2.83 -3.32 44.44
C ARG B 237 -3.28 -4.71 44.90
N SER B 238 -2.49 -5.29 45.78
CA SER B 238 -2.77 -6.60 46.34
C SER B 238 -2.02 -6.72 47.67
N LYS B 239 -2.58 -7.52 48.59
CA LYS B 239 -1.85 -7.87 49.80
C LYS B 239 -0.78 -8.94 49.49
N THR B 240 -0.85 -9.56 48.30
CA THR B 240 0.08 -10.64 47.97
C THR B 240 0.66 -10.44 46.57
N LEU B 241 1.55 -11.36 46.19
CA LEU B 241 2.09 -11.48 44.84
C LEU B 241 1.47 -12.68 44.13
N ASP B 242 0.24 -13.01 44.49
CA ASP B 242 -0.45 -14.17 43.94
C ASP B 242 -0.94 -13.89 42.52
N GLU B 243 -1.06 -14.96 41.75
CA GLU B 243 -1.62 -14.93 40.41
C GLU B 243 -2.97 -14.20 40.41
N LEU B 244 -3.12 -13.30 39.44
CA LEU B 244 -4.30 -12.48 39.20
C LEU B 244 -4.89 -11.92 40.51
N SER B 245 -4.05 -11.47 41.43
CA SER B 245 -4.51 -10.94 42.70
C SER B 245 -4.65 -9.41 42.69
N PHE B 246 -4.14 -8.72 41.66
CA PHE B 246 -4.08 -7.26 41.70
C PHE B 246 -5.41 -6.65 41.26
N GLU B 247 -5.92 -5.71 42.07
CA GLU B 247 -7.19 -5.03 41.84
C GLU B 247 -6.93 -3.58 41.40
N SER B 248 -7.64 -3.15 40.36
CA SER B 248 -7.41 -1.87 39.70
C SER B 248 -7.95 -0.71 40.54
N GLU B 249 -7.20 0.40 40.52
CA GLU B 249 -7.60 1.66 41.10
C GLU B 249 -8.96 2.07 40.54
N PRO B 250 -9.93 2.47 41.40
CA PRO B 250 -11.20 3.02 40.95
C PRO B 250 -10.97 4.42 40.37
N ASP B 251 -11.84 4.82 39.44
CA ASP B 251 -11.79 6.15 38.87
C ASP B 251 -10.45 6.42 38.22
N GLY B 252 -10.01 5.47 37.43
CA GLY B 252 -8.74 5.54 36.76
C GLY B 252 -8.89 6.29 35.45
N PRO B 253 -7.79 6.44 34.66
CA PRO B 253 -6.49 5.88 35.05
C PRO B 253 -5.71 6.82 35.96
N PHE B 254 -4.48 6.45 36.29
CA PHE B 254 -3.62 7.27 37.13
C PHE B 254 -3.12 8.48 36.35
N ILE B 255 -2.62 8.25 35.13
CA ILE B 255 -2.19 9.33 34.26
C ILE B 255 -2.52 8.98 32.80
N THR B 256 -3.01 9.97 32.05
CA THR B 256 -3.24 9.86 30.62
C THR B 256 -3.49 11.27 30.05
N ASN B 257 -3.09 11.47 28.78
CA ASN B 257 -3.47 12.65 28.03
C ASN B 257 -4.39 12.29 26.87
N MET B 258 -4.89 11.06 26.84
CA MET B 258 -5.77 10.61 25.76
CA MET B 258 -5.76 10.62 25.76
C MET B 258 -6.96 11.56 25.68
N ASP B 259 -7.51 11.94 26.83
CA ASP B 259 -8.74 12.71 26.91
C ASP B 259 -8.44 14.17 27.25
N THR B 260 -7.21 14.63 27.02
CA THR B 260 -6.85 16.04 27.12
C THR B 260 -6.20 16.45 25.80
N PRO B 261 -6.95 16.49 24.68
CA PRO B 261 -6.34 16.61 23.35
C PRO B 261 -5.69 17.96 23.04
N ASP B 262 -6.00 19.00 23.82
CA ASP B 262 -5.42 20.32 23.59
C ASP B 262 -4.28 20.63 24.55
N PHE B 263 -3.96 19.71 25.46
CA PHE B 263 -2.98 20.01 26.51
C PHE B 263 -1.56 20.00 25.94
N TYR B 264 -0.69 20.84 26.53
CA TYR B 264 0.70 20.98 26.09
C TYR B 264 1.44 19.65 26.22
N LEU B 265 1.06 18.82 27.21
CA LEU B 265 1.67 17.52 27.40
C LEU B 265 0.78 16.43 26.80
N GLN B 266 1.41 15.46 26.13
CA GLN B 266 0.72 14.32 25.55
C GLN B 266 1.51 13.04 25.85
N LYS B 267 0.79 11.91 25.71
CA LYS B 267 1.35 10.58 25.71
C LYS B 267 1.90 10.19 27.08
N GLN B 268 1.46 10.84 28.17
CA GLN B 268 2.02 10.48 29.46
C GLN B 268 1.50 9.10 29.86
N GLY B 269 2.30 8.38 30.62
CA GLY B 269 2.00 7.02 31.01
C GLY B 269 3.21 6.36 31.66
N HIS B 270 3.85 5.49 30.89
CA HIS B 270 4.99 4.67 31.31
C HIS B 270 5.96 5.51 32.13
N GLY B 271 6.27 5.06 33.35
CA GLY B 271 7.07 5.85 34.26
C GLY B 271 7.27 5.15 35.60
N ALA B 272 7.68 5.92 36.61
CA ALA B 272 8.07 5.36 37.89
C ALA B 272 7.79 6.33 39.02
N LEU B 273 7.39 5.76 40.16
CA LEU B 273 7.04 6.46 41.39
C LEU B 273 8.26 6.53 42.30
N THR B 274 8.48 7.69 42.92
CA THR B 274 9.48 7.83 43.96
C THR B 274 8.91 8.65 45.12
N SER B 275 9.41 8.35 46.32
CA SER B 275 9.20 9.18 47.50
C SER B 275 10.34 10.19 47.61
N THR B 276 10.11 11.25 48.42
CA THR B 276 11.16 12.19 48.80
C THR B 276 11.58 11.89 50.23
N PRO B 277 12.69 12.44 50.76
CA PRO B 277 13.04 12.22 52.16
C PRO B 277 11.96 12.64 53.16
N SER B 278 11.06 13.56 52.78
CA SER B 278 10.01 14.08 53.67
C SER B 278 8.71 13.31 53.58
N GLY B 279 8.61 12.36 52.63
CA GLY B 279 7.38 11.61 52.47
C GLY B 279 6.41 12.27 51.49
N GLU B 280 6.92 13.13 50.60
CA GLU B 280 6.18 13.49 49.41
C GLU B 280 6.41 12.41 48.34
N TRP B 281 5.64 12.50 47.25
CA TRP B 281 5.59 11.48 46.21
C TRP B 281 5.55 12.17 44.85
N TYR B 282 6.40 11.67 43.93
CA TYR B 282 6.50 12.18 42.57
C TYR B 282 6.53 10.99 41.60
N TYR B 283 6.12 11.27 40.35
CA TYR B 283 6.04 10.27 39.29
C TYR B 283 6.71 10.85 38.04
N ALA B 284 7.77 10.18 37.57
CA ALA B 284 8.36 10.52 36.29
C ALA B 284 7.66 9.71 35.20
N SER B 285 7.28 10.37 34.12
CA SER B 285 6.54 9.82 32.99
C SER B 285 7.29 10.15 31.71
N LEU B 286 7.15 9.32 30.68
CA LEU B 286 7.51 9.80 29.37
C LEU B 286 6.41 10.78 28.95
N VAL B 287 6.75 11.68 28.02
CA VAL B 287 5.83 12.70 27.56
C VAL B 287 6.26 13.17 26.18
N SER B 288 5.32 13.72 25.40
CA SER B 288 5.65 14.33 24.13
C SER B 288 4.94 15.67 24.01
N ARG B 289 5.47 16.52 23.12
CA ARG B 289 4.92 17.81 22.73
C ARG B 289 4.74 17.83 21.22
N PRO B 290 3.72 17.14 20.68
CA PRO B 290 3.54 17.01 19.25
C PRO B 290 2.96 18.30 18.69
N TRP B 291 3.48 18.76 17.56
CA TRP B 291 3.00 20.02 16.96
C TRP B 291 2.23 19.70 15.68
N ASN B 292 1.52 20.72 15.14
CA ASN B 292 0.78 20.58 13.91
C ASN B 292 1.36 21.49 12.84
N HIS B 293 1.30 21.04 11.57
CA HIS B 293 1.40 21.92 10.44
C HIS B 293 0.22 22.89 10.47
N THR B 294 0.38 24.03 9.78
CA THR B 294 -0.58 25.13 9.87
C THR B 294 -1.97 24.69 9.38
N ASN B 295 -2.06 23.85 8.35
CA ASN B 295 -3.35 23.52 7.76
C ASN B 295 -4.09 22.36 8.44
N GLU B 296 -3.45 21.67 9.41
CA GLU B 296 -4.00 20.43 9.95
C GLU B 296 -5.04 20.71 11.05
N SER B 297 -6.04 19.83 11.19
CA SER B 297 -6.87 19.79 12.39
C SER B 297 -6.01 19.50 13.61
N SER B 298 -6.22 20.24 14.71
CA SER B 298 -5.44 20.04 15.92
C SER B 298 -5.68 18.66 16.51
N HIS B 299 -6.79 17.98 16.15
CA HIS B 299 -7.13 16.71 16.75
C HIS B 299 -6.97 15.52 15.79
N ASP B 300 -6.57 15.76 14.55
CA ASP B 300 -6.31 14.65 13.64
C ASP B 300 -5.54 15.15 12.41
N PRO B 301 -4.20 14.96 12.34
CA PRO B 301 -3.44 14.21 13.35
C PRO B 301 -3.24 15.06 14.61
N ARG B 302 -3.13 14.39 15.77
CA ARG B 302 -2.89 15.09 17.02
C ARG B 302 -1.53 15.77 17.01
N GLY B 303 -0.58 15.23 16.21
CA GLY B 303 0.60 15.99 15.84
C GLY B 303 1.85 15.14 15.65
N TRP B 304 2.99 15.84 15.51
CA TRP B 304 4.27 15.25 15.16
C TRP B 304 5.30 15.53 16.26
N SER B 305 5.91 14.47 16.80
CA SER B 305 6.84 14.57 17.90
C SER B 305 8.28 14.46 17.39
N THR B 306 8.87 15.60 17.02
CA THR B 306 10.25 15.62 16.57
C THR B 306 11.22 15.45 17.75
N LEU B 307 10.84 15.94 18.92
CA LEU B 307 11.64 15.77 20.12
C LEU B 307 11.34 14.41 20.76
N GLY B 308 10.48 13.60 20.12
CA GLY B 308 10.22 12.24 20.58
C GLY B 308 9.57 12.20 21.96
N ARG B 309 9.90 11.13 22.70
CA ARG B 309 9.41 10.93 24.05
C ARG B 309 10.46 11.46 25.02
N GLU B 310 10.05 12.51 25.74
CA GLU B 310 10.86 13.24 26.71
C GLU B 310 10.43 12.74 28.10
N THR B 311 10.96 13.35 29.19
CA THR B 311 10.54 12.97 30.53
C THR B 311 9.87 14.16 31.25
N SER B 312 8.72 13.88 31.87
CA SER B 312 8.04 14.81 32.77
C SER B 312 8.04 14.25 34.18
N ILE B 313 7.81 15.15 35.15
CA ILE B 313 7.63 14.76 36.53
C ILE B 313 6.36 15.41 37.05
N GLN B 314 5.53 14.58 37.66
CA GLN B 314 4.25 14.98 38.21
C GLN B 314 4.28 14.69 39.71
N LYS B 315 3.53 15.50 40.47
CA LYS B 315 3.43 15.29 41.89
C LYS B 315 2.26 14.34 42.17
N VAL B 316 2.39 13.54 43.22
CA VAL B 316 1.41 12.53 43.56
C VAL B 316 0.94 12.74 45.00
N GLU B 317 -0.38 12.59 45.22
CA GLU B 317 -0.94 12.52 46.55
C GLU B 317 -1.86 11.31 46.67
N TRP B 318 -2.07 10.85 47.89
CA TRP B 318 -2.87 9.67 48.17
C TRP B 318 -4.24 10.06 48.68
N ASP B 319 -5.29 9.47 48.09
CA ASP B 319 -6.66 9.71 48.49
C ASP B 319 -6.94 8.89 49.76
N ASP B 320 -8.14 9.05 50.30
CA ASP B 320 -8.52 8.49 51.59
C ASP B 320 -8.57 6.96 51.53
N ALA B 321 -8.82 6.41 50.34
CA ALA B 321 -8.91 4.97 50.16
C ALA B 321 -7.54 4.36 49.87
N GLY B 322 -6.47 5.16 49.90
CA GLY B 322 -5.11 4.64 49.77
C GLY B 322 -4.67 4.49 48.31
N TRP B 323 -5.27 5.31 47.43
CA TRP B 323 -4.94 5.25 46.01
C TRP B 323 -4.17 6.51 45.62
N PRO B 324 -3.10 6.36 44.80
CA PRO B 324 -2.32 7.51 44.36
C PRO B 324 -2.99 8.24 43.21
N ARG B 325 -2.96 9.58 43.25
CA ARG B 325 -3.57 10.45 42.27
C ARG B 325 -2.57 11.53 41.89
N VAL B 326 -2.52 11.86 40.60
CA VAL B 326 -1.68 12.95 40.12
C VAL B 326 -2.29 14.29 40.52
N VAL B 327 -1.45 15.19 41.03
CA VAL B 327 -1.85 16.52 41.42
C VAL B 327 -2.12 17.29 40.13
N GLY B 328 -3.29 17.95 40.07
CA GLY B 328 -3.73 18.69 38.90
C GLY B 328 -4.64 17.86 38.00
N GLY B 329 -4.97 16.63 38.40
CA GLY B 329 -5.83 15.78 37.61
C GLY B 329 -5.01 14.78 36.78
N HIS B 330 -5.69 13.82 36.15
CA HIS B 330 -4.99 12.68 35.54
C HIS B 330 -4.19 13.09 34.29
N GLY B 331 -4.35 14.33 33.81
CA GLY B 331 -3.53 14.82 32.70
C GLY B 331 -2.20 15.41 33.16
N GLY B 332 -2.06 15.65 34.45
CA GLY B 332 -0.84 16.25 34.99
C GLY B 332 -0.81 17.77 34.79
N GLN B 333 0.34 18.37 35.11
CA GLN B 333 0.56 19.80 35.04
C GLN B 333 1.84 20.09 34.26
N VAL B 334 1.91 21.29 33.68
CA VAL B 334 3.11 21.75 32.98
C VAL B 334 4.14 22.14 34.04
N GLU B 335 3.68 22.87 35.07
CA GLU B 335 4.57 23.32 36.13
C GLU B 335 4.16 22.69 37.45
N VAL B 336 5.16 22.23 38.22
CA VAL B 336 4.92 21.43 39.41
C VAL B 336 5.82 21.94 40.53
N ASP B 337 5.28 22.00 41.75
CA ASP B 337 6.08 22.36 42.92
C ASP B 337 7.15 21.30 43.19
N ALA B 338 8.38 21.77 43.34
CA ALA B 338 9.50 20.90 43.71
C ALA B 338 9.33 20.38 45.14
N PRO B 339 10.07 19.32 45.55
CA PRO B 339 9.97 18.80 46.91
C PRO B 339 10.24 19.88 47.96
N LYS B 340 9.54 19.82 49.09
CA LYS B 340 9.75 20.74 50.21
C LYS B 340 11.22 20.73 50.68
N ASP B 341 11.84 19.56 50.69
CA ASP B 341 13.21 19.40 51.14
C ASP B 341 14.20 19.47 49.97
N ALA B 342 13.77 20.00 48.83
CA ALA B 342 14.63 20.02 47.65
C ALA B 342 15.96 20.72 47.99
N ILE B 343 17.07 20.17 47.48
CA ILE B 343 18.38 20.81 47.57
C ILE B 343 18.75 21.30 46.17
N GLU B 344 19.05 22.59 46.04
CA GLU B 344 19.29 23.22 44.74
C GLU B 344 20.39 22.46 43.99
N THR B 345 20.10 22.11 42.74
CA THR B 345 21.08 21.54 41.82
C THR B 345 21.36 22.59 40.74
N THR B 346 22.61 22.83 40.41
CA THR B 346 22.92 23.76 39.35
C THR B 346 23.01 22.96 38.06
N ALA B 347 22.36 23.48 37.03
CA ALA B 347 22.44 22.91 35.70
C ALA B 347 22.53 24.05 34.70
N PRO B 348 23.03 23.78 33.46
CA PRO B 348 23.02 24.82 32.43
C PRO B 348 21.59 25.35 32.25
N LYS B 349 21.44 26.57 31.75
CA LYS B 349 20.13 27.15 31.50
C LYS B 349 19.42 26.41 30.36
N ASP B 350 20.19 25.85 29.42
CA ASP B 350 19.63 25.10 28.30
C ASP B 350 20.60 23.99 27.89
N HIS B 351 20.34 23.35 26.75
CA HIS B 351 21.17 22.21 26.33
C HIS B 351 22.05 22.58 25.14
N SER B 352 22.32 23.88 24.94
CA SER B 352 23.29 24.32 23.96
C SER B 352 24.64 23.62 24.17
N GLN B 353 25.41 23.45 23.08
CA GLN B 353 26.64 22.68 23.14
C GLN B 353 27.67 23.35 22.25
N HIS B 354 28.87 23.63 22.79
CA HIS B 354 29.92 24.32 22.08
C HIS B 354 31.17 23.44 22.17
N ASP B 355 31.46 22.72 21.09
CA ASP B 355 32.50 21.71 21.14
C ASP B 355 33.65 22.10 20.22
N ASP B 356 34.86 22.28 20.78
CA ASP B 356 36.05 22.59 20.00
C ASP B 356 36.87 21.32 19.72
N PHE B 357 36.43 20.17 20.24
CA PHE B 357 37.09 18.89 20.03
C PHE B 357 38.52 18.97 20.58
N ASP B 358 38.67 19.67 21.70
CA ASP B 358 39.95 19.87 22.36
C ASP B 358 40.27 18.68 23.27
N GLN B 359 39.26 17.90 23.65
CA GLN B 359 39.42 16.77 24.57
C GLN B 359 39.65 15.46 23.80
N PRO B 360 40.40 14.49 24.37
CA PRO B 360 40.62 13.19 23.74
C PRO B 360 39.45 12.21 23.72
N THR B 361 38.36 12.50 24.43
CA THR B 361 37.16 11.68 24.35
C THR B 361 35.96 12.57 24.03
N LEU B 362 34.91 11.98 23.42
CA LEU B 362 33.75 12.72 22.96
C LEU B 362 32.96 13.27 24.14
N ASP B 363 32.52 14.53 24.03
CA ASP B 363 31.49 15.06 24.92
C ASP B 363 30.37 14.02 25.05
N LEU B 364 29.84 13.86 26.27
CA LEU B 364 28.91 12.77 26.55
C LEU B 364 27.55 13.02 25.88
N ASN B 365 27.26 14.22 25.39
CA ASN B 365 26.02 14.45 24.65
C ASN B 365 26.04 13.80 23.26
N TRP B 366 27.23 13.46 22.76
CA TRP B 366 27.38 12.74 21.50
C TRP B 366 27.03 11.28 21.69
N ASN B 367 26.35 10.71 20.69
CA ASN B 367 26.09 9.28 20.60
C ASN B 367 26.52 8.79 19.22
N THR B 368 26.77 7.48 19.14
CA THR B 368 27.03 6.81 17.88
C THR B 368 25.88 5.86 17.60
N LEU B 369 25.80 5.38 16.35
CA LEU B 369 24.81 4.38 16.00
C LEU B 369 25.38 3.01 16.33
N ARG B 370 24.75 2.35 17.32
CA ARG B 370 24.82 0.91 17.55
C ARG B 370 26.11 0.46 18.21
N GLN B 371 27.24 1.08 17.85
CA GLN B 371 28.57 0.61 18.16
C GLN B 371 29.39 1.75 18.78
N PRO B 372 30.40 1.44 19.62
CA PRO B 372 31.28 2.46 20.20
C PRO B 372 32.09 3.25 19.16
N PHE B 373 32.48 4.46 19.55
CA PHE B 373 33.38 5.27 18.73
C PHE B 373 34.77 4.68 18.80
N THR B 374 35.19 3.88 17.81
CA THR B 374 36.51 3.25 17.84
C THR B 374 37.40 3.95 16.84
N ALA B 375 38.67 3.54 16.79
CA ALA B 375 39.65 4.09 15.86
C ALA B 375 39.20 3.88 14.41
N GLN B 376 38.41 2.81 14.17
CA GLN B 376 37.83 2.52 12.86
C GLN B 376 36.89 3.66 12.38
N MET B 377 36.16 4.27 13.32
CA MET B 377 35.26 5.36 12.96
C MET B 377 36.02 6.69 12.88
N GLY B 378 37.10 6.81 13.66
CA GLY B 378 37.87 8.04 13.68
C GLY B 378 38.46 8.34 15.06
N SER B 379 38.70 9.65 15.31
CA SER B 379 39.40 10.11 16.50
C SER B 379 38.94 11.52 16.85
N VAL B 380 39.16 11.91 18.10
CA VAL B 380 38.90 13.26 18.54
C VAL B 380 40.03 13.71 19.46
N GLY B 381 40.38 14.99 19.39
CA GLY B 381 41.43 15.55 20.23
C GLY B 381 42.23 16.59 19.47
N ASN B 382 42.93 17.45 20.24
CA ASN B 382 43.78 18.51 19.72
C ASN B 382 43.02 19.43 18.75
N GLY B 383 41.71 19.63 18.97
CA GLY B 383 40.97 20.67 18.27
C GLY B 383 40.24 20.17 17.04
N GLU B 384 40.30 18.85 16.76
CA GLU B 384 39.70 18.29 15.54
C GLU B 384 39.02 16.95 15.83
N LEU B 385 37.86 16.76 15.16
CA LEU B 385 37.20 15.49 15.01
C LEU B 385 37.56 14.97 13.61
N LYS B 386 38.08 13.73 13.58
CA LYS B 386 38.29 13.01 12.33
C LYS B 386 37.27 11.88 12.26
N LEU B 387 36.50 11.84 11.18
CA LEU B 387 35.63 10.72 10.91
C LEU B 387 36.12 10.04 9.65
N ILE B 388 36.36 8.75 9.75
CA ILE B 388 36.78 7.92 8.63
C ILE B 388 35.53 7.42 7.92
N GLY B 389 35.35 7.85 6.67
CA GLY B 389 34.21 7.44 5.86
C GLY B 389 34.09 5.92 5.80
N GLN B 390 32.94 5.42 6.27
CA GLN B 390 32.55 4.03 6.13
C GLN B 390 31.18 3.98 5.47
N GLN B 391 30.22 3.27 6.07
CA GLN B 391 28.92 3.04 5.46
C GLN B 391 28.01 4.26 5.65
N THR B 392 26.98 4.36 4.81
CA THR B 392 26.06 5.48 4.80
C THR B 392 25.12 5.38 6.00
N MET B 393 24.40 6.47 6.25
CA MET B 393 23.37 6.54 7.27
C MET B 393 22.23 5.55 7.03
N SER B 394 22.19 4.95 5.84
CA SER B 394 21.20 3.93 5.51
C SER B 394 21.59 2.54 6.05
N SER B 395 22.78 2.39 6.66
CA SER B 395 23.28 1.09 7.11
C SER B 395 23.06 0.88 8.60
N ASN B 396 22.88 -0.39 8.98
CA ASN B 396 22.87 -0.79 10.38
C ASN B 396 24.25 -1.27 10.84
N PHE B 397 25.29 -0.99 10.03
CA PHE B 397 26.63 -1.48 10.28
C PHE B 397 27.68 -0.41 9.99
N ASP B 398 28.59 -0.17 10.96
CA ASP B 398 29.81 0.60 10.73
C ASP B 398 29.52 1.95 10.08
N VAL B 399 28.78 2.81 10.80
CA VAL B 399 28.52 4.16 10.34
C VAL B 399 29.34 5.14 11.18
N SER B 400 30.21 5.90 10.49
CA SER B 400 31.03 6.91 11.14
C SER B 400 30.22 8.18 11.27
N LEU B 401 29.50 8.25 12.39
CA LEU B 401 28.57 9.30 12.68
C LEU B 401 28.59 9.57 14.18
N ILE B 402 28.58 10.85 14.56
CA ILE B 402 28.27 11.23 15.94
C ILE B 402 27.12 12.23 15.88
N ALA B 403 26.18 12.13 16.81
CA ALA B 403 25.02 13.00 16.82
C ALA B 403 24.51 13.19 18.24
N ARG B 404 23.75 14.27 18.40
CA ARG B 404 23.18 14.64 19.68
C ARG B 404 21.72 14.99 19.47
N ARG B 405 20.92 14.82 20.52
CA ARG B 405 19.48 14.97 20.42
C ARG B 405 19.09 16.41 20.05
N TRP B 406 18.04 16.54 19.24
CA TRP B 406 17.27 17.78 19.23
C TRP B 406 16.65 17.95 20.62
N GLN B 407 16.95 19.06 21.31
CA GLN B 407 16.42 19.26 22.64
C GLN B 407 15.71 20.61 22.79
N ALA B 408 15.53 21.33 21.66
CA ALA B 408 14.68 22.50 21.57
C ALA B 408 14.01 22.47 20.22
N PHE B 409 12.86 23.15 20.07
CA PHE B 409 12.14 23.17 18.80
C PHE B 409 12.84 24.08 17.80
N ASN B 410 13.54 25.09 18.31
CA ASN B 410 14.27 26.04 17.49
C ASN B 410 15.73 26.05 17.90
N PHE B 411 16.64 25.87 16.92
CA PHE B 411 18.07 25.91 17.17
C PHE B 411 18.82 26.07 15.85
N ASP B 412 20.06 26.55 16.00
CA ASP B 412 21.03 26.62 14.93
C ASP B 412 22.18 25.69 15.31
N ALA B 413 22.63 24.85 14.35
CA ALA B 413 23.85 24.06 14.52
C ALA B 413 24.79 24.36 13.36
N GLU B 414 26.09 24.31 13.65
CA GLU B 414 27.13 24.77 12.75
C GLU B 414 28.37 23.89 12.93
N THR B 415 29.06 23.64 11.80
CA THR B 415 30.35 23.01 11.84
C THR B 415 31.22 23.58 10.74
N LYS B 416 32.50 23.24 10.81
CA LYS B 416 33.49 23.59 9.81
C LYS B 416 34.24 22.31 9.47
N VAL B 417 34.24 21.94 8.19
CA VAL B 417 34.72 20.61 7.79
C VAL B 417 35.57 20.68 6.53
N LYS B 418 36.62 19.85 6.51
CA LYS B 418 37.47 19.65 5.33
C LYS B 418 37.31 18.20 4.88
N PHE B 419 37.17 17.99 3.56
CA PHE B 419 36.97 16.67 3.00
C PHE B 419 37.45 16.71 1.56
N ASP B 420 38.19 15.68 1.11
CA ASP B 420 38.79 15.71 -0.22
C ASP B 420 38.29 14.55 -1.08
N PRO B 421 37.00 14.50 -1.47
CA PRO B 421 36.47 13.32 -2.17
C PRO B 421 36.94 13.29 -3.62
N PHE B 422 37.14 12.09 -4.15
CA PHE B 422 37.49 11.89 -5.56
C PHE B 422 36.42 11.07 -6.27
N THR B 423 35.36 10.69 -5.55
CA THR B 423 34.24 9.96 -6.14
C THR B 423 32.96 10.40 -5.45
N TYR B 424 31.83 10.26 -6.16
CA TYR B 424 30.52 10.64 -5.68
C TYR B 424 30.08 9.72 -4.55
N GLN B 425 30.83 8.61 -4.33
CA GLN B 425 30.49 7.70 -3.26
C GLN B 425 31.09 8.14 -1.93
N GLN B 426 31.74 9.31 -1.91
CA GLN B 426 32.29 9.89 -0.72
C GLN B 426 31.51 11.15 -0.38
N MET B 427 31.00 11.21 0.85
CA MET B 427 30.14 12.32 1.29
C MET B 427 30.42 12.59 2.77
N ALA B 428 30.46 13.89 3.15
CA ALA B 428 30.65 14.24 4.55
C ALA B 428 30.04 15.61 4.83
N GLY B 429 29.40 15.74 6.01
CA GLY B 429 28.83 17.02 6.39
C GLY B 429 27.94 16.94 7.64
N LEU B 430 26.90 17.76 7.62
CA LEU B 430 26.11 18.07 8.80
C LEU B 430 24.72 17.48 8.58
N ALA B 431 24.29 16.58 9.48
CA ALA B 431 23.07 15.82 9.27
C ALA B 431 22.04 16.00 10.37
N ASN B 432 20.77 15.83 9.97
CA ASN B 432 19.66 15.60 10.87
C ASN B 432 19.09 14.21 10.62
N ILE B 433 18.98 13.38 11.65
CA ILE B 433 18.67 11.97 11.47
C ILE B 433 17.65 11.51 12.51
N TYR B 434 16.68 10.71 12.06
CA TYR B 434 15.82 9.93 12.94
C TYR B 434 16.29 8.46 12.87
N ASN B 435 16.28 7.89 11.67
CA ASN B 435 16.73 6.51 11.46
C ASN B 435 17.31 6.33 10.06
N ASP B 436 17.59 5.06 9.71
CA ASP B 436 18.25 4.73 8.45
C ASP B 436 17.39 5.09 7.24
N LYS B 437 16.06 5.27 7.43
CA LYS B 437 15.18 5.60 6.32
C LYS B 437 14.61 7.01 6.46
N HIS B 438 15.06 7.76 7.46
CA HIS B 438 14.55 9.12 7.73
C HIS B 438 15.72 9.99 8.21
N TYR B 439 16.32 10.72 7.26
CA TYR B 439 17.42 11.63 7.55
C TYR B 439 17.60 12.62 6.40
N SER B 440 18.42 13.63 6.66
CA SER B 440 18.80 14.61 5.67
C SER B 440 20.18 15.15 6.04
N TRP B 441 20.82 15.82 5.09
CA TRP B 441 22.08 16.49 5.39
C TRP B 441 22.54 17.40 4.26
N ILE B 442 23.50 18.25 4.57
CA ILE B 442 24.24 19.03 3.61
C ILE B 442 25.67 18.53 3.70
N PHE B 443 26.31 18.30 2.54
CA PHE B 443 27.56 17.58 2.53
C PHE B 443 28.44 18.00 1.36
N ILE B 444 29.74 17.77 1.56
CA ILE B 444 30.74 17.84 0.51
C ILE B 444 30.77 16.48 -0.19
N THR B 445 30.79 16.50 -1.53
CA THR B 445 30.97 15.29 -2.33
C THR B 445 31.72 15.66 -3.61
N TRP B 446 31.71 14.76 -4.59
CA TRP B 446 32.43 14.95 -5.82
C TRP B 446 31.47 14.70 -6.97
N ASP B 447 31.57 15.49 -8.04
CA ASP B 447 30.81 15.16 -9.24
C ASP B 447 31.74 15.21 -10.44
N GLU B 448 31.26 14.60 -11.51
CA GLU B 448 32.02 14.32 -12.71
C GLU B 448 32.43 15.60 -13.43
N LYS B 449 31.57 16.64 -13.40
CA LYS B 449 31.79 17.85 -14.19
C LYS B 449 32.48 18.96 -13.39
N LYS B 450 32.25 19.05 -12.08
CA LYS B 450 32.75 20.18 -11.31
C LYS B 450 33.82 19.80 -10.29
N GLY B 451 33.96 18.52 -9.96
CA GLY B 451 34.81 18.13 -8.86
C GLY B 451 34.12 18.31 -7.51
N HIS B 452 34.82 18.90 -6.54
CA HIS B 452 34.27 19.05 -5.20
C HIS B 452 33.05 19.98 -5.25
N VAL B 453 31.93 19.49 -4.72
CA VAL B 453 30.70 20.24 -4.69
C VAL B 453 29.99 20.07 -3.35
N ILE B 454 28.94 20.88 -3.16
CA ILE B 454 28.04 20.80 -2.03
C ILE B 454 26.67 20.36 -2.54
N GLU B 455 26.08 19.38 -1.84
CA GLU B 455 24.76 18.89 -2.13
C GLU B 455 23.95 18.85 -0.84
N VAL B 456 22.64 18.79 -0.99
CA VAL B 456 21.71 18.50 0.10
C VAL B 456 20.84 17.33 -0.32
N ALA B 457 20.63 16.39 0.60
CA ALA B 457 19.81 15.22 0.31
C ALA B 457 18.93 14.88 1.51
N GLN B 458 17.76 14.33 1.21
CA GLN B 458 16.83 13.81 2.19
C GLN B 458 16.45 12.36 1.83
N ASN B 459 16.46 11.49 2.82
CA ASN B 459 15.88 10.17 2.72
C ASN B 459 14.56 10.16 3.51
N ASP B 460 13.45 10.05 2.80
CA ASP B 460 12.10 10.08 3.37
C ASP B 460 11.44 8.73 3.12
N ASN B 461 11.67 7.79 4.04
CA ASN B 461 11.16 6.43 3.92
C ASN B 461 11.60 5.82 2.61
N ASN B 462 12.90 5.99 2.30
CA ASN B 462 13.52 5.46 1.09
C ASN B 462 13.04 6.15 -0.18
N ASN B 463 12.20 7.20 -0.07
CA ASN B 463 12.04 8.17 -1.15
C ASN B 463 13.20 9.17 -1.01
N TYR B 464 14.20 9.05 -1.88
CA TYR B 464 15.46 9.74 -1.72
C TYR B 464 15.50 10.91 -2.70
N THR B 465 15.80 12.10 -2.19
CA THR B 465 15.85 13.31 -3.03
C THR B 465 17.22 13.96 -2.90
N SER B 466 17.88 14.19 -4.03
CA SER B 466 19.01 15.08 -4.14
C SER B 466 18.50 16.43 -4.62
N TYR B 467 18.66 17.47 -3.82
CA TYR B 467 18.01 18.75 -4.12
C TYR B 467 18.71 19.52 -5.23
N LEU B 468 20.03 19.56 -5.25
CA LEU B 468 20.70 20.43 -6.21
C LEU B 468 21.05 19.67 -7.49
N LYS B 469 21.35 18.37 -7.38
CA LYS B 469 21.66 17.54 -8.53
C LYS B 469 22.85 18.11 -9.28
N ASP B 470 22.75 18.20 -10.61
CA ASP B 470 23.78 18.80 -11.45
C ASP B 470 24.15 20.21 -11.00
N ASP B 471 23.26 20.91 -10.29
CA ASP B 471 23.52 22.27 -9.86
C ASP B 471 24.11 22.31 -8.47
N ALA B 472 24.67 21.19 -8.00
CA ALA B 472 25.45 21.19 -6.78
C ALA B 472 26.47 22.33 -6.83
N ILE B 473 26.73 22.96 -5.68
CA ILE B 473 27.53 24.17 -5.61
C ILE B 473 29.01 23.79 -5.74
N LYS B 474 29.68 24.34 -6.75
CA LYS B 474 31.12 24.14 -6.91
C LYS B 474 31.86 24.79 -5.74
N ILE B 475 32.77 24.02 -5.13
CA ILE B 475 33.67 24.52 -4.10
C ILE B 475 34.87 25.17 -4.78
N PRO B 476 35.12 26.50 -4.61
CA PRO B 476 36.23 27.19 -5.29
C PRO B 476 37.57 26.50 -5.06
N ASP B 477 38.41 26.48 -6.11
CA ASP B 477 39.65 25.71 -6.13
C ASP B 477 40.46 25.86 -4.84
N GLY B 478 40.66 27.10 -4.37
CA GLY B 478 41.51 27.28 -3.21
C GLY B 478 40.86 26.91 -1.87
N THR B 479 39.59 26.51 -1.84
CA THR B 479 38.85 26.41 -0.58
C THR B 479 39.34 25.23 0.26
N ASN B 480 39.75 25.54 1.48
CA ASN B 480 40.24 24.55 2.44
C ASN B 480 39.06 23.89 3.16
N TYR B 481 38.46 24.62 4.10
CA TYR B 481 37.36 24.12 4.88
C TYR B 481 36.06 24.62 4.25
N VAL B 482 34.94 23.93 4.52
CA VAL B 482 33.61 24.45 4.23
C VAL B 482 32.84 24.55 5.55
N TRP B 483 32.06 25.61 5.71
CA TRP B 483 31.23 25.79 6.89
C TRP B 483 29.81 25.40 6.55
N PHE B 484 29.12 24.72 7.45
CA PHE B 484 27.75 24.31 7.25
C PHE B 484 26.93 24.72 8.48
N ARG B 485 25.65 25.01 8.21
CA ARG B 485 24.72 25.34 9.25
C ARG B 485 23.39 24.70 8.96
N THR B 486 22.66 24.33 10.01
CA THR B 486 21.26 23.94 9.85
C THR B 486 20.48 24.76 10.84
N LYS B 487 19.33 25.26 10.39
CA LYS B 487 18.46 26.08 11.21
C LYS B 487 17.14 25.36 11.30
N VAL B 488 16.87 24.83 12.49
CA VAL B 488 15.64 24.11 12.75
C VAL B 488 14.64 25.06 13.41
N ARG B 489 13.43 25.11 12.85
CA ARG B 489 12.39 26.05 13.23
C ARG B 489 11.07 25.31 13.43
N LYS B 490 11.09 24.32 14.33
CA LYS B 490 9.93 23.56 14.76
C LYS B 490 9.39 22.69 13.63
N GLN B 491 8.56 23.26 12.74
CA GLN B 491 7.85 22.50 11.74
C GLN B 491 8.74 22.21 10.52
N SER B 492 9.81 23.01 10.36
CA SER B 492 10.62 22.97 9.17
C SER B 492 12.06 23.38 9.50
N TYR B 493 12.96 23.09 8.55
CA TYR B 493 14.38 23.37 8.73
C TYR B 493 15.07 23.55 7.36
N THR B 494 16.25 24.18 7.39
CA THR B 494 17.03 24.52 6.20
C THR B 494 18.49 24.24 6.49
N TYR B 495 19.28 24.25 5.40
CA TYR B 495 20.71 24.18 5.44
C TYR B 495 21.32 25.40 4.75
N GLU B 496 22.51 25.78 5.23
CA GLU B 496 23.29 26.89 4.69
C GLU B 496 24.75 26.45 4.62
N TYR B 497 25.54 27.15 3.81
CA TYR B 497 26.97 26.89 3.70
C TYR B 497 27.70 28.21 3.57
N SER B 498 29.01 28.18 3.81
CA SER B 498 29.90 29.32 3.66
C SER B 498 31.30 28.81 3.32
N PHE B 499 32.04 29.58 2.51
CA PHE B 499 33.42 29.27 2.18
C PHE B 499 34.39 30.08 3.02
N ASP B 500 33.90 30.93 3.92
CA ASP B 500 34.78 31.75 4.74
C ASP B 500 34.31 31.87 6.18
N GLY B 501 33.12 31.39 6.51
CA GLY B 501 32.62 31.41 7.87
C GLY B 501 31.87 32.71 8.19
N GLN B 502 31.78 33.61 7.21
CA GLN B 502 31.18 34.93 7.41
C GLN B 502 30.00 35.18 6.46
N ASN B 503 30.20 34.82 5.18
CA ASN B 503 29.18 34.98 4.16
C ASN B 503 28.49 33.65 3.93
N TRP B 504 27.20 33.61 4.26
CA TRP B 504 26.39 32.42 4.24
C TRP B 504 25.38 32.47 3.12
N GLU B 505 25.23 31.32 2.44
CA GLU B 505 24.23 31.15 1.40
C GLU B 505 23.23 30.10 1.87
N THR B 506 21.94 30.39 1.73
CA THR B 506 20.91 29.44 2.13
C THR B 506 20.60 28.54 0.92
N VAL B 507 20.56 27.23 1.14
CA VAL B 507 20.08 26.36 0.08
C VAL B 507 18.57 26.53 0.07
N PRO B 508 17.96 26.94 -1.05
CA PRO B 508 16.55 27.35 -1.05
C PRO B 508 15.56 26.19 -1.05
N VAL B 509 15.64 25.36 -0.01
CA VAL B 509 14.67 24.30 0.19
C VAL B 509 14.32 24.29 1.68
N GLU B 510 13.01 24.24 1.96
CA GLU B 510 12.52 24.08 3.31
C GLU B 510 12.20 22.60 3.50
N LEU B 511 12.84 21.95 4.48
CA LEU B 511 12.61 20.54 4.73
C LEU B 511 11.56 20.41 5.82
N ASP B 512 10.72 19.36 5.68
CA ASP B 512 9.65 19.09 6.63
C ASP B 512 10.22 18.36 7.84
N ALA B 513 10.15 18.99 9.02
CA ALA B 513 10.68 18.36 10.23
C ALA B 513 9.85 17.13 10.61
N ALA B 514 8.59 17.05 10.15
CA ALA B 514 7.74 15.92 10.52
C ALA B 514 8.32 14.60 10.01
N ILE B 515 9.18 14.63 8.99
CA ILE B 515 9.82 13.43 8.48
C ILE B 515 10.74 12.79 9.54
N LEU B 516 11.23 13.58 10.51
CA LEU B 516 12.06 13.09 11.58
C LEU B 516 11.30 13.06 12.92
N SER B 517 10.08 12.55 12.90
CA SER B 517 9.20 12.48 14.08
C SER B 517 8.70 11.05 14.28
N ASP B 518 8.42 10.68 15.54
CA ASP B 518 7.93 9.36 15.90
C ASP B 518 6.63 9.08 15.15
N ASP B 519 5.74 10.08 15.10
CA ASP B 519 4.39 9.94 14.57
C ASP B 519 4.40 9.68 13.06
N TYR B 520 5.37 10.23 12.35
CA TYR B 520 5.53 9.95 10.93
C TYR B 520 6.11 8.54 10.70
N VAL B 521 7.15 8.17 11.47
CA VAL B 521 7.83 6.88 11.26
C VAL B 521 6.85 5.74 11.55
N LEU B 522 5.97 5.94 12.55
N LEU B 522 5.97 5.94 12.55
CA LEU B 522 4.95 4.97 12.95
CA LEU B 522 4.95 4.98 12.95
C LEU B 522 4.02 4.61 11.80
C LEU B 522 4.02 4.61 11.80
N GLN B 523 3.86 5.49 10.82
CA GLN B 523 2.95 5.25 9.72
C GLN B 523 3.37 4.04 8.88
N ASN B 524 4.68 3.78 8.77
CA ASN B 524 5.15 2.74 7.87
C ASN B 524 6.18 1.81 8.52
N TYR B 525 6.38 1.93 9.85
CA TYR B 525 7.33 1.09 10.56
C TYR B 525 6.90 1.00 12.04
N GLY B 526 7.04 -0.19 12.63
CA GLY B 526 6.59 -0.46 13.99
C GLY B 526 7.59 -0.07 15.07
N GLY B 527 8.77 0.44 14.68
CA GLY B 527 9.74 0.98 15.64
C GLY B 527 9.85 2.50 15.48
N PHE B 528 9.34 3.25 16.48
CA PHE B 528 9.27 4.71 16.37
C PHE B 528 9.45 5.32 17.75
N PHE B 529 10.56 4.95 18.41
CA PHE B 529 10.69 5.16 19.84
C PHE B 529 11.80 6.12 20.23
N THR B 530 12.41 6.85 19.27
CA THR B 530 13.57 7.67 19.58
C THR B 530 13.19 9.16 19.48
N GLY B 531 13.60 9.83 18.40
CA GLY B 531 13.56 11.28 18.32
C GLY B 531 14.65 11.76 17.39
N ALA B 532 14.55 13.01 16.94
CA ALA B 532 15.48 13.54 15.97
C ALA B 532 16.82 13.86 16.64
N PHE B 533 17.90 13.69 15.89
CA PHE B 533 19.25 14.02 16.28
C PHE B 533 19.90 14.88 15.21
N VAL B 534 20.90 15.67 15.62
CA VAL B 534 21.71 16.46 14.69
C VAL B 534 23.16 16.07 14.92
N GLY B 535 23.94 16.01 13.85
CA GLY B 535 25.33 15.63 14.02
C GLY B 535 26.14 15.67 12.74
N LEU B 536 27.26 14.91 12.79
CA LEU B 536 28.35 15.02 11.86
C LEU B 536 28.63 13.61 11.36
N MET B 537 28.82 13.45 10.04
CA MET B 537 29.14 12.12 9.54
C MET B 537 29.91 12.21 8.24
N ALA B 538 30.68 11.12 8.02
CA ALA B 538 31.38 10.92 6.78
C ALA B 538 31.07 9.49 6.30
N ALA B 539 30.83 9.39 5.00
CA ALA B 539 30.61 8.12 4.33
C ALA B 539 31.61 7.96 3.18
N ASP B 540 32.08 6.71 2.99
CA ASP B 540 32.84 6.33 1.81
C ASP B 540 32.43 4.91 1.44
N TYR B 541 31.41 4.78 0.60
CA TYR B 541 30.93 3.48 0.19
C TYR B 541 31.70 2.99 -1.03
N ALA B 542 32.70 3.76 -1.50
CA ALA B 542 33.77 3.21 -2.35
C ALA B 542 34.74 2.35 -1.54
N GLY B 543 34.70 2.48 -0.22
CA GLY B 543 35.51 1.69 0.68
C GLY B 543 36.95 2.17 0.80
N TYR B 544 37.25 3.44 0.43
CA TYR B 544 38.61 3.96 0.47
C TYR B 544 38.87 4.82 1.71
N LYS B 545 37.98 4.81 2.70
CA LYS B 545 38.28 5.34 4.02
C LYS B 545 38.64 6.82 3.99
N ARG B 546 37.98 7.61 3.14
CA ARG B 546 38.28 9.03 3.03
C ARG B 546 37.94 9.74 4.34
N VAL B 547 38.84 10.63 4.80
CA VAL B 547 38.74 11.22 6.13
C VAL B 547 38.15 12.63 6.06
N ALA B 548 37.14 12.89 6.89
CA ALA B 548 36.60 14.24 7.04
C ALA B 548 37.08 14.81 8.37
N THR B 549 37.56 16.07 8.36
CA THR B 549 38.06 16.72 9.56
C THR B 549 37.13 17.87 9.91
N PHE B 550 36.61 17.86 11.14
CA PHE B 550 35.70 18.87 11.64
C PHE B 550 36.39 19.64 12.75
N ASP B 551 36.44 20.96 12.64
CA ASP B 551 37.20 21.77 13.58
C ASP B 551 36.39 22.09 14.82
N TYR B 552 35.06 22.18 14.68
CA TYR B 552 34.21 22.41 15.84
C TYR B 552 32.78 22.02 15.52
N PHE B 553 31.95 22.00 16.57
CA PHE B 553 30.51 21.89 16.42
C PHE B 553 29.83 22.84 17.40
N ASP B 554 28.86 23.61 16.92
CA ASP B 554 28.07 24.47 17.78
C ASP B 554 26.59 24.15 17.63
N TYR B 555 25.90 23.96 18.77
CA TYR B 555 24.46 23.78 18.81
C TYR B 555 23.90 24.82 19.77
N GLN B 556 23.12 25.75 19.19
CA GLN B 556 22.60 26.92 19.89
C GLN B 556 21.08 26.87 19.91
N GLU B 557 20.51 26.61 21.10
CA GLU B 557 19.08 26.56 21.29
C GLU B 557 18.54 28.00 21.32
N LEU B 558 17.34 28.17 20.77
CA LEU B 558 16.71 29.46 20.67
C LEU B 558 15.38 29.38 21.42
N PRO B 559 14.79 30.52 21.82
CA PRO B 559 13.48 30.49 22.50
C PRO B 559 12.39 29.84 21.65
N ASP B 560 11.41 29.22 22.31
CA ASP B 560 10.21 28.73 21.60
C ASP B 560 9.42 29.94 21.06
N MET C 21 27.70 -38.52 -21.13
CA MET C 21 27.83 -37.80 -22.43
C MET C 21 27.04 -36.51 -22.36
N LYS C 22 26.10 -36.34 -21.42
CA LYS C 22 25.06 -35.33 -21.56
C LYS C 22 24.84 -34.53 -20.29
N ILE C 23 25.14 -33.22 -20.35
CA ILE C 23 24.77 -32.25 -19.32
C ILE C 23 23.26 -32.11 -19.33
N GLN C 24 22.61 -32.33 -18.17
CA GLN C 24 21.18 -32.12 -18.04
C GLN C 24 20.91 -30.89 -17.16
N ASN C 25 20.41 -29.81 -17.75
CA ASN C 25 20.27 -28.55 -17.03
C ASN C 25 18.94 -28.50 -16.27
N PRO C 26 18.87 -27.90 -15.07
CA PRO C 26 20.02 -27.38 -14.33
C PRO C 26 20.94 -28.46 -13.76
N VAL C 27 22.26 -28.28 -13.86
CA VAL C 27 23.22 -29.28 -13.39
C VAL C 27 23.37 -29.19 -11.88
N LEU C 28 23.24 -27.98 -11.31
CA LEU C 28 23.26 -27.78 -9.87
C LEU C 28 21.85 -27.33 -9.49
N PRO C 29 20.96 -28.26 -9.07
CA PRO C 29 19.57 -27.92 -8.80
C PRO C 29 19.37 -27.28 -7.42
N GLY C 30 18.27 -26.53 -7.30
CA GLY C 30 18.02 -25.73 -6.11
C GLY C 30 18.99 -24.55 -6.04
N PHE C 31 19.03 -23.90 -4.88
CA PHE C 31 19.69 -22.62 -4.74
C PHE C 31 21.20 -22.78 -4.96
N ASN C 32 21.64 -22.30 -6.13
CA ASN C 32 23.02 -22.37 -6.59
C ASN C 32 23.23 -21.21 -7.58
N ALA C 33 23.21 -19.99 -7.06
CA ALA C 33 23.10 -18.79 -7.90
C ALA C 33 24.47 -18.24 -8.24
N ASP C 34 24.51 -17.37 -9.26
CA ASP C 34 25.65 -16.54 -9.56
C ASP C 34 26.92 -17.36 -9.74
N PRO C 35 26.93 -18.39 -10.62
CA PRO C 35 28.08 -19.26 -10.78
C PRO C 35 29.28 -18.53 -11.33
N SER C 36 30.39 -18.68 -10.62
CA SER C 36 31.74 -18.39 -11.10
C SER C 36 32.39 -19.74 -11.39
N MET C 37 32.76 -19.99 -12.65
CA MET C 37 33.26 -21.33 -13.02
C MET C 37 34.66 -21.19 -13.59
N ILE C 38 35.61 -21.96 -13.08
CA ILE C 38 36.97 -21.99 -13.63
C ILE C 38 37.40 -23.44 -13.92
N ARG C 39 38.49 -23.57 -14.69
CA ARG C 39 39.14 -24.85 -14.90
C ARG C 39 40.59 -24.73 -14.44
N VAL C 40 41.06 -25.73 -13.67
CA VAL C 40 42.46 -25.86 -13.32
C VAL C 40 42.90 -27.25 -13.77
N GLY C 41 43.71 -27.33 -14.82
CA GLY C 41 44.06 -28.62 -15.41
C GLY C 41 42.81 -29.32 -15.95
N ASP C 42 42.52 -30.51 -15.41
CA ASP C 42 41.39 -31.30 -15.88
C ASP C 42 40.17 -31.11 -14.99
N THR C 43 40.22 -30.20 -14.00
CA THR C 43 39.17 -30.12 -12.98
C THR C 43 38.44 -28.78 -13.11
N TYR C 44 37.11 -28.83 -13.06
CA TYR C 44 36.28 -27.64 -13.08
C TYR C 44 35.79 -27.36 -11.66
N TYR C 45 35.70 -26.06 -11.32
CA TYR C 45 35.16 -25.64 -10.05
C TYR C 45 34.09 -24.58 -10.31
N ILE C 46 32.98 -24.67 -9.57
CA ILE C 46 31.96 -23.63 -9.54
C ILE C 46 31.80 -23.10 -8.10
N ALA C 47 31.81 -21.76 -7.99
CA ALA C 47 31.50 -21.08 -6.74
C ALA C 47 30.16 -20.35 -6.89
N ASN C 48 29.26 -20.49 -5.89
CA ASN C 48 27.93 -19.92 -5.93
C ASN C 48 27.72 -18.99 -4.75
N SER C 49 26.84 -17.99 -4.94
CA SER C 49 26.44 -17.08 -3.88
C SER C 49 25.58 -17.79 -2.83
N THR C 50 25.64 -17.32 -1.57
CA THR C 50 24.99 -17.97 -0.44
C THR C 50 24.17 -16.96 0.41
N PHE C 51 24.36 -15.66 0.21
CA PHE C 51 23.56 -14.65 0.92
C PHE C 51 23.71 -14.87 2.41
N GLU C 52 22.59 -15.03 3.14
CA GLU C 52 22.60 -15.08 4.59
C GLU C 52 22.95 -16.46 5.14
N TRP C 53 23.07 -17.46 4.26
CA TRP C 53 23.29 -18.81 4.71
C TRP C 53 24.78 -19.05 4.93
N PHE C 54 25.08 -19.72 6.04
CA PHE C 54 26.42 -19.97 6.52
C PHE C 54 26.66 -21.50 6.49
N PRO C 55 27.85 -21.98 6.08
CA PRO C 55 28.98 -21.16 5.67
C PRO C 55 28.85 -20.48 4.32
N GLY C 56 29.70 -19.47 4.07
CA GLY C 56 29.58 -18.66 2.88
C GLY C 56 30.33 -19.26 1.69
N VAL C 57 29.72 -19.10 0.50
CA VAL C 57 30.25 -19.45 -0.80
C VAL C 57 30.21 -20.97 -0.94
N ARG C 58 29.37 -21.42 -1.86
CA ARG C 58 29.24 -22.85 -2.11
C ARG C 58 30.22 -23.24 -3.21
N LEU C 59 30.91 -24.38 -3.03
CA LEU C 59 31.92 -24.83 -3.97
C LEU C 59 31.53 -26.22 -4.47
N HIS C 60 31.68 -26.43 -5.78
CA HIS C 60 31.46 -27.74 -6.39
C HIS C 60 32.58 -28.03 -7.37
N GLU C 61 32.85 -29.33 -7.58
CA GLU C 61 33.95 -29.79 -8.43
C GLU C 61 33.44 -30.87 -9.38
N SER C 62 34.05 -30.93 -10.56
CA SER C 62 33.72 -31.93 -11.56
C SER C 62 34.86 -32.05 -12.55
N LYS C 63 34.94 -33.20 -13.23
CA LYS C 63 35.85 -33.34 -14.38
C LYS C 63 35.09 -33.62 -15.67
N ASP C 64 33.75 -33.63 -15.63
CA ASP C 64 32.94 -33.88 -16.84
C ASP C 64 31.90 -32.81 -17.14
N LEU C 65 31.62 -31.93 -16.16
CA LEU C 65 30.59 -30.90 -16.24
C LEU C 65 29.18 -31.47 -16.04
N VAL C 66 29.03 -32.81 -16.00
CA VAL C 66 27.72 -33.45 -15.89
C VAL C 66 27.40 -33.77 -14.44
N HIS C 67 28.37 -34.34 -13.74
CA HIS C 67 28.24 -34.78 -12.36
C HIS C 67 29.12 -33.88 -11.48
N TRP C 68 28.57 -33.44 -10.34
CA TRP C 68 29.25 -32.46 -9.51
C TRP C 68 29.28 -32.90 -8.05
N ASN C 69 30.38 -32.66 -7.33
CA ASN C 69 30.45 -32.91 -5.90
C ASN C 69 30.60 -31.61 -5.11
N LEU C 70 29.95 -31.57 -3.97
CA LEU C 70 30.04 -30.46 -3.06
C LEU C 70 31.36 -30.53 -2.31
N LEU C 71 32.07 -29.38 -2.26
CA LEU C 71 33.30 -29.24 -1.48
C LEU C 71 33.01 -28.41 -0.23
N PRO C 72 33.91 -28.40 0.79
CA PRO C 72 33.75 -27.49 1.94
C PRO C 72 33.72 -26.03 1.46
N SER C 73 32.82 -25.26 2.05
CA SER C 73 32.71 -23.84 1.77
C SER C 73 33.90 -23.09 2.34
N PRO C 74 34.47 -22.11 1.62
CA PRO C 74 35.61 -21.37 2.15
C PRO C 74 35.31 -20.54 3.40
N LEU C 75 34.14 -19.89 3.42
CA LEU C 75 33.90 -18.85 4.41
C LEU C 75 33.22 -19.48 5.63
N SER C 76 34.03 -20.11 6.48
CA SER C 76 33.53 -21.03 7.49
C SER C 76 33.79 -20.53 8.90
N THR C 77 34.35 -19.33 9.06
CA THR C 77 34.64 -18.75 10.37
C THR C 77 34.13 -17.33 10.38
N THR C 78 33.97 -16.76 11.58
CA THR C 78 33.54 -15.38 11.69
C THR C 78 34.69 -14.42 11.34
N THR C 79 35.93 -14.88 11.34
CA THR C 79 37.06 -14.12 10.78
C THR C 79 36.86 -13.92 9.28
N LEU C 80 36.34 -14.95 8.59
CA LEU C 80 36.13 -14.84 7.16
C LEU C 80 34.79 -14.17 6.84
N LEU C 81 33.77 -14.40 7.67
CA LEU C 81 32.44 -13.92 7.36
C LEU C 81 31.63 -13.72 8.64
N ASP C 82 31.22 -12.46 8.87
CA ASP C 82 30.43 -12.06 10.03
C ASP C 82 29.10 -11.45 9.57
N MET C 83 28.01 -12.22 9.65
CA MET C 83 26.73 -11.81 9.08
C MET C 83 25.63 -11.73 10.13
N LYS C 84 25.97 -11.80 11.40
CA LYS C 84 24.98 -11.65 12.44
C LYS C 84 24.26 -10.30 12.22
N GLY C 85 22.92 -10.35 12.15
CA GLY C 85 22.13 -9.15 11.95
C GLY C 85 21.92 -8.77 10.49
N ASN C 86 22.60 -9.47 9.55
CA ASN C 86 22.46 -9.14 8.15
C ASN C 86 21.01 -9.26 7.70
N PRO C 87 20.53 -8.38 6.80
CA PRO C 87 19.20 -8.55 6.23
C PRO C 87 19.18 -9.78 5.33
N ALA C 88 18.02 -10.39 5.24
CA ALA C 88 17.82 -11.50 4.33
C ALA C 88 18.17 -11.04 2.91
N SER C 89 18.96 -11.87 2.22
CA SER C 89 19.41 -11.59 0.87
C SER C 89 20.44 -10.47 0.81
N GLY C 90 20.93 -10.07 2.00
CA GLY C 90 22.26 -9.49 2.11
C GLY C 90 23.31 -10.60 2.17
N GLY C 91 24.45 -10.27 2.77
CA GLY C 91 25.52 -11.24 2.91
C GLY C 91 26.23 -11.47 1.57
N ILE C 92 26.49 -12.75 1.27
CA ILE C 92 27.37 -13.12 0.18
C ILE C 92 26.62 -13.06 -1.16
N TRP C 93 26.95 -12.05 -1.95
CA TRP C 93 26.39 -11.94 -3.28
C TRP C 93 27.29 -12.72 -4.24
N ALA C 94 27.25 -12.42 -5.53
CA ALA C 94 28.01 -13.19 -6.49
C ALA C 94 29.49 -13.20 -6.10
N PRO C 95 30.08 -14.39 -5.93
CA PRO C 95 31.52 -14.52 -5.69
C PRO C 95 32.29 -14.69 -6.99
N ASP C 96 33.60 -14.51 -6.88
CA ASP C 96 34.48 -14.70 -8.01
C ASP C 96 35.65 -15.55 -7.57
N LEU C 97 35.75 -16.75 -8.16
CA LEU C 97 36.85 -17.66 -7.96
C LEU C 97 37.79 -17.61 -9.16
N SER C 98 39.09 -17.53 -8.88
CA SER C 98 40.09 -17.53 -9.93
C SER C 98 41.29 -18.35 -9.49
N TYR C 99 42.10 -18.75 -10.46
CA TYR C 99 43.33 -19.46 -10.19
C TYR C 99 44.44 -18.79 -10.98
N ALA C 100 45.48 -18.36 -10.28
CA ALA C 100 46.66 -17.77 -10.89
C ALA C 100 47.80 -17.81 -9.89
N ASP C 101 49.03 -17.86 -10.39
CA ASP C 101 50.22 -17.79 -9.55
C ASP C 101 50.23 -18.94 -8.56
N GLY C 102 49.70 -20.09 -8.97
CA GLY C 102 49.71 -21.29 -8.17
C GLY C 102 48.77 -21.23 -6.97
N LYS C 103 47.75 -20.37 -6.99
CA LYS C 103 46.76 -20.43 -5.91
C LYS C 103 45.39 -19.95 -6.35
N PHE C 104 44.40 -20.29 -5.50
CA PHE C 104 43.01 -19.89 -5.68
C PHE C 104 42.84 -18.51 -5.04
N TRP C 105 42.09 -17.66 -5.73
CA TRP C 105 41.72 -16.34 -5.25
C TRP C 105 40.20 -16.26 -5.22
N LEU C 106 39.67 -15.85 -4.06
CA LEU C 106 38.23 -15.70 -3.92
C LEU C 106 37.90 -14.25 -3.55
N ILE C 107 37.20 -13.56 -4.45
CA ILE C 107 36.62 -12.27 -4.15
C ILE C 107 35.17 -12.50 -3.75
N TYR C 108 34.79 -12.01 -2.58
CA TYR C 108 33.42 -12.17 -2.13
C TYR C 108 32.96 -10.85 -1.52
N THR C 109 31.64 -10.70 -1.48
CA THR C 109 31.01 -9.42 -1.16
C THR C 109 30.02 -9.65 -0.02
N ASP C 110 30.10 -8.84 1.05
CA ASP C 110 29.13 -8.86 2.12
C ASP C 110 28.26 -7.62 1.98
N VAL C 111 26.99 -7.82 1.59
CA VAL C 111 26.06 -6.72 1.39
C VAL C 111 25.23 -6.52 2.66
N LYS C 112 25.19 -5.27 3.15
CA LYS C 112 24.55 -4.93 4.40
C LYS C 112 23.20 -4.25 4.20
N ILE C 113 22.91 -3.71 3.00
CA ILE C 113 21.64 -3.03 2.72
C ILE C 113 21.03 -3.61 1.44
N THR C 114 19.74 -3.99 1.48
CA THR C 114 19.10 -4.65 0.35
C THR C 114 18.01 -3.81 -0.32
N GLU C 115 17.61 -2.70 0.29
CA GLU C 115 16.56 -1.84 -0.25
C GLU C 115 16.95 -0.38 -0.10
N GLY C 116 16.45 0.45 -1.01
CA GLY C 116 16.51 1.90 -0.87
C GLY C 116 17.60 2.46 -1.76
N PRO C 117 18.01 3.73 -1.56
CA PRO C 117 19.01 4.36 -2.43
C PRO C 117 20.44 3.81 -2.35
N PHE C 118 20.77 3.12 -1.26
CA PHE C 118 22.11 2.64 -1.02
C PHE C 118 22.12 1.10 -1.01
N LYS C 119 23.31 0.53 -1.19
CA LYS C 119 23.49 -0.91 -1.16
C LYS C 119 24.88 -1.25 -0.61
N ASP C 120 25.22 -0.64 0.52
CA ASP C 120 26.56 -0.66 1.09
C ASP C 120 27.09 -2.09 1.17
N MET C 121 28.27 -2.26 0.57
CA MET C 121 28.88 -3.57 0.42
C MET C 121 30.38 -3.41 0.68
N THR C 122 31.01 -4.50 1.13
CA THR C 122 32.45 -4.58 1.15
C THR C 122 32.86 -5.82 0.37
N ASN C 123 33.83 -5.64 -0.52
CA ASN C 123 34.45 -6.72 -1.28
C ASN C 123 35.74 -7.15 -0.56
N TYR C 124 35.87 -8.46 -0.36
CA TYR C 124 36.98 -9.04 0.34
C TYR C 124 37.75 -10.01 -0.58
N LEU C 125 39.02 -10.24 -0.25
CA LEU C 125 39.89 -11.22 -0.90
C LEU C 125 40.42 -12.19 0.13
N THR C 126 40.27 -13.50 -0.16
CA THR C 126 40.98 -14.56 0.53
C THR C 126 41.61 -15.46 -0.53
N THR C 127 42.62 -16.25 -0.12
CA THR C 127 43.35 -17.11 -1.03
C THR C 127 43.63 -18.45 -0.34
N ALA C 128 43.95 -19.44 -1.18
CA ALA C 128 44.27 -20.78 -0.71
C ALA C 128 45.10 -21.48 -1.78
N THR C 129 46.08 -22.27 -1.37
CA THR C 129 46.77 -23.12 -2.34
C THR C 129 45.94 -24.40 -2.56
N ASP C 130 45.10 -24.80 -1.60
CA ASP C 130 44.25 -25.96 -1.73
C ASP C 130 42.76 -25.56 -1.71
N ILE C 131 41.98 -26.04 -2.68
CA ILE C 131 40.59 -25.61 -2.85
C ILE C 131 39.76 -25.90 -1.59
N ARG C 132 40.18 -26.90 -0.80
CA ARG C 132 39.48 -27.30 0.41
C ARG C 132 39.95 -26.49 1.61
N GLY C 133 40.87 -25.54 1.41
CA GLY C 133 41.37 -24.68 2.46
C GLY C 133 42.70 -25.16 3.03
N PRO C 134 43.26 -24.50 4.06
CA PRO C 134 42.65 -23.32 4.70
C PRO C 134 42.74 -22.06 3.84
N TRP C 135 41.88 -21.08 4.15
CA TRP C 135 41.81 -19.81 3.44
C TRP C 135 42.41 -18.69 4.31
N THR C 136 43.14 -17.76 3.69
CA THR C 136 43.82 -16.71 4.41
C THR C 136 42.81 -15.71 4.96
N ASP C 137 43.17 -15.11 6.11
CA ASP C 137 42.40 -14.03 6.72
C ASP C 137 42.11 -13.00 5.63
N PRO C 138 40.85 -12.54 5.50
CA PRO C 138 40.47 -11.70 4.37
C PRO C 138 41.07 -10.29 4.45
N ILE C 139 41.36 -9.75 3.28
CA ILE C 139 41.76 -8.38 3.03
C ILE C 139 40.52 -7.66 2.53
N ALA C 140 40.21 -6.49 3.12
CA ALA C 140 39.14 -5.68 2.56
C ALA C 140 39.69 -5.01 1.30
N VAL C 141 38.96 -5.11 0.18
CA VAL C 141 39.47 -4.54 -1.06
C VAL C 141 38.85 -3.18 -1.32
N ASN C 142 37.52 -3.10 -1.42
CA ASN C 142 36.82 -1.84 -1.63
C ASN C 142 35.33 -2.06 -1.47
N GLY C 143 34.55 -1.01 -1.75
CA GLY C 143 33.10 -1.07 -1.97
C GLY C 143 32.80 -0.90 -3.44
N VAL C 144 32.29 0.28 -3.82
CA VAL C 144 32.15 0.74 -5.20
C VAL C 144 30.92 0.09 -5.86
N GLY C 145 30.94 -1.25 -5.87
CA GLY C 145 29.82 -2.03 -6.35
C GLY C 145 30.03 -3.53 -6.08
N PHE C 146 28.97 -4.30 -6.25
CA PHE C 146 29.01 -5.74 -6.05
C PHE C 146 29.45 -6.39 -7.36
N ASP C 147 29.42 -7.72 -7.39
CA ASP C 147 29.86 -8.51 -8.55
C ASP C 147 31.32 -8.20 -8.90
N ALA C 148 32.15 -8.08 -7.85
CA ALA C 148 33.57 -7.83 -8.03
C ALA C 148 34.26 -9.10 -8.51
N SER C 149 35.20 -8.93 -9.44
CA SER C 149 35.85 -10.04 -10.11
C SER C 149 37.33 -9.70 -10.31
N LEU C 150 38.21 -10.64 -9.98
CA LEU C 150 39.63 -10.43 -10.07
C LEU C 150 40.10 -10.82 -11.46
N PHE C 151 40.62 -9.87 -12.21
CA PHE C 151 41.17 -10.15 -13.53
C PHE C 151 42.69 -10.21 -13.45
N HIS C 152 43.22 -11.38 -13.82
CA HIS C 152 44.65 -11.62 -13.87
C HIS C 152 45.15 -11.46 -15.31
N ASP C 153 45.73 -10.28 -15.63
CA ASP C 153 46.25 -10.06 -16.97
C ASP C 153 47.49 -10.92 -17.22
N GLU C 154 47.67 -11.37 -18.46
CA GLU C 154 48.82 -12.19 -18.84
C GLU C 154 50.14 -11.44 -18.61
N ASN C 155 50.09 -10.10 -18.61
CA ASN C 155 51.28 -9.29 -18.45
C ASN C 155 51.64 -9.09 -16.98
N GLY C 156 50.93 -9.74 -16.06
CA GLY C 156 51.33 -9.73 -14.66
C GLY C 156 50.58 -8.68 -13.83
N ARG C 157 49.90 -7.76 -14.48
CA ARG C 157 49.04 -6.79 -13.80
C ARG C 157 47.74 -7.46 -13.36
N LYS C 158 47.13 -6.91 -12.31
CA LYS C 158 45.88 -7.45 -11.81
C LYS C 158 44.93 -6.30 -11.53
N TYR C 159 43.65 -6.58 -11.73
CA TYR C 159 42.58 -5.58 -11.65
C TYR C 159 41.36 -6.16 -10.98
N LEU C 160 40.54 -5.26 -10.39
CA LEU C 160 39.20 -5.58 -9.98
C LEU C 160 38.23 -4.97 -10.98
N VAL C 161 37.32 -5.80 -11.50
CA VAL C 161 36.28 -5.33 -12.38
C VAL C 161 34.95 -5.56 -11.67
N GLN C 162 34.04 -4.58 -11.66
CA GLN C 162 32.84 -4.69 -10.84
C GLN C 162 31.71 -3.83 -11.40
N GLN C 163 30.50 -4.16 -10.94
CA GLN C 163 29.35 -3.26 -11.00
C GLN C 163 29.66 -1.97 -10.24
N THR C 164 28.93 -0.89 -10.55
CA THR C 164 29.18 0.43 -9.98
C THR C 164 27.87 1.02 -9.46
N TRP C 165 27.70 1.06 -8.14
CA TRP C 165 26.48 1.56 -7.56
C TRP C 165 26.43 3.08 -7.65
N ASP C 166 25.27 3.61 -8.07
CA ASP C 166 25.03 5.05 -8.03
C ASP C 166 23.74 5.31 -7.25
N HIS C 167 23.88 6.02 -6.12
CA HIS C 167 22.76 6.32 -5.25
C HIS C 167 21.95 7.50 -5.75
N ARG C 168 22.46 8.22 -6.76
CA ARG C 168 21.82 9.45 -7.20
C ARG C 168 20.56 9.08 -7.98
N GLU C 169 19.40 9.48 -7.44
CA GLU C 169 18.11 8.98 -7.94
C GLU C 169 17.80 9.52 -9.33
N TYR C 170 18.48 10.61 -9.75
CA TYR C 170 18.29 11.20 -11.06
C TYR C 170 19.23 10.57 -12.10
N HIS C 171 20.00 9.54 -11.71
CA HIS C 171 20.77 8.71 -12.64
C HIS C 171 20.23 7.30 -12.65
N HIS C 172 20.74 6.47 -13.56
CA HIS C 172 20.48 5.04 -13.50
C HIS C 172 21.39 4.47 -12.41
N PRO C 173 20.92 3.52 -11.58
CA PRO C 173 21.72 3.04 -10.44
C PRO C 173 22.95 2.20 -10.76
N PHE C 174 23.06 1.65 -11.98
CA PHE C 174 24.18 0.80 -12.35
C PHE C 174 25.08 1.55 -13.33
N ASN C 175 26.13 2.17 -12.79
CA ASN C 175 26.86 3.22 -13.49
C ASN C 175 28.07 2.63 -14.21
N GLY C 176 27.81 1.73 -15.16
CA GLY C 176 28.87 1.16 -15.97
C GLY C 176 29.67 0.12 -15.18
N ILE C 177 30.71 -0.38 -15.84
CA ILE C 177 31.59 -1.38 -15.28
C ILE C 177 32.91 -0.69 -14.94
N THR C 178 33.21 -0.62 -13.63
CA THR C 178 34.44 0.00 -13.17
C THR C 178 35.55 -1.04 -13.22
N LEU C 179 36.69 -0.62 -13.73
CA LEU C 179 37.93 -1.38 -13.68
C LEU C 179 38.95 -0.55 -12.91
N THR C 180 39.55 -1.15 -11.88
CA THR C 180 40.54 -0.50 -11.04
C THR C 180 41.73 -1.44 -10.92
N GLU C 181 42.94 -0.89 -10.99
CA GLU C 181 44.14 -1.72 -10.94
C GLU C 181 44.62 -1.90 -9.50
N PHE C 182 45.10 -3.12 -9.23
CA PHE C 182 45.79 -3.47 -8.00
C PHE C 182 47.26 -3.09 -8.07
N ASP C 183 47.79 -2.67 -6.92
CA ASP C 183 49.21 -2.83 -6.59
C ASP C 183 49.42 -4.28 -6.16
N THR C 184 50.13 -5.05 -6.99
CA THR C 184 50.16 -6.50 -6.83
C THR C 184 51.08 -6.91 -5.66
N ALA C 185 51.92 -5.99 -5.16
CA ALA C 185 52.76 -6.27 -4.02
C ALA C 185 51.94 -6.33 -2.72
N THR C 186 50.86 -5.52 -2.61
CA THR C 186 50.05 -5.45 -1.40
C THR C 186 48.64 -5.98 -1.65
N MET C 187 48.27 -6.17 -2.92
CA MET C 187 46.88 -6.42 -3.34
C MET C 187 45.92 -5.41 -2.71
N GLN C 188 46.31 -4.13 -2.71
CA GLN C 188 45.42 -3.02 -2.48
C GLN C 188 45.20 -2.29 -3.80
N LEU C 189 43.97 -1.83 -4.05
CA LEU C 189 43.67 -1.10 -5.26
C LEU C 189 44.33 0.28 -5.26
N LYS C 190 44.61 0.76 -6.47
CA LYS C 190 45.05 2.12 -6.72
C LYS C 190 43.86 2.91 -7.28
N PRO C 191 43.11 3.62 -6.40
CA PRO C 191 41.86 4.25 -6.81
C PRO C 191 41.97 5.18 -8.01
N GLU C 192 43.15 5.76 -8.22
CA GLU C 192 43.32 6.73 -9.28
C GLU C 192 43.20 6.07 -10.65
N THR C 193 43.30 4.73 -10.71
CA THR C 193 43.29 4.01 -11.98
C THR C 193 41.85 3.63 -12.38
N ALA C 194 40.87 3.86 -11.50
CA ALA C 194 39.47 3.51 -11.78
C ALA C 194 38.98 4.18 -13.05
N ARG C 195 38.33 3.39 -13.92
CA ARG C 195 37.58 3.98 -15.02
C ARG C 195 36.46 3.05 -15.44
N ASN C 196 35.49 3.64 -16.12
CA ASN C 196 34.37 2.93 -16.70
C ASN C 196 34.81 2.38 -18.05
N ILE C 197 34.85 1.05 -18.19
CA ILE C 197 35.26 0.39 -19.43
C ILE C 197 34.08 0.10 -20.36
N TYR C 198 32.85 0.12 -19.82
CA TYR C 198 31.68 -0.32 -20.59
C TYR C 198 30.38 0.10 -19.92
N ASN C 199 29.50 0.74 -20.70
CA ASN C 199 28.23 1.24 -20.19
C ASN C 199 27.10 0.25 -20.43
N GLY C 200 27.32 -0.82 -21.18
CA GLY C 200 26.25 -1.75 -21.45
C GLY C 200 25.34 -1.23 -22.55
N THR C 201 24.14 -1.83 -22.64
CA THR C 201 23.18 -1.54 -23.68
C THR C 201 21.96 -0.88 -23.04
N ASP C 202 20.92 -0.61 -23.83
CA ASP C 202 19.73 0.05 -23.33
C ASP C 202 19.00 -0.78 -22.27
N VAL C 203 19.35 -2.08 -22.13
CA VAL C 203 18.69 -2.92 -21.14
C VAL C 203 19.15 -2.55 -19.74
N LYS C 204 20.38 -2.01 -19.62
CA LYS C 204 20.91 -1.43 -18.39
C LYS C 204 21.02 -2.47 -17.27
N LEU C 205 21.11 -1.99 -16.01
CA LEU C 205 21.47 -2.84 -14.88
C LEU C 205 22.71 -3.68 -15.23
N VAL C 206 23.71 -3.04 -15.81
CA VAL C 206 24.94 -3.74 -16.17
C VAL C 206 25.72 -4.13 -14.91
N GLU C 207 26.07 -5.43 -14.83
CA GLU C 207 26.72 -6.03 -13.68
C GLU C 207 27.41 -7.34 -14.10
N GLY C 208 27.82 -8.15 -13.11
CA GLY C 208 28.47 -9.43 -13.30
C GLY C 208 29.62 -9.43 -14.31
N PRO C 209 30.51 -8.42 -14.32
CA PRO C 209 31.56 -8.35 -15.33
C PRO C 209 32.64 -9.40 -15.10
N HIS C 210 33.08 -10.02 -16.21
CA HIS C 210 34.27 -10.85 -16.22
C HIS C 210 35.07 -10.52 -17.47
N LEU C 211 36.40 -10.41 -17.29
CA LEU C 211 37.30 -10.14 -18.41
C LEU C 211 38.06 -11.41 -18.74
N TYR C 212 38.29 -11.63 -20.04
CA TYR C 212 39.03 -12.79 -20.55
C TYR C 212 39.94 -12.33 -21.68
N GLN C 213 41.19 -12.78 -21.70
CA GLN C 213 42.08 -12.49 -22.81
C GLN C 213 42.05 -13.65 -23.79
N ILE C 214 41.51 -13.42 -24.98
CA ILE C 214 41.31 -14.47 -25.96
C ILE C 214 41.60 -13.93 -27.36
N SER C 215 42.52 -14.59 -28.08
CA SER C 215 42.83 -14.30 -29.47
C SER C 215 43.18 -12.83 -29.68
N GLY C 216 43.98 -12.27 -28.77
CA GLY C 216 44.43 -10.90 -28.91
C GLY C 216 43.43 -9.83 -28.46
N TYR C 217 42.27 -10.23 -27.94
CA TYR C 217 41.29 -9.24 -27.48
C TYR C 217 41.04 -9.45 -26.00
N TYR C 218 40.62 -8.38 -25.33
CA TYR C 218 39.93 -8.50 -24.05
C TYR C 218 38.45 -8.66 -24.35
N TYR C 219 37.86 -9.77 -23.88
CA TYR C 219 36.43 -9.95 -23.91
C TYR C 219 35.84 -9.68 -22.54
N LEU C 220 34.76 -8.90 -22.55
CA LEU C 220 33.98 -8.59 -21.36
C LEU C 220 32.62 -9.27 -21.46
N PHE C 221 32.33 -10.14 -20.51
CA PHE C 221 31.00 -10.67 -20.31
C PHE C 221 30.36 -9.83 -19.20
N ALA C 222 29.09 -9.44 -19.36
CA ALA C 222 28.38 -8.71 -18.31
C ALA C 222 26.92 -9.12 -18.33
N ALA C 223 26.32 -9.22 -17.15
CA ALA C 223 24.88 -9.46 -16.99
C ALA C 223 24.15 -8.12 -17.12
N GLU C 224 22.92 -8.15 -17.61
CA GLU C 224 22.06 -6.98 -17.69
C GLU C 224 20.61 -7.35 -17.43
N GLY C 225 19.80 -6.33 -17.15
CA GLY C 225 18.36 -6.47 -17.10
C GLY C 225 17.82 -6.90 -15.74
N GLY C 226 18.70 -7.14 -14.77
CA GLY C 226 18.31 -7.64 -13.45
C GLY C 226 18.10 -9.16 -13.48
N THR C 227 18.08 -9.81 -12.30
CA THR C 227 18.19 -11.26 -12.22
C THR C 227 16.82 -11.96 -12.28
N VAL C 228 15.79 -11.29 -12.87
CA VAL C 228 14.48 -11.87 -13.05
C VAL C 228 14.32 -12.22 -14.54
N PHE C 229 13.11 -12.16 -15.12
CA PHE C 229 12.89 -12.74 -16.44
C PHE C 229 13.52 -11.93 -17.58
N THR C 230 13.88 -10.65 -17.31
CA THR C 230 14.52 -9.78 -18.28
C THR C 230 16.05 -9.87 -18.20
N HIS C 231 16.57 -10.79 -17.39
CA HIS C 231 17.99 -11.05 -17.27
C HIS C 231 18.55 -11.43 -18.65
N GLN C 232 19.79 -11.00 -18.89
CA GLN C 232 20.53 -11.43 -20.06
C GLN C 232 22.04 -11.30 -19.78
N GLU C 233 22.85 -11.95 -20.61
CA GLU C 233 24.28 -11.71 -20.61
C GLU C 233 24.65 -11.08 -21.95
N VAL C 234 25.52 -10.08 -21.91
CA VAL C 234 26.03 -9.48 -23.12
C VAL C 234 27.55 -9.65 -23.13
N VAL C 235 28.13 -9.49 -24.31
CA VAL C 235 29.55 -9.63 -24.55
C VAL C 235 30.02 -8.40 -25.31
N ALA C 236 31.21 -7.91 -24.94
CA ALA C 236 31.86 -6.79 -25.59
C ALA C 236 33.35 -7.11 -25.73
N ARG C 237 34.08 -6.38 -26.58
CA ARG C 237 35.51 -6.63 -26.68
C ARG C 237 36.28 -5.34 -26.96
N SER C 238 37.57 -5.38 -26.64
CA SER C 238 38.48 -4.28 -26.87
C SER C 238 39.90 -4.83 -26.99
N LYS C 239 40.75 -4.13 -27.75
CA LYS C 239 42.19 -4.41 -27.77
C LYS C 239 42.83 -3.87 -26.50
N THR C 240 42.14 -2.99 -25.76
CA THR C 240 42.74 -2.38 -24.58
C THR C 240 41.79 -2.46 -23.39
N LEU C 241 42.28 -1.95 -22.25
CA LEU C 241 41.47 -1.76 -21.05
C LEU C 241 41.19 -0.28 -20.83
N ASP C 242 41.10 0.46 -21.93
CA ASP C 242 40.87 1.89 -21.88
C ASP C 242 39.42 2.20 -21.57
N GLU C 243 39.22 3.38 -20.98
CA GLU C 243 37.91 3.93 -20.69
C GLU C 243 36.99 3.83 -21.90
N LEU C 244 35.78 3.30 -21.67
CA LEU C 244 34.73 3.15 -22.68
C LEU C 244 35.26 2.66 -24.02
N SER C 245 36.15 1.67 -24.00
CA SER C 245 36.74 1.16 -25.23
C SER C 245 36.02 -0.11 -25.72
N PHE C 246 35.12 -0.66 -24.91
CA PHE C 246 34.54 -1.96 -25.23
C PHE C 246 33.36 -1.82 -26.17
N GLU C 247 33.35 -2.63 -27.23
CA GLU C 247 32.32 -2.64 -28.25
C GLU C 247 31.43 -3.88 -28.13
N SER C 248 30.11 -3.66 -28.20
CA SER C 248 29.13 -4.71 -27.98
C SER C 248 29.07 -5.68 -29.14
N GLU C 249 28.89 -6.97 -28.79
CA GLU C 249 28.66 -8.02 -29.76
C GLU C 249 27.46 -7.64 -30.64
N PRO C 250 27.56 -7.75 -31.98
CA PRO C 250 26.40 -7.58 -32.85
C PRO C 250 25.46 -8.77 -32.71
N ASP C 251 24.18 -8.54 -32.95
CA ASP C 251 23.18 -9.60 -32.95
C ASP C 251 23.11 -10.24 -31.56
N GLY C 252 23.09 -9.40 -30.53
CA GLY C 252 23.06 -9.88 -29.15
C GLY C 252 21.63 -10.15 -28.72
N PRO C 253 21.40 -10.53 -27.44
CA PRO C 253 22.48 -10.73 -26.47
C PRO C 253 23.11 -12.11 -26.61
N PHE C 254 24.05 -12.43 -25.70
CA PHE C 254 24.74 -13.71 -25.72
C PHE C 254 23.80 -14.79 -25.19
N ILE C 255 23.15 -14.52 -24.03
CA ILE C 255 22.18 -15.46 -23.49
C ILE C 255 21.03 -14.68 -22.84
N THR C 256 19.80 -15.16 -23.05
CA THR C 256 18.60 -14.65 -22.40
C THR C 256 17.46 -15.64 -22.63
N ASN C 257 16.54 -15.69 -21.65
CA ASN C 257 15.27 -16.38 -21.81
C ASN C 257 14.11 -15.37 -21.76
N MET C 258 14.40 -14.07 -21.84
CA MET C 258 13.37 -13.05 -21.83
CA MET C 258 13.38 -13.04 -21.84
C MET C 258 12.36 -13.33 -22.94
N ASP C 259 12.87 -13.69 -24.13
CA ASP C 259 12.05 -13.85 -25.32
C ASP C 259 11.82 -15.33 -25.62
N THR C 260 12.01 -16.21 -24.63
CA THR C 260 11.61 -17.62 -24.75
C THR C 260 10.68 -17.95 -23.59
N PRO C 261 9.46 -17.36 -23.51
CA PRO C 261 8.63 -17.43 -22.30
C PRO C 261 8.07 -18.81 -21.97
N ASP C 262 8.09 -19.75 -22.94
CA ASP C 262 7.58 -21.09 -22.65
C ASP C 262 8.71 -22.10 -22.38
N PHE C 263 9.97 -21.68 -22.50
CA PHE C 263 11.10 -22.60 -22.36
C PHE C 263 11.27 -23.08 -20.92
N TYR C 264 11.75 -24.33 -20.78
CA TYR C 264 11.97 -24.97 -19.49
C TYR C 264 12.95 -24.18 -18.64
N LEU C 265 13.93 -23.51 -19.27
CA LEU C 265 14.90 -22.71 -18.55
C LEU C 265 14.52 -21.22 -18.66
N GLN C 266 14.69 -20.51 -17.54
CA GLN C 266 14.42 -19.08 -17.48
C GLN C 266 15.53 -18.36 -16.71
N LYS C 267 15.62 -17.05 -16.93
CA LYS C 267 16.44 -16.12 -16.15
C LYS C 267 17.92 -16.36 -16.37
N GLN C 268 18.31 -16.98 -17.50
CA GLN C 268 19.74 -17.20 -17.72
C GLN C 268 20.40 -15.86 -18.04
N GLY C 269 21.67 -15.76 -17.66
CA GLY C 269 22.41 -14.51 -17.76
C GLY C 269 23.73 -14.61 -17.02
N HIS C 270 23.77 -13.95 -15.87
CA HIS C 270 24.93 -13.85 -15.00
C HIS C 270 25.63 -15.19 -14.89
N GLY C 271 26.93 -15.23 -15.23
CA GLY C 271 27.66 -16.49 -15.30
C GLY C 271 29.11 -16.27 -15.71
N ALA C 272 29.78 -17.36 -16.17
CA ALA C 272 31.20 -17.33 -16.42
C ALA C 272 31.54 -18.32 -17.52
N LEU C 273 32.53 -17.93 -18.33
CA LEU C 273 33.04 -18.68 -19.47
C LEU C 273 34.27 -19.48 -19.04
N THR C 274 34.37 -20.74 -19.49
CA THR C 274 35.57 -21.53 -19.29
C THR C 274 35.87 -22.33 -20.56
N SER C 275 37.16 -22.59 -20.76
CA SER C 275 37.67 -23.46 -21.81
C SER C 275 37.81 -24.86 -21.24
N THR C 276 37.88 -25.86 -22.12
CA THR C 276 38.20 -27.24 -21.73
C THR C 276 39.65 -27.52 -22.12
N PRO C 277 40.27 -28.60 -21.64
CA PRO C 277 41.65 -28.93 -22.03
C PRO C 277 41.84 -29.01 -23.54
N SER C 278 40.79 -29.38 -24.31
CA SER C 278 40.87 -29.58 -25.75
CA SER C 278 40.88 -29.58 -25.75
C SER C 278 40.54 -28.33 -26.57
N GLY C 279 40.13 -27.25 -25.92
CA GLY C 279 39.85 -26.01 -26.65
C GLY C 279 38.36 -25.83 -26.96
N GLU C 280 37.49 -26.60 -26.30
CA GLU C 280 36.07 -26.31 -26.33
C GLU C 280 35.75 -25.22 -25.29
N TRP C 281 34.51 -24.69 -25.36
CA TRP C 281 34.09 -23.56 -24.54
C TRP C 281 32.70 -23.80 -23.97
N TYR C 282 32.56 -23.56 -22.65
CA TYR C 282 31.31 -23.70 -21.94
C TYR C 282 31.05 -22.43 -21.11
N TYR C 283 29.76 -22.22 -20.79
CA TYR C 283 29.31 -21.07 -20.01
C TYR C 283 28.36 -21.58 -18.93
N ALA C 284 28.73 -21.34 -17.66
CA ALA C 284 27.82 -21.60 -16.55
C ALA C 284 27.01 -20.34 -16.30
N SER C 285 25.68 -20.49 -16.16
CA SER C 285 24.70 -19.42 -15.99
C SER C 285 23.86 -19.72 -14.76
N LEU C 286 23.37 -18.70 -14.06
CA LEU C 286 22.27 -18.96 -13.15
C LEU C 286 21.03 -19.22 -14.02
N VAL C 287 20.05 -19.92 -13.44
CA VAL C 287 18.86 -20.33 -14.18
C VAL C 287 17.76 -20.64 -13.18
N SER C 288 16.50 -20.55 -13.63
CA SER C 288 15.37 -20.94 -12.79
C SER C 288 14.41 -21.78 -13.62
N ARG C 289 13.55 -22.52 -12.90
CA ARG C 289 12.45 -23.29 -13.46
C ARG C 289 11.18 -22.89 -12.74
N PRO C 290 10.62 -21.71 -13.09
CA PRO C 290 9.46 -21.18 -12.38
C PRO C 290 8.21 -21.93 -12.83
N TRP C 291 7.34 -22.30 -11.89
CA TRP C 291 6.15 -23.07 -12.24
C TRP C 291 4.93 -22.16 -12.04
N ASN C 292 3.77 -22.59 -12.55
CA ASN C 292 2.52 -21.84 -12.40
C ASN C 292 1.53 -22.61 -11.53
N HIS C 293 0.71 -21.88 -10.77
CA HIS C 293 -0.57 -22.41 -10.28
C HIS C 293 -1.46 -22.72 -11.49
N THR C 294 -2.44 -23.62 -11.31
CA THR C 294 -3.21 -24.11 -12.46
C THR C 294 -4.05 -23.00 -13.10
N ASN C 295 -4.51 -22.01 -12.34
CA ASN C 295 -5.39 -20.99 -12.90
C ASN C 295 -4.65 -19.81 -13.56
N GLU C 296 -3.32 -19.72 -13.42
CA GLU C 296 -2.57 -18.55 -13.86
C GLU C 296 -2.22 -18.64 -15.35
N SER C 297 -2.15 -17.47 -16.01
CA SER C 297 -1.56 -17.37 -17.33
C SER C 297 -0.09 -17.80 -17.27
N SER C 298 0.35 -18.61 -18.23
CA SER C 298 1.74 -19.06 -18.26
C SER C 298 2.70 -17.89 -18.46
N HIS C 299 2.23 -16.73 -18.95
CA HIS C 299 3.10 -15.62 -19.25
C HIS C 299 2.92 -14.44 -18.29
N ASP C 300 2.01 -14.54 -17.32
CA ASP C 300 1.87 -13.47 -16.33
C ASP C 300 1.02 -13.94 -15.16
N PRO C 301 1.61 -14.37 -14.02
CA PRO C 301 3.07 -14.28 -13.79
C PRO C 301 3.78 -15.39 -14.55
N ARG C 302 5.04 -15.15 -14.95
CA ARG C 302 5.79 -16.17 -15.66
C ARG C 302 6.08 -17.36 -14.75
N GLY C 303 6.07 -17.13 -13.41
CA GLY C 303 5.94 -18.24 -12.48
C GLY C 303 6.69 -18.01 -11.16
N TRP C 304 6.77 -19.10 -10.38
CA TRP C 304 7.30 -19.07 -9.03
C TRP C 304 8.50 -20.01 -8.92
N SER C 305 9.63 -19.46 -8.49
CA SER C 305 10.88 -20.19 -8.40
C SER C 305 11.12 -20.58 -6.93
N THR C 306 10.57 -21.73 -6.50
CA THR C 306 10.82 -22.26 -5.17
C THR C 306 12.24 -22.80 -5.03
N LEU C 307 12.78 -23.34 -6.12
CA LEU C 307 14.15 -23.82 -6.14
C LEU C 307 15.10 -22.67 -6.45
N GLY C 308 14.57 -21.45 -6.62
CA GLY C 308 15.41 -20.27 -6.67
C GLY C 308 16.22 -20.26 -7.96
N ARG C 309 17.41 -19.64 -7.87
CA ARG C 309 18.34 -19.55 -8.96
C ARG C 309 19.34 -20.68 -8.79
N GLU C 310 19.29 -21.59 -9.79
CA GLU C 310 20.09 -22.79 -9.88
C GLU C 310 21.23 -22.50 -10.88
N THR C 311 22.06 -23.51 -11.21
CA THR C 311 23.11 -23.31 -12.21
C THR C 311 22.88 -24.23 -13.42
N SER C 312 22.98 -23.62 -14.62
CA SER C 312 23.01 -24.35 -15.89
C SER C 312 24.37 -24.18 -16.56
N ILE C 313 24.66 -25.11 -17.48
CA ILE C 313 25.85 -25.02 -18.30
C ILE C 313 25.44 -25.15 -19.76
N GLN C 314 25.92 -24.21 -20.57
CA GLN C 314 25.66 -24.17 -21.99
C GLN C 314 27.00 -24.27 -22.73
N LYS C 315 26.95 -24.79 -23.96
CA LYS C 315 28.14 -24.90 -24.81
C LYS C 315 28.24 -23.62 -25.63
N VAL C 316 29.47 -23.21 -25.89
CA VAL C 316 29.77 -22.00 -26.62
C VAL C 316 30.60 -22.32 -27.86
N GLU C 317 30.26 -21.66 -28.98
CA GLU C 317 31.11 -21.65 -30.16
C GLU C 317 31.35 -20.21 -30.60
N TRP C 318 32.42 -20.05 -31.37
CA TRP C 318 32.83 -18.76 -31.87
C TRP C 318 32.46 -18.64 -33.33
N ASP C 319 31.84 -17.52 -33.69
CA ASP C 319 31.40 -17.28 -35.06
C ASP C 319 32.63 -16.77 -35.82
N ASP C 320 32.47 -16.50 -37.12
CA ASP C 320 33.57 -16.17 -37.99
C ASP C 320 34.20 -14.82 -37.63
N ALA C 321 33.39 -13.93 -37.05
CA ALA C 321 33.86 -12.59 -36.69
C ALA C 321 34.48 -12.58 -35.29
N GLY C 322 34.58 -13.73 -34.63
CA GLY C 322 35.28 -13.82 -33.36
C GLY C 322 34.36 -13.51 -32.16
N TRP C 323 33.06 -13.74 -32.33
CA TRP C 323 32.10 -13.48 -31.28
C TRP C 323 31.57 -14.80 -30.73
N PRO C 324 31.43 -14.93 -29.39
CA PRO C 324 30.92 -16.16 -28.79
C PRO C 324 29.39 -16.23 -28.87
N ARG C 325 28.89 -17.42 -29.21
CA ARG C 325 27.48 -17.70 -29.36
C ARG C 325 27.15 -18.98 -28.62
N VAL C 326 26.00 -19.00 -27.97
CA VAL C 326 25.52 -20.19 -27.28
C VAL C 326 25.02 -21.20 -28.32
N VAL C 327 25.42 -22.46 -28.16
CA VAL C 327 24.95 -23.54 -28.99
C VAL C 327 23.48 -23.78 -28.68
N GLY C 328 22.65 -23.83 -29.74
CA GLY C 328 21.22 -24.00 -29.61
C GLY C 328 20.48 -22.66 -29.63
N GLY C 329 21.21 -21.54 -29.84
CA GLY C 329 20.58 -20.23 -29.84
C GLY C 329 20.68 -19.56 -28.47
N HIS C 330 20.34 -18.26 -28.41
CA HIS C 330 20.59 -17.45 -27.22
C HIS C 330 19.77 -17.89 -25.99
N GLY C 331 18.81 -18.80 -26.14
CA GLY C 331 18.05 -19.32 -25.00
C GLY C 331 18.71 -20.52 -24.34
N GLY C 332 19.69 -21.10 -25.03
CA GLY C 332 20.38 -22.28 -24.54
C GLY C 332 19.57 -23.56 -24.78
N GLN C 333 20.07 -24.67 -24.21
CA GLN C 333 19.47 -25.98 -24.34
C GLN C 333 19.27 -26.60 -22.97
N VAL C 334 18.32 -27.53 -22.87
CA VAL C 334 18.11 -28.32 -21.66
C VAL C 334 19.23 -29.35 -21.55
N GLU C 335 19.52 -30.01 -22.67
CA GLU C 335 20.54 -31.04 -22.69
C GLU C 335 21.69 -30.59 -23.60
N VAL C 336 22.92 -30.75 -23.11
CA VAL C 336 24.09 -30.19 -23.75
C VAL C 336 25.18 -31.26 -23.80
N ASP C 337 25.89 -31.32 -24.93
CA ASP C 337 27.03 -32.21 -25.08
C ASP C 337 28.14 -31.88 -24.09
N ALA C 338 28.56 -32.89 -23.35
CA ALA C 338 29.65 -32.77 -22.40
C ALA C 338 30.97 -32.60 -23.17
N PRO C 339 32.04 -32.10 -22.52
CA PRO C 339 33.33 -31.96 -23.19
C PRO C 339 33.81 -33.27 -23.81
N LYS C 340 34.46 -33.19 -24.98
CA LYS C 340 35.00 -34.37 -25.67
C LYS C 340 35.98 -35.11 -24.78
N ASP C 341 36.79 -34.36 -24.01
CA ASP C 341 37.79 -34.96 -23.14
C ASP C 341 37.25 -35.19 -21.72
N ALA C 342 35.93 -35.16 -21.55
CA ALA C 342 35.35 -35.25 -20.21
C ALA C 342 35.83 -36.52 -19.52
N ILE C 343 36.15 -36.42 -18.23
CA ILE C 343 36.48 -37.58 -17.41
C ILE C 343 35.29 -37.84 -16.48
N GLU C 344 34.64 -39.00 -16.62
CA GLU C 344 33.39 -39.30 -15.93
C GLU C 344 33.63 -39.16 -14.43
N THR C 345 32.76 -38.41 -13.77
CA THR C 345 32.96 -38.04 -12.38
C THR C 345 31.90 -38.75 -11.55
N THR C 346 32.37 -39.39 -10.48
CA THR C 346 31.53 -40.08 -9.53
C THR C 346 30.87 -39.04 -8.64
N ALA C 347 29.55 -39.13 -8.50
CA ALA C 347 28.81 -38.21 -7.64
C ALA C 347 27.53 -38.93 -7.21
N PRO C 348 26.92 -38.53 -6.07
CA PRO C 348 25.61 -39.09 -5.68
C PRO C 348 24.63 -38.99 -6.85
N LYS C 349 23.69 -39.95 -6.94
CA LYS C 349 22.78 -39.97 -8.09
C LYS C 349 21.77 -38.82 -7.97
N ASP C 350 21.47 -38.38 -6.73
CA ASP C 350 20.58 -37.25 -6.51
C ASP C 350 21.00 -36.53 -5.23
N HIS C 351 20.16 -35.60 -4.75
CA HIS C 351 20.54 -34.83 -3.56
C HIS C 351 19.79 -35.28 -2.33
N SER C 352 19.22 -36.49 -2.33
CA SER C 352 18.63 -37.06 -1.14
C SER C 352 19.67 -37.10 -0.01
N GLN C 353 19.19 -37.12 1.23
CA GLN C 353 20.07 -37.00 2.38
C GLN C 353 19.48 -37.88 3.47
N HIS C 354 20.30 -38.80 4.00
CA HIS C 354 19.86 -39.72 5.04
C HIS C 354 20.80 -39.59 6.21
N ASP C 355 20.42 -38.78 7.20
CA ASP C 355 21.36 -38.34 8.21
C ASP C 355 20.92 -38.89 9.57
N ASP C 356 21.78 -39.71 10.18
CA ASP C 356 21.54 -40.30 11.49
C ASP C 356 22.22 -39.49 12.58
N PHE C 357 22.93 -38.42 12.22
CA PHE C 357 23.64 -37.57 13.18
C PHE C 357 24.67 -38.41 13.91
N ASP C 358 25.28 -39.35 13.16
CA ASP C 358 26.25 -40.28 13.70
C ASP C 358 27.63 -39.63 13.79
N GLN C 359 27.86 -38.58 13.00
CA GLN C 359 29.14 -37.91 12.93
C GLN C 359 29.19 -36.72 13.88
N PRO C 360 30.39 -36.38 14.40
CA PRO C 360 30.53 -35.23 15.30
C PRO C 360 30.47 -33.84 14.67
N THR C 361 30.45 -33.75 13.33
CA THR C 361 30.26 -32.49 12.64
C THR C 361 29.11 -32.63 11.64
N LEU C 362 28.49 -31.49 11.26
CA LEU C 362 27.29 -31.51 10.43
C LEU C 362 27.66 -31.91 9.01
N ASP C 363 26.83 -32.75 8.39
CA ASP C 363 26.86 -32.98 6.95
C ASP C 363 26.96 -31.62 6.24
N LEU C 364 27.77 -31.57 5.17
CA LEU C 364 28.08 -30.37 4.41
C LEU C 364 26.83 -29.73 3.80
N ASN C 365 25.78 -30.52 3.56
CA ASN C 365 24.55 -30.01 2.95
C ASN C 365 23.77 -29.10 3.90
N TRP C 366 24.01 -29.24 5.21
CA TRP C 366 23.38 -28.39 6.22
C TRP C 366 23.99 -27.00 6.19
N ASN C 367 23.14 -25.97 6.35
CA ASN C 367 23.59 -24.61 6.56
C ASN C 367 22.92 -24.04 7.81
N THR C 368 23.53 -22.99 8.38
CA THR C 368 22.91 -22.21 9.44
C THR C 368 22.57 -20.82 8.90
N LEU C 369 21.72 -20.11 9.64
CA LEU C 369 21.47 -18.71 9.31
C LEU C 369 22.58 -17.86 9.91
N ARG C 370 23.37 -17.23 9.03
CA ARG C 370 24.19 -16.05 9.32
C ARG C 370 25.47 -16.36 10.11
N GLN C 371 25.41 -17.33 11.03
CA GLN C 371 26.45 -17.56 12.03
C GLN C 371 26.83 -19.03 12.05
N PRO C 372 28.07 -19.39 12.44
CA PRO C 372 28.48 -20.80 12.54
C PRO C 372 27.66 -21.61 13.54
N PHE C 373 27.62 -22.93 13.32
CA PHE C 373 27.01 -23.82 14.30
C PHE C 373 27.93 -23.95 15.50
N THR C 374 27.68 -23.20 16.57
CA THR C 374 28.53 -23.21 17.75
C THR C 374 27.82 -23.98 18.87
N ALA C 375 28.50 -24.12 20.02
CA ALA C 375 27.94 -24.83 21.16
C ALA C 375 26.69 -24.10 21.69
N GLN C 376 26.61 -22.79 21.41
CA GLN C 376 25.47 -21.95 21.78
C GLN C 376 24.20 -22.39 21.04
N MET C 377 24.35 -22.87 19.79
CA MET C 377 23.20 -23.34 19.02
C MET C 377 22.89 -24.78 19.38
N GLY C 378 23.91 -25.54 19.78
CA GLY C 378 23.74 -26.95 20.09
C GLY C 378 24.94 -27.79 19.67
N SER C 379 24.71 -29.09 19.38
CA SER C 379 25.76 -30.05 19.14
C SER C 379 25.22 -31.20 18.28
N VAL C 380 26.14 -31.98 17.69
CA VAL C 380 25.75 -33.15 16.92
C VAL C 380 26.76 -34.27 17.15
N GLY C 381 26.28 -35.53 17.14
CA GLY C 381 27.15 -36.67 17.30
C GLY C 381 26.48 -37.80 18.06
N ASN C 382 27.03 -39.03 17.90
CA ASN C 382 26.53 -40.26 18.47
C ASN C 382 25.02 -40.45 18.27
N GLY C 383 24.51 -40.04 17.12
CA GLY C 383 23.17 -40.40 16.72
C GLY C 383 22.12 -39.34 17.03
N GLU C 384 22.55 -38.18 17.57
CA GLU C 384 21.62 -37.13 17.97
C GLU C 384 22.10 -35.73 17.59
N LEU C 385 21.15 -34.92 17.11
CA LEU C 385 21.30 -33.47 17.02
C LEU C 385 20.59 -32.85 18.21
N LYS C 386 21.29 -31.98 18.93
CA LYS C 386 20.71 -31.17 19.97
C LYS C 386 20.71 -29.71 19.52
N LEU C 387 19.53 -29.10 19.51
CA LEU C 387 19.43 -27.66 19.26
C LEU C 387 18.93 -26.99 20.52
N ILE C 388 19.68 -25.97 20.98
CA ILE C 388 19.32 -25.19 22.13
C ILE C 388 18.41 -24.05 21.66
N GLY C 389 17.18 -24.03 22.12
CA GLY C 389 16.23 -22.99 21.78
C GLY C 389 16.77 -21.59 22.07
N GLN C 390 16.87 -20.78 21.01
CA GLN C 390 17.19 -19.37 21.11
C GLN C 390 16.10 -18.58 20.39
N GLN C 391 16.47 -17.69 19.49
CA GLN C 391 15.51 -16.77 18.89
C GLN C 391 14.74 -17.47 17.76
N THR C 392 13.59 -16.88 17.40
CA THR C 392 12.70 -17.47 16.41
C THR C 392 13.28 -17.29 15.01
N MET C 393 12.69 -17.99 14.04
CA MET C 393 13.05 -17.84 12.63
C MET C 393 12.78 -16.43 12.10
N SER C 394 12.06 -15.61 12.87
CA SER C 394 11.81 -14.22 12.52
C SER C 394 13.02 -13.32 12.83
N SER C 395 14.07 -13.84 13.50
CA SER C 395 15.22 -13.05 13.94
C SER C 395 16.39 -13.13 12.98
N ASN C 396 17.17 -12.03 12.91
CA ASN C 396 18.44 -12.02 12.21
C ASN C 396 19.60 -12.31 13.16
N PHE C 397 19.30 -12.81 14.38
CA PHE C 397 20.30 -13.04 15.41
C PHE C 397 20.05 -14.35 16.15
N ASP C 398 21.11 -15.16 16.30
CA ASP C 398 21.10 -16.32 17.21
C ASP C 398 19.89 -17.21 17.00
N VAL C 399 19.76 -17.80 15.82
CA VAL C 399 18.70 -18.76 15.54
C VAL C 399 19.30 -20.16 15.49
N SER C 400 18.82 -21.05 16.36
CA SER C 400 19.27 -22.43 16.43
C SER C 400 18.48 -23.25 15.40
N LEU C 401 19.00 -23.22 14.17
CA LEU C 401 18.38 -23.83 13.02
C LEU C 401 19.45 -24.41 12.12
N ILE C 402 19.20 -25.61 11.59
CA ILE C 402 19.99 -26.11 10.47
C ILE C 402 19.02 -26.47 9.34
N ALA C 403 19.41 -26.21 8.11
CA ALA C 403 18.53 -26.43 6.98
C ALA C 403 19.34 -26.70 5.72
N ARG C 404 18.67 -27.35 4.77
CA ARG C 404 19.27 -27.71 3.50
C ARG C 404 18.30 -27.35 2.39
N ARG C 405 18.85 -27.10 1.20
CA ARG C 405 18.07 -26.59 0.09
C ARG C 405 17.01 -27.57 -0.37
N TRP C 406 15.86 -27.04 -0.79
CA TRP C 406 14.99 -27.80 -1.68
C TRP C 406 15.76 -27.99 -2.99
N GLN C 407 15.97 -29.24 -3.43
CA GLN C 407 16.70 -29.50 -4.66
C GLN C 407 15.92 -30.42 -5.62
N ALA C 408 14.65 -30.71 -5.30
CA ALA C 408 13.72 -31.35 -6.20
C ALA C 408 12.34 -30.73 -6.00
N PHE C 409 11.45 -30.88 -7.00
CA PHE C 409 10.11 -30.33 -6.90
C PHE C 409 9.23 -31.15 -5.95
N ASN C 410 9.50 -32.45 -5.92
CA ASN C 410 8.77 -33.39 -5.09
C ASN C 410 9.74 -34.10 -4.16
N PHE C 411 9.43 -34.06 -2.86
CA PHE C 411 10.23 -34.76 -1.88
C PHE C 411 9.45 -34.95 -0.60
N ASP C 412 9.92 -35.91 0.20
CA ASP C 412 9.49 -36.15 1.56
C ASP C 412 10.67 -35.86 2.47
N ALA C 413 10.44 -35.11 3.56
CA ALA C 413 11.43 -34.96 4.60
C ALA C 413 10.81 -35.31 5.95
N GLU C 414 11.61 -35.88 6.85
CA GLU C 414 11.09 -36.51 8.06
C GLU C 414 12.16 -36.40 9.15
N THR C 415 11.70 -36.27 10.39
CA THR C 415 12.57 -36.31 11.55
C THR C 415 11.81 -36.93 12.71
N LYS C 416 12.56 -37.18 13.77
CA LYS C 416 12.03 -37.66 15.03
C LYS C 416 12.64 -36.80 16.13
N VAL C 417 11.79 -36.14 16.93
CA VAL C 417 12.26 -35.10 17.84
C VAL C 417 11.59 -35.24 19.21
N LYS C 418 12.38 -34.91 20.25
CA LYS C 418 11.93 -34.83 21.63
C LYS C 418 12.16 -33.40 22.11
N PHE C 419 11.18 -32.84 22.82
CA PHE C 419 11.23 -31.48 23.32
C PHE C 419 10.27 -31.39 24.48
N ASP C 420 10.66 -30.75 25.57
CA ASP C 420 9.82 -30.71 26.77
C ASP C 420 9.45 -29.27 27.14
N PRO C 421 8.60 -28.58 26.36
CA PRO C 421 8.32 -27.16 26.61
C PRO C 421 7.40 -27.00 27.82
N PHE C 422 7.61 -25.92 28.59
CA PHE C 422 6.73 -25.57 29.71
C PHE C 422 6.06 -24.22 29.46
N THR C 423 6.34 -23.58 28.30
CA THR C 423 5.71 -22.33 27.96
C THR C 423 5.48 -22.30 26.45
N TYR C 424 4.50 -21.51 26.02
CA TYR C 424 4.14 -21.37 24.61
C TYR C 424 5.24 -20.64 23.85
N GLN C 425 6.23 -20.08 24.57
CA GLN C 425 7.32 -19.37 23.91
C GLN C 425 8.42 -20.35 23.50
N GLN C 426 8.22 -21.64 23.74
CA GLN C 426 9.15 -22.68 23.35
C GLN C 426 8.52 -23.54 22.26
N MET C 427 9.23 -23.68 21.13
CA MET C 427 8.72 -24.35 19.95
C MET C 427 9.89 -25.04 19.24
N ALA C 428 9.65 -26.27 18.74
CA ALA C 428 10.69 -27.01 18.03
C ALA C 428 10.06 -28.02 17.07
N GLY C 429 10.64 -28.14 15.87
CA GLY C 429 10.14 -29.05 14.88
C GLY C 429 10.81 -28.92 13.52
N LEU C 430 10.02 -29.21 12.49
CA LEU C 430 10.45 -29.41 11.13
C LEU C 430 9.92 -28.25 10.31
N ALA C 431 10.81 -27.51 9.65
CA ALA C 431 10.43 -26.26 8.99
C ALA C 431 10.77 -26.26 7.50
N ASN C 432 10.00 -25.46 6.76
CA ASN C 432 10.34 -24.98 5.43
C ASN C 432 10.51 -23.45 5.50
N ILE C 433 11.67 -22.94 5.05
CA ILE C 433 11.99 -21.53 5.27
C ILE C 433 12.59 -20.91 4.01
N TYR C 434 12.16 -19.67 3.70
CA TYR C 434 12.81 -18.84 2.70
C TYR C 434 13.57 -17.74 3.43
N ASN C 435 12.84 -16.94 4.24
CA ASN C 435 13.50 -15.94 5.05
C ASN C 435 12.70 -15.70 6.33
N ASP C 436 13.10 -14.67 7.08
CA ASP C 436 12.51 -14.34 8.37
C ASP C 436 11.02 -14.00 8.28
N LYS C 437 10.52 -13.62 7.10
CA LYS C 437 9.11 -13.28 6.94
C LYS C 437 8.38 -14.29 6.05
N HIS C 438 9.06 -15.39 5.68
CA HIS C 438 8.48 -16.39 4.81
C HIS C 438 8.96 -17.79 5.24
N TYR C 439 8.15 -18.46 6.06
CA TYR C 439 8.47 -19.79 6.55
C TYR C 439 7.20 -20.43 7.09
N SER C 440 7.30 -21.75 7.29
CA SER C 440 6.26 -22.53 7.92
C SER C 440 6.92 -23.69 8.68
N TRP C 441 6.17 -24.32 9.57
CA TRP C 441 6.68 -25.49 10.26
C TRP C 441 5.58 -26.18 11.04
N ILE C 442 5.85 -27.44 11.36
CA ILE C 442 5.09 -28.20 12.33
C ILE C 442 6.00 -28.38 13.54
N PHE C 443 5.46 -28.17 14.74
CA PHE C 443 6.30 -28.12 15.92
C PHE C 443 5.58 -28.59 17.16
N ILE C 444 6.40 -28.99 18.14
CA ILE C 444 5.98 -29.24 19.49
C ILE C 444 6.03 -27.91 20.24
N THR C 445 4.96 -27.61 21.01
CA THR C 445 4.95 -26.46 21.90
C THR C 445 4.10 -26.81 23.13
N TRP C 446 3.77 -25.79 23.91
CA TRP C 446 3.01 -25.96 25.14
C TRP C 446 1.81 -25.04 25.09
N ASP C 447 0.66 -25.50 25.58
CA ASP C 447 -0.46 -24.59 25.76
C ASP C 447 -1.04 -24.77 27.16
N GLU C 448 -1.82 -23.76 27.56
CA GLU C 448 -2.30 -23.60 28.92
C GLU C 448 -3.28 -24.71 29.31
N LYS C 449 -4.08 -25.19 28.35
CA LYS C 449 -5.16 -26.15 28.63
C LYS C 449 -4.68 -27.60 28.47
N LYS C 450 -3.82 -27.88 27.49
CA LYS C 450 -3.52 -29.27 27.15
C LYS C 450 -2.09 -29.68 27.49
N GLY C 451 -1.20 -28.73 27.78
CA GLY C 451 0.22 -29.05 27.94
C GLY C 451 0.90 -29.22 26.58
N HIS C 452 1.67 -30.32 26.42
CA HIS C 452 2.45 -30.51 25.21
C HIS C 452 1.51 -30.75 24.03
N VAL C 453 1.65 -29.93 22.98
CA VAL C 453 0.81 -30.06 21.79
C VAL C 453 1.65 -29.93 20.52
N ILE C 454 1.00 -30.23 19.40
CA ILE C 454 1.53 -30.04 18.05
C ILE C 454 0.71 -28.96 17.38
N GLU C 455 1.41 -28.01 16.75
CA GLU C 455 0.82 -26.91 16.02
C GLU C 455 1.51 -26.83 14.66
N VAL C 456 0.82 -26.18 13.72
CA VAL C 456 1.42 -25.78 12.46
C VAL C 456 1.23 -24.28 12.30
N ALA C 457 2.29 -23.60 11.86
CA ALA C 457 2.23 -22.17 11.63
C ALA C 457 2.95 -21.81 10.35
N GLN C 458 2.48 -20.71 9.76
CA GLN C 458 3.05 -20.11 8.56
C GLN C 458 3.20 -18.61 8.83
N ASN C 459 4.37 -18.09 8.48
CA ASN C 459 4.59 -16.65 8.38
C ASN C 459 4.65 -16.27 6.91
N ASP C 460 3.65 -15.50 6.46
CA ASP C 460 3.52 -15.09 5.06
C ASP C 460 3.64 -13.58 4.97
N ASN C 461 4.87 -13.08 4.84
CA ASN C 461 5.17 -11.68 4.84
C ASN C 461 4.59 -11.01 6.09
N ASN C 462 4.83 -11.63 7.26
CA ASN C 462 4.38 -11.15 8.55
C ASN C 462 2.87 -11.22 8.73
N ASN C 463 2.16 -11.84 7.79
CA ASN C 463 0.80 -12.31 8.05
C ASN C 463 0.97 -13.72 8.63
N TYR C 464 0.82 -13.85 9.96
CA TYR C 464 1.16 -15.05 10.68
C TYR C 464 -0.10 -15.83 11.00
N THR C 465 -0.10 -17.13 10.66
CA THR C 465 -1.25 -18.00 10.89
C THR C 465 -0.84 -19.18 11.74
N SER C 466 -1.54 -19.37 12.86
CA SER C 466 -1.55 -20.62 13.60
C SER C 466 -2.76 -21.43 13.15
N TYR C 467 -2.54 -22.60 12.54
CA TYR C 467 -3.63 -23.33 11.91
C TYR C 467 -4.53 -24.01 12.92
N LEU C 468 -3.99 -24.62 13.98
CA LEU C 468 -4.83 -25.46 14.84
C LEU C 468 -5.37 -24.66 16.02
N LYS C 469 -4.57 -23.71 16.55
CA LYS C 469 -4.99 -22.87 17.66
C LYS C 469 -5.34 -23.74 18.86
N ASP C 470 -6.51 -23.48 19.50
CA ASP C 470 -7.02 -24.28 20.60
C ASP C 470 -7.07 -25.78 20.27
N ASP C 471 -7.20 -26.13 18.97
CA ASP C 471 -7.32 -27.52 18.55
C ASP C 471 -5.96 -28.12 18.24
N ALA C 472 -4.88 -27.51 18.74
CA ALA C 472 -3.57 -28.13 18.66
C ALA C 472 -3.66 -29.57 19.18
N ILE C 473 -2.89 -30.49 18.56
CA ILE C 473 -2.99 -31.91 18.85
C ILE C 473 -2.28 -32.19 20.17
N LYS C 474 -3.01 -32.75 21.13
CA LYS C 474 -2.44 -33.17 22.40
C LYS C 474 -1.45 -34.30 22.15
N ILE C 475 -0.26 -34.18 22.75
CA ILE C 475 0.74 -35.22 22.73
C ILE C 475 0.46 -36.15 23.91
N PRO C 476 0.10 -37.45 23.70
CA PRO C 476 -0.19 -38.37 24.81
C PRO C 476 0.89 -38.44 25.88
N ASP C 477 0.48 -38.69 27.13
CA ASP C 477 1.32 -38.53 28.32
C ASP C 477 2.59 -39.38 28.29
N GLY C 478 2.55 -40.56 27.70
CA GLY C 478 3.78 -41.34 27.65
C GLY C 478 4.76 -40.92 26.56
N THR C 479 4.38 -40.00 25.65
CA THR C 479 5.14 -39.84 24.41
C THR C 479 6.45 -39.10 24.68
N ASN C 480 7.56 -39.75 24.32
CA ASN C 480 8.87 -39.14 24.40
C ASN C 480 9.09 -38.38 23.08
N TYR C 481 9.22 -39.14 22.01
CA TYR C 481 9.55 -38.57 20.72
C TYR C 481 8.28 -38.39 19.89
N VAL C 482 8.27 -37.32 19.07
CA VAL C 482 7.27 -37.15 18.04
C VAL C 482 7.96 -37.22 16.68
N TRP C 483 7.29 -37.85 15.72
CA TRP C 483 7.80 -37.91 14.37
C TRP C 483 7.09 -36.85 13.53
N PHE C 484 7.82 -36.15 12.68
CA PHE C 484 7.24 -35.15 11.78
C PHE C 484 7.69 -35.40 10.35
N ARG C 485 6.82 -35.08 9.41
CA ARG C 485 7.11 -35.25 8.00
C ARG C 485 6.52 -34.08 7.22
N THR C 486 7.20 -33.67 6.15
CA THR C 486 6.62 -32.75 5.20
C THR C 486 6.66 -33.43 3.84
N LYS C 487 5.58 -33.29 3.09
CA LYS C 487 5.53 -33.79 1.73
C LYS C 487 5.35 -32.58 0.82
N VAL C 488 6.41 -32.28 0.07
CA VAL C 488 6.39 -31.18 -0.87
C VAL C 488 6.08 -31.73 -2.25
N ARG C 489 5.07 -31.11 -2.90
CA ARG C 489 4.56 -31.59 -4.19
C ARG C 489 4.46 -30.41 -5.16
N LYS C 490 5.62 -29.80 -5.42
CA LYS C 490 5.80 -28.71 -6.38
C LYS C 490 5.09 -27.45 -5.93
N GLN C 491 3.79 -27.34 -6.23
CA GLN C 491 3.04 -26.11 -6.04
C GLN C 491 2.56 -25.99 -4.59
N SER C 492 2.54 -27.11 -3.87
CA SER C 492 1.95 -27.13 -2.55
C SER C 492 2.61 -28.20 -1.67
N TYR C 493 2.36 -28.13 -0.36
CA TYR C 493 2.97 -29.04 0.59
C TYR C 493 2.11 -29.17 1.84
N THR C 494 2.36 -30.28 2.56
CA THR C 494 1.63 -30.63 3.77
C THR C 494 2.60 -31.06 4.86
N TYR C 495 2.08 -31.12 6.10
CA TYR C 495 2.77 -31.66 7.24
C TYR C 495 1.96 -32.82 7.82
N GLU C 496 2.70 -33.81 8.35
CA GLU C 496 2.17 -34.99 9.00
C GLU C 496 2.94 -35.20 10.30
N TYR C 497 2.33 -35.97 11.22
CA TYR C 497 2.96 -36.29 12.50
C TYR C 497 2.60 -37.74 12.83
N SER C 498 3.36 -38.34 13.75
CA SER C 498 3.14 -39.70 14.24
C SER C 498 3.71 -39.81 15.64
N PHE C 499 3.04 -40.60 16.50
CA PHE C 499 3.55 -40.84 17.85
C PHE C 499 4.32 -42.15 17.94
N ASP C 500 4.44 -42.89 16.83
CA ASP C 500 5.12 -44.18 16.86
C ASP C 500 6.02 -44.41 15.66
N GLY C 501 5.96 -43.53 14.64
CA GLY C 501 6.85 -43.66 13.50
C GLY C 501 6.23 -44.52 12.40
N GLN C 502 5.04 -45.09 12.64
CA GLN C 502 4.42 -46.03 11.73
C GLN C 502 3.05 -45.55 11.26
N ASN C 503 2.24 -45.04 12.20
CA ASN C 503 0.90 -44.54 11.91
C ASN C 503 0.94 -43.01 11.88
N TRP C 504 0.63 -42.47 10.70
CA TRP C 504 0.75 -41.05 10.42
C TRP C 504 -0.61 -40.37 10.30
N GLU C 505 -0.70 -39.13 10.77
CA GLU C 505 -1.88 -38.29 10.59
C GLU C 505 -1.49 -37.05 9.79
N THR C 506 -2.30 -36.65 8.81
CA THR C 506 -2.02 -35.44 8.05
C THR C 506 -2.71 -34.25 8.74
N VAL C 507 -1.99 -33.16 8.95
CA VAL C 507 -2.63 -31.94 9.40
C VAL C 507 -3.41 -31.40 8.21
N PRO C 508 -4.75 -31.20 8.35
CA PRO C 508 -5.59 -30.88 7.19
C PRO C 508 -5.45 -29.45 6.66
N VAL C 509 -4.26 -29.12 6.18
CA VAL C 509 -4.00 -27.81 5.59
C VAL C 509 -3.00 -28.04 4.45
N GLU C 510 -3.33 -27.48 3.28
CA GLU C 510 -2.41 -27.48 2.15
C GLU C 510 -1.74 -26.12 2.10
N LEU C 511 -0.40 -26.09 2.20
CA LEU C 511 0.33 -24.84 2.13
C LEU C 511 0.79 -24.55 0.71
N ASP C 512 0.80 -23.25 0.35
CA ASP C 512 1.20 -22.81 -0.96
C ASP C 512 2.72 -22.66 -0.98
N ALA C 513 3.37 -23.46 -1.84
CA ALA C 513 4.83 -23.40 -1.95
C ALA C 513 5.29 -22.05 -2.51
N ALA C 514 4.41 -21.33 -3.22
CA ALA C 514 4.81 -20.07 -3.84
C ALA C 514 5.21 -19.04 -2.78
N ILE C 515 4.76 -19.20 -1.52
CA ILE C 515 5.15 -18.28 -0.46
C ILE C 515 6.66 -18.36 -0.17
N LEU C 516 7.30 -19.49 -0.53
CA LEU C 516 8.73 -19.68 -0.35
C LEU C 516 9.46 -19.64 -1.68
N SER C 517 9.14 -18.67 -2.53
CA SER C 517 9.73 -18.52 -3.85
C SER C 517 10.28 -17.09 -4.02
N ASP C 518 11.33 -16.96 -4.85
CA ASP C 518 11.97 -15.68 -5.12
C ASP C 518 10.95 -14.68 -5.64
N ASP C 519 10.10 -15.17 -6.56
CA ASP C 519 9.17 -14.32 -7.29
C ASP C 519 8.08 -13.75 -6.38
N TYR C 520 7.72 -14.50 -5.33
CA TYR C 520 6.77 -13.97 -4.36
C TYR C 520 7.42 -12.92 -3.46
N VAL C 521 8.63 -13.22 -2.95
CA VAL C 521 9.30 -12.34 -1.99
C VAL C 521 9.61 -10.99 -2.66
N LEU C 522 9.95 -11.03 -3.96
CA LEU C 522 10.26 -9.85 -4.75
C LEU C 522 9.11 -8.84 -4.76
N GLN C 523 7.87 -9.31 -4.58
CA GLN C 523 6.71 -8.44 -4.63
C GLN C 523 6.75 -7.36 -3.54
N ASN C 524 7.34 -7.67 -2.38
CA ASN C 524 7.30 -6.77 -1.24
C ASN C 524 8.65 -6.54 -0.59
N TYR C 525 9.75 -7.07 -1.16
CA TYR C 525 11.09 -6.92 -0.60
C TYR C 525 12.11 -7.03 -1.74
N GLY C 526 13.15 -6.18 -1.69
CA GLY C 526 14.10 -6.04 -2.77
C GLY C 526 15.26 -7.03 -2.69
N GLY C 527 15.25 -7.90 -1.64
CA GLY C 527 16.19 -9.02 -1.56
C GLY C 527 15.47 -10.35 -1.74
N PHE C 528 15.70 -11.02 -2.89
CA PHE C 528 14.95 -12.23 -3.22
C PHE C 528 15.84 -13.19 -3.98
N PHE C 529 16.99 -13.50 -3.38
CA PHE C 529 18.09 -14.09 -4.12
C PHE C 529 18.46 -15.49 -3.67
N THR C 530 17.65 -16.15 -2.82
CA THR C 530 18.04 -17.46 -2.30
C THR C 530 17.16 -18.56 -2.90
N GLY C 531 16.21 -19.07 -2.13
CA GLY C 531 15.52 -20.30 -2.47
C GLY C 531 15.00 -20.96 -1.19
N ALA C 532 14.07 -21.90 -1.33
CA ALA C 532 13.45 -22.56 -0.21
C ALA C 532 14.41 -23.59 0.38
N PHE C 533 14.37 -23.71 1.72
CA PHE C 533 15.13 -24.71 2.46
C PHE C 533 14.18 -25.50 3.37
N VAL C 534 14.62 -26.70 3.75
CA VAL C 534 13.91 -27.53 4.70
C VAL C 534 14.88 -27.86 5.82
N GLY C 535 14.37 -27.87 7.05
CA GLY C 535 15.28 -28.14 8.15
C GLY C 535 14.60 -28.22 9.50
N LEU C 536 15.45 -28.12 10.52
CA LEU C 536 15.12 -28.45 11.88
C LEU C 536 15.47 -27.24 12.73
N MET C 537 14.62 -26.90 13.70
CA MET C 537 14.94 -25.77 14.55
C MET C 537 14.19 -25.85 15.87
N ALA C 538 14.79 -25.18 16.86
CA ALA C 538 14.22 -25.01 18.17
C ALA C 538 14.34 -23.53 18.53
N ALA C 539 13.24 -23.00 19.10
CA ALA C 539 13.19 -21.64 19.61
C ALA C 539 12.75 -21.66 21.07
N ASP C 540 13.34 -20.73 21.86
CA ASP C 540 12.90 -20.46 23.21
C ASP C 540 13.05 -18.97 23.46
N TYR C 541 11.99 -18.21 23.15
CA TYR C 541 12.05 -16.76 23.31
C TYR C 541 11.63 -16.37 24.74
N ALA C 542 11.36 -17.35 25.60
CA ALA C 542 11.37 -17.15 27.04
C ALA C 542 12.79 -17.00 27.56
N GLY C 543 13.78 -17.41 26.74
CA GLY C 543 15.19 -17.26 27.07
C GLY C 543 15.70 -18.35 28.03
N TYR C 544 14.99 -19.49 28.16
CA TYR C 544 15.38 -20.55 29.10
C TYR C 544 16.08 -21.72 28.40
N LYS C 545 16.47 -21.56 27.14
CA LYS C 545 17.40 -22.49 26.49
C LYS C 545 16.90 -23.94 26.48
N ARG C 546 15.61 -24.13 26.23
CA ARG C 546 15.03 -25.47 26.18
C ARG C 546 15.61 -26.24 24.99
N VAL C 547 15.97 -27.51 25.21
CA VAL C 547 16.74 -28.27 24.24
C VAL C 547 15.83 -29.24 23.49
N ALA C 548 15.94 -29.24 22.17
CA ALA C 548 15.26 -30.22 21.33
C ALA C 548 16.29 -31.25 20.84
N THR C 549 15.93 -32.53 20.90
CA THR C 549 16.82 -33.60 20.44
C THR C 549 16.17 -34.25 19.22
N PHE C 550 16.93 -34.32 18.13
CA PHE C 550 16.48 -34.93 16.89
C PHE C 550 17.35 -36.17 16.63
N ASP C 551 16.67 -37.30 16.38
CA ASP C 551 17.39 -38.57 16.24
C ASP C 551 17.86 -38.80 14.82
N TYR C 552 17.17 -38.22 13.84
CA TYR C 552 17.61 -38.36 12.46
C TYR C 552 16.92 -37.31 11.60
N PHE C 553 17.37 -37.18 10.36
CA PHE C 553 16.69 -36.40 9.35
C PHE C 553 16.79 -37.13 8.02
N ASP C 554 15.65 -37.30 7.35
CA ASP C 554 15.61 -37.93 6.05
C ASP C 554 15.02 -36.96 5.03
N TYR C 555 15.71 -36.79 3.89
CA TYR C 555 15.23 -35.99 2.78
C TYR C 555 15.31 -36.89 1.54
N GLN C 556 14.14 -37.23 0.99
CA GLN C 556 14.00 -38.17 -0.10
C GLN C 556 13.37 -37.48 -1.31
N GLU C 557 14.17 -37.28 -2.34
CA GLU C 557 13.72 -36.69 -3.59
C GLU C 557 12.93 -37.74 -4.37
N LEU C 558 11.88 -37.28 -5.05
CA LEU C 558 11.02 -38.13 -5.84
C LEU C 558 11.08 -37.69 -7.29
N PRO C 559 10.61 -38.49 -8.26
CA PRO C 559 10.60 -38.07 -9.66
C PRO C 559 9.73 -36.82 -9.87
N ASP C 560 10.04 -36.08 -10.93
CA ASP C 560 9.25 -34.91 -11.32
C ASP C 560 7.83 -35.32 -11.74
N MET D 21 -41.70 9.19 29.17
CA MET D 21 -41.03 10.27 29.94
C MET D 21 -39.51 10.23 29.74
N LYS D 22 -38.94 9.18 29.11
CA LYS D 22 -37.50 9.07 29.01
C LYS D 22 -37.01 8.76 27.58
N ILE D 23 -36.29 9.71 26.97
CA ILE D 23 -35.57 9.49 25.72
C ILE D 23 -34.43 8.51 25.98
N GLN D 24 -34.36 7.42 25.21
CA GLN D 24 -33.25 6.47 25.32
C GLN D 24 -32.37 6.54 24.07
N ASN D 25 -31.14 7.03 24.19
CA ASN D 25 -30.28 7.26 23.03
C ASN D 25 -29.51 6.00 22.66
N PRO D 26 -29.29 5.68 21.36
CA PRO D 26 -29.87 6.44 20.24
C PRO D 26 -31.36 6.25 20.03
N VAL D 27 -32.11 7.32 19.75
CA VAL D 27 -33.54 7.23 19.59
C VAL D 27 -33.89 6.66 18.22
N LEU D 28 -33.08 6.97 17.20
CA LEU D 28 -33.24 6.41 15.87
C LEU D 28 -32.06 5.46 15.63
N PRO D 29 -32.23 4.15 15.88
CA PRO D 29 -31.11 3.21 15.81
C PRO D 29 -30.77 2.77 14.38
N GLY D 30 -29.52 2.36 14.18
CA GLY D 30 -29.04 2.04 12.84
C GLY D 30 -28.86 3.32 12.03
N PHE D 31 -28.62 3.15 10.73
CA PHE D 31 -28.19 4.24 9.88
C PHE D 31 -29.29 5.31 9.82
N ASN D 32 -29.02 6.44 10.50
CA ASN D 32 -29.90 7.59 10.63
C ASN D 32 -29.01 8.81 10.89
N ALA D 33 -28.23 9.21 9.87
CA ALA D 33 -27.15 10.17 10.08
C ALA D 33 -27.63 11.61 9.86
N ASP D 34 -26.83 12.56 10.35
CA ASP D 34 -26.95 13.96 9.98
C ASP D 34 -28.37 14.48 10.21
N PRO D 35 -28.91 14.36 11.45
CA PRO D 35 -30.28 14.77 11.74
C PRO D 35 -30.47 16.28 11.60
N SER D 36 -31.46 16.65 10.79
CA SER D 36 -32.06 17.97 10.79
C SER D 36 -33.42 17.85 11.48
N MET D 37 -33.60 18.55 12.62
CA MET D 37 -34.80 18.37 13.41
C MET D 37 -35.51 19.70 13.55
N ILE D 38 -36.83 19.70 13.32
CA ILE D 38 -37.65 20.91 13.48
C ILE D 38 -38.90 20.56 14.28
N ARG D 39 -39.58 21.60 14.75
CA ARG D 39 -40.89 21.50 15.36
C ARG D 39 -41.85 22.37 14.56
N VAL D 40 -43.04 21.85 14.28
CA VAL D 40 -44.16 22.63 13.73
C VAL D 40 -45.34 22.37 14.66
N GLY D 41 -45.72 23.37 15.47
CA GLY D 41 -46.73 23.18 16.50
C GLY D 41 -46.27 22.19 17.56
N ASP D 42 -47.00 21.11 17.72
CA ASP D 42 -46.70 20.08 18.71
C ASP D 42 -45.92 18.91 18.10
N THR D 43 -45.54 18.99 16.82
CA THR D 43 -44.98 17.84 16.11
C THR D 43 -43.51 18.10 15.77
N TYR D 44 -42.66 17.14 16.11
CA TYR D 44 -41.25 17.18 15.77
C TYR D 44 -41.01 16.30 14.53
N TYR D 45 -40.12 16.76 13.67
CA TYR D 45 -39.72 16.01 12.49
C TYR D 45 -38.19 15.94 12.43
N ILE D 46 -37.67 14.77 12.07
CA ILE D 46 -36.25 14.60 11.80
C ILE D 46 -36.07 14.08 10.38
N ALA D 47 -35.18 14.75 9.64
CA ALA D 47 -34.73 14.30 8.33
C ALA D 47 -33.28 13.82 8.45
N ASN D 48 -32.97 12.66 7.86
CA ASN D 48 -31.64 12.06 7.92
C ASN D 48 -31.09 11.89 6.50
N SER D 49 -29.76 11.89 6.40
CA SER D 49 -29.05 11.62 5.15
C SER D 49 -29.19 10.14 4.78
N THR D 50 -29.15 9.84 3.46
CA THR D 50 -29.38 8.51 2.93
C THR D 50 -28.30 8.07 1.93
N PHE D 51 -27.45 9.00 1.45
CA PHE D 51 -26.34 8.64 0.58
C PHE D 51 -26.90 7.93 -0.66
N GLU D 52 -26.40 6.73 -0.96
CA GLU D 52 -26.73 6.03 -2.20
C GLU D 52 -28.06 5.27 -2.10
N TRP D 53 -28.67 5.24 -0.91
CA TRP D 53 -29.87 4.45 -0.73
C TRP D 53 -31.10 5.25 -1.13
N PHE D 54 -32.00 4.58 -1.84
CA PHE D 54 -33.18 5.17 -2.43
C PHE D 54 -34.41 4.55 -1.78
N PRO D 55 -35.49 5.31 -1.46
CA PRO D 55 -35.60 6.75 -1.76
C PRO D 55 -34.77 7.65 -0.85
N GLY D 56 -34.56 8.90 -1.28
CA GLY D 56 -33.65 9.80 -0.60
C GLY D 56 -34.33 10.57 0.52
N VAL D 57 -33.55 10.79 1.59
CA VAL D 57 -33.92 11.56 2.78
C VAL D 57 -34.94 10.77 3.59
N ARG D 58 -34.52 10.35 4.77
CA ARG D 58 -35.39 9.62 5.66
C ARG D 58 -36.13 10.61 6.56
N LEU D 59 -37.43 10.40 6.79
CA LEU D 59 -38.24 11.29 7.61
C LEU D 59 -38.85 10.50 8.76
N HIS D 60 -38.85 11.10 9.97
CA HIS D 60 -39.49 10.54 11.14
C HIS D 60 -40.26 11.64 11.86
N GLU D 61 -41.32 11.23 12.58
CA GLU D 61 -42.20 12.18 13.27
C GLU D 61 -42.45 11.71 14.71
N SER D 62 -42.64 12.68 15.61
CA SER D 62 -42.92 12.39 17.01
C SER D 62 -43.57 13.61 17.66
N LYS D 63 -44.28 13.38 18.76
CA LYS D 63 -44.80 14.46 19.59
C LYS D 63 -44.20 14.42 20.99
N ASP D 64 -43.33 13.43 21.27
CA ASP D 64 -42.75 13.27 22.61
C ASP D 64 -41.23 13.22 22.60
N LEU D 65 -40.61 13.04 21.41
CA LEU D 65 -39.16 12.90 21.25
C LEU D 65 -38.68 11.51 21.67
N VAL D 66 -39.54 10.68 22.25
CA VAL D 66 -39.15 9.37 22.76
C VAL D 66 -39.45 8.30 21.72
N HIS D 67 -40.65 8.35 21.15
CA HIS D 67 -41.13 7.35 20.22
C HIS D 67 -41.27 8.03 18.85
N TRP D 68 -40.79 7.34 17.80
CA TRP D 68 -40.71 7.95 16.48
C TRP D 68 -41.33 7.03 15.43
N ASN D 69 -42.04 7.62 14.45
CA ASN D 69 -42.62 6.86 13.34
C ASN D 69 -41.99 7.28 12.03
N LEU D 70 -41.76 6.28 11.17
CA LEU D 70 -41.20 6.51 9.85
C LEU D 70 -42.27 7.09 8.93
N LEU D 71 -41.93 8.18 8.22
CA LEU D 71 -42.78 8.76 7.19
C LEU D 71 -42.23 8.42 5.81
N PRO D 72 -43.02 8.61 4.72
CA PRO D 72 -42.50 8.40 3.36
C PRO D 72 -41.35 9.37 3.07
N SER D 73 -40.32 8.87 2.40
CA SER D 73 -39.18 9.69 1.98
C SER D 73 -39.59 10.68 0.89
N PRO D 74 -39.15 11.95 0.94
CA PRO D 74 -39.49 12.90 -0.12
C PRO D 74 -38.93 12.58 -1.50
N LEU D 75 -37.69 12.11 -1.56
CA LEU D 75 -36.97 12.04 -2.81
C LEU D 75 -37.18 10.68 -3.45
N SER D 76 -38.35 10.51 -4.08
CA SER D 76 -38.87 9.18 -4.41
C SER D 76 -38.96 8.93 -5.91
N THR D 77 -38.53 9.88 -6.74
CA THR D 77 -38.55 9.74 -8.19
C THR D 77 -37.19 10.16 -8.73
N THR D 78 -36.90 9.81 -9.99
CA THR D 78 -35.63 10.21 -10.59
C THR D 78 -35.68 11.70 -10.98
N THR D 79 -36.88 12.30 -11.05
CA THR D 79 -36.98 13.76 -11.20
C THR D 79 -36.44 14.45 -9.95
N LEU D 80 -36.69 13.87 -8.76
CA LEU D 80 -36.20 14.43 -7.52
C LEU D 80 -34.76 14.03 -7.26
N LEU D 81 -34.36 12.81 -7.64
CA LEU D 81 -33.04 12.31 -7.27
C LEU D 81 -32.60 11.25 -8.27
N ASP D 82 -31.49 11.54 -8.96
CA ASP D 82 -30.91 10.68 -9.97
C ASP D 82 -29.50 10.25 -9.58
N MET D 83 -29.35 9.03 -9.05
CA MET D 83 -28.08 8.61 -8.45
C MET D 83 -27.51 7.37 -9.13
N LYS D 84 -28.06 7.00 -10.27
CA LYS D 84 -27.47 5.90 -11.03
C LYS D 84 -26.02 6.23 -11.27
N GLY D 85 -25.13 5.29 -10.92
CA GLY D 85 -23.71 5.44 -11.15
C GLY D 85 -22.99 6.17 -10.02
N ASN D 86 -23.73 6.70 -9.03
CA ASN D 86 -23.11 7.43 -7.94
C ASN D 86 -22.13 6.53 -7.21
N PRO D 87 -20.99 7.08 -6.73
CA PRO D 87 -20.12 6.32 -5.84
C PRO D 87 -20.81 6.08 -4.51
N ALA D 88 -20.45 4.96 -3.88
CA ALA D 88 -20.93 4.67 -2.54
C ALA D 88 -20.54 5.83 -1.62
N SER D 89 -21.52 6.27 -0.82
CA SER D 89 -21.36 7.36 0.13
C SER D 89 -21.26 8.71 -0.56
N GLY D 90 -21.56 8.71 -1.87
CA GLY D 90 -22.04 9.92 -2.51
C GLY D 90 -23.53 10.05 -2.30
N GLY D 91 -24.20 10.73 -3.22
CA GLY D 91 -25.65 10.89 -3.14
C GLY D 91 -26.00 11.89 -2.03
N ILE D 92 -27.02 11.55 -1.25
CA ILE D 92 -27.65 12.49 -0.33
C ILE D 92 -26.83 12.62 0.95
N TRP D 93 -26.16 13.75 1.10
CA TRP D 93 -25.45 14.05 2.31
C TRP D 93 -26.42 14.74 3.27
N ALA D 94 -25.93 15.49 4.25
CA ALA D 94 -26.79 16.03 5.28
C ALA D 94 -27.88 16.87 4.64
N PRO D 95 -29.17 16.55 4.91
CA PRO D 95 -30.28 17.37 4.45
C PRO D 95 -30.68 18.44 5.46
N ASP D 96 -31.44 19.42 4.98
CA ASP D 96 -31.92 20.46 5.84
C ASP D 96 -33.43 20.63 5.61
N LEU D 97 -34.20 20.37 6.67
CA LEU D 97 -35.63 20.55 6.67
C LEU D 97 -36.00 21.80 7.46
N SER D 98 -36.88 22.62 6.88
CA SER D 98 -37.33 23.83 7.53
C SER D 98 -38.81 24.04 7.25
N TYR D 99 -39.44 24.90 8.06
CA TYR D 99 -40.85 25.22 7.90
C TYR D 99 -40.97 26.74 8.00
N ALA D 100 -41.51 27.36 6.95
CA ALA D 100 -41.75 28.80 6.94
C ALA D 100 -42.75 29.10 5.82
N ASP D 101 -43.53 30.16 6.01
CA ASP D 101 -44.46 30.64 5.00
C ASP D 101 -45.47 29.55 4.67
N GLY D 102 -45.85 28.77 5.69
CA GLY D 102 -46.86 27.75 5.54
C GLY D 102 -46.42 26.56 4.69
N LYS D 103 -45.10 26.30 4.56
CA LYS D 103 -44.68 25.09 3.89
C LYS D 103 -43.33 24.56 4.36
N PHE D 104 -43.10 23.28 4.02
CA PHE D 104 -41.84 22.61 4.27
C PHE D 104 -40.88 22.94 3.16
N TRP D 105 -39.61 23.18 3.52
CA TRP D 105 -38.53 23.39 2.58
C TRP D 105 -37.46 22.34 2.86
N LEU D 106 -37.03 21.65 1.80
CA LEU D 106 -36.00 20.63 1.93
C LEU D 106 -34.82 21.01 1.04
N ILE D 107 -33.67 21.28 1.66
CA ILE D 107 -32.43 21.44 0.94
C ILE D 107 -31.70 20.11 1.00
N TYR D 108 -31.30 19.62 -0.16
CA TYR D 108 -30.59 18.36 -0.20
C TYR D 108 -29.46 18.45 -1.20
N THR D 109 -28.46 17.60 -1.00
CA THR D 109 -27.20 17.67 -1.71
C THR D 109 -26.93 16.31 -2.33
N ASP D 110 -26.67 16.27 -3.63
CA ASP D 110 -26.25 15.06 -4.34
C ASP D 110 -24.74 15.18 -4.62
N VAL D 111 -23.95 14.37 -3.90
CA VAL D 111 -22.50 14.40 -4.03
C VAL D 111 -22.05 13.33 -5.04
N LYS D 112 -21.24 13.75 -6.03
CA LYS D 112 -20.82 12.88 -7.12
C LYS D 112 -19.38 12.40 -6.97
N ILE D 113 -18.56 13.01 -6.09
CA ILE D 113 -17.18 12.64 -5.88
C ILE D 113 -16.93 12.47 -4.40
N THR D 114 -16.33 11.31 -4.00
CA THR D 114 -16.11 11.03 -2.58
C THR D 114 -14.63 11.01 -2.19
N GLU D 115 -13.70 11.04 -3.15
CA GLU D 115 -12.28 11.02 -2.84
C GLU D 115 -11.52 11.98 -3.74
N GLY D 116 -10.37 12.46 -3.24
CA GLY D 116 -9.42 13.25 -4.00
C GLY D 116 -9.62 14.73 -3.72
N PRO D 117 -9.03 15.63 -4.54
CA PRO D 117 -9.05 17.06 -4.26
C PRO D 117 -10.42 17.75 -4.37
N PHE D 118 -11.37 17.11 -5.09
CA PHE D 118 -12.68 17.69 -5.35
C PHE D 118 -13.78 16.87 -4.67
N LYS D 119 -14.94 17.50 -4.53
CA LYS D 119 -16.11 16.87 -3.94
C LYS D 119 -17.39 17.40 -4.57
N ASP D 120 -17.42 17.43 -5.91
CA ASP D 120 -18.44 18.08 -6.70
C ASP D 120 -19.84 17.69 -6.23
N MET D 121 -20.63 18.72 -5.93
CA MET D 121 -21.94 18.53 -5.32
C MET D 121 -22.90 19.53 -5.94
N THR D 122 -24.18 19.19 -5.95
CA THR D 122 -25.22 20.16 -6.25
C THR D 122 -26.21 20.15 -5.09
N ASN D 123 -26.54 21.36 -4.63
CA ASN D 123 -27.57 21.59 -3.63
C ASN D 123 -28.88 21.91 -4.33
N TYR D 124 -29.96 21.24 -3.91
CA TYR D 124 -31.28 21.36 -4.51
C TYR D 124 -32.27 21.83 -3.45
N LEU D 125 -33.36 22.45 -3.92
CA LEU D 125 -34.51 22.82 -3.09
C LEU D 125 -35.78 22.18 -3.65
N THR D 126 -36.54 21.51 -2.76
CA THR D 126 -37.91 21.14 -3.04
C THR D 126 -38.78 21.59 -1.86
N THR D 127 -40.10 21.70 -2.06
CA THR D 127 -41.02 22.15 -1.03
C THR D 127 -42.29 21.29 -1.06
N ALA D 128 -43.04 21.36 0.05
CA ALA D 128 -44.29 20.66 0.19
C ALA D 128 -45.15 21.37 1.22
N THR D 129 -46.48 21.38 1.00
CA THR D 129 -47.38 21.88 2.02
C THR D 129 -47.64 20.76 3.04
N ASP D 130 -47.46 19.49 2.66
CA ASP D 130 -47.69 18.37 3.55
C ASP D 130 -46.41 17.55 3.68
N ILE D 131 -46.03 17.15 4.90
CA ILE D 131 -44.78 16.44 5.13
C ILE D 131 -44.71 15.13 4.35
N ARG D 132 -45.86 14.55 4.01
CA ARG D 132 -45.93 13.29 3.26
C ARG D 132 -45.84 13.54 1.76
N GLY D 133 -45.79 14.83 1.34
CA GLY D 133 -45.72 15.17 -0.08
C GLY D 133 -47.09 15.57 -0.62
N PRO D 134 -47.23 15.80 -1.94
CA PRO D 134 -46.13 15.67 -2.91
C PRO D 134 -45.11 16.80 -2.81
N TRP D 135 -43.90 16.57 -3.36
CA TRP D 135 -42.80 17.53 -3.32
C TRP D 135 -42.60 18.16 -4.69
N THR D 136 -42.33 19.47 -4.73
CA THR D 136 -42.19 20.18 -6.00
C THR D 136 -40.91 19.77 -6.72
N ASP D 137 -40.97 19.81 -8.06
CA ASP D 137 -39.83 19.59 -8.92
C ASP D 137 -38.67 20.42 -8.39
N PRO D 138 -37.47 19.83 -8.23
CA PRO D 138 -36.37 20.52 -7.56
C PRO D 138 -35.79 21.64 -8.41
N ILE D 139 -35.37 22.70 -7.71
CA ILE D 139 -34.58 23.77 -8.26
C ILE D 139 -33.12 23.54 -7.85
N ALA D 140 -32.20 23.63 -8.80
CA ALA D 140 -30.78 23.62 -8.47
C ALA D 140 -30.41 24.96 -7.82
N VAL D 141 -29.75 24.91 -6.66
CA VAL D 141 -29.42 26.14 -5.94
C VAL D 141 -27.97 26.53 -6.21
N ASN D 142 -27.01 25.69 -5.85
CA ASN D 142 -25.59 25.99 -6.09
C ASN D 142 -24.76 24.75 -5.78
N GLY D 143 -23.43 24.90 -5.87
CA GLY D 143 -22.46 23.97 -5.32
C GLY D 143 -21.83 24.53 -4.05
N VAL D 144 -20.57 25.01 -4.16
CA VAL D 144 -19.85 25.75 -3.13
C VAL D 144 -19.37 24.83 -2.03
N GLY D 145 -20.33 24.14 -1.39
CA GLY D 145 -20.05 23.17 -0.37
C GLY D 145 -21.30 22.39 0.02
N PHE D 146 -21.11 21.32 0.80
CA PHE D 146 -22.19 20.48 1.26
C PHE D 146 -22.69 21.05 2.58
N ASP D 147 -23.61 20.33 3.23
CA ASP D 147 -24.21 20.75 4.48
C ASP D 147 -24.93 22.10 4.33
N ALA D 148 -25.62 22.28 3.21
CA ALA D 148 -26.35 23.49 2.92
C ALA D 148 -27.64 23.53 3.75
N SER D 149 -27.94 24.72 4.29
CA SER D 149 -29.04 24.90 5.22
C SER D 149 -29.77 26.22 4.92
N LEU D 150 -31.10 26.18 4.88
CA LEU D 150 -31.90 27.33 4.51
C LEU D 150 -32.20 28.11 5.80
N PHE D 151 -31.73 29.35 5.85
CA PHE D 151 -32.05 30.20 6.98
C PHE D 151 -33.16 31.17 6.59
N HIS D 152 -34.27 31.09 7.33
CA HIS D 152 -35.39 32.01 7.18
C HIS D 152 -35.31 33.10 8.25
N ASP D 153 -34.83 34.29 7.87
CA ASP D 153 -34.76 35.41 8.79
C ASP D 153 -36.18 35.91 9.11
N GLU D 154 -36.37 36.38 10.35
CA GLU D 154 -37.67 36.89 10.80
C GLU D 154 -38.11 38.09 9.96
N ASN D 155 -37.16 38.82 9.34
CA ASN D 155 -37.47 39.98 8.52
C ASN D 155 -37.87 39.60 7.09
N GLY D 156 -37.96 38.31 6.77
CA GLY D 156 -38.46 37.88 5.47
C GLY D 156 -37.37 37.61 4.43
N ARG D 157 -36.12 37.96 4.75
CA ARG D 157 -34.99 37.60 3.90
C ARG D 157 -34.65 36.12 4.12
N LYS D 158 -34.05 35.49 3.10
CA LYS D 158 -33.67 34.10 3.21
C LYS D 158 -32.26 33.95 2.67
N TYR D 159 -31.54 32.99 3.26
CA TYR D 159 -30.14 32.76 2.97
C TYR D 159 -29.85 31.26 2.93
N LEU D 160 -28.77 30.90 2.22
CA LEU D 160 -28.18 29.59 2.30
C LEU D 160 -26.88 29.69 3.11
N VAL D 161 -26.76 28.87 4.14
CA VAL D 161 -25.53 28.77 4.89
C VAL D 161 -24.94 27.37 4.68
N GLN D 162 -23.63 27.25 4.42
CA GLN D 162 -23.07 25.95 4.04
C GLN D 162 -21.57 25.86 4.37
N GLN D 163 -21.06 24.61 4.39
CA GLN D 163 -19.65 24.33 4.29
C GLN D 163 -19.09 24.89 2.97
N THR D 164 -17.77 25.08 2.90
CA THR D 164 -17.11 25.70 1.77
C THR D 164 -15.92 24.85 1.35
N TRP D 165 -16.04 24.12 0.24
CA TRP D 165 -14.96 23.25 -0.20
C TRP D 165 -13.83 24.08 -0.82
N ASP D 166 -12.60 23.74 -0.46
CA ASP D 166 -11.41 24.29 -1.11
C ASP D 166 -10.54 23.14 -1.60
N HIS D 167 -10.35 23.07 -2.93
CA HIS D 167 -9.58 22.01 -3.56
C HIS D 167 -8.08 22.27 -3.48
N ARG D 168 -7.69 23.49 -3.07
CA ARG D 168 -6.29 23.89 -3.13
C ARG D 168 -5.54 23.18 -2.00
N GLU D 169 -4.58 22.30 -2.36
CA GLU D 169 -3.98 21.39 -1.40
C GLU D 169 -3.09 22.12 -0.40
N TYR D 170 -2.70 23.36 -0.70
CA TYR D 170 -1.85 24.15 0.17
C TYR D 170 -2.70 25.00 1.13
N HIS D 171 -4.04 24.84 1.09
CA HIS D 171 -4.92 25.42 2.11
C HIS D 171 -5.61 24.33 2.90
N HIS D 172 -6.34 24.71 3.96
CA HIS D 172 -7.20 23.75 4.63
C HIS D 172 -8.45 23.56 3.77
N PRO D 173 -8.97 22.32 3.62
CA PRO D 173 -10.06 22.08 2.67
C PRO D 173 -11.45 22.61 3.04
N PHE D 174 -11.68 22.94 4.33
CA PHE D 174 -12.97 23.44 4.77
C PHE D 174 -12.84 24.94 5.08
N ASN D 175 -13.20 25.75 4.09
CA ASN D 175 -12.82 27.14 4.05
C ASN D 175 -13.94 28.00 4.63
N GLY D 176 -14.25 27.77 5.92
CA GLY D 176 -15.18 28.63 6.62
C GLY D 176 -16.62 28.29 6.26
N ILE D 177 -17.54 29.06 6.84
CA ILE D 177 -18.96 28.88 6.62
C ILE D 177 -19.45 30.01 5.72
N THR D 178 -19.90 29.67 4.51
CA THR D 178 -20.36 30.65 3.55
C THR D 178 -21.84 30.90 3.82
N LEU D 179 -22.21 32.17 3.80
CA LEU D 179 -23.59 32.64 3.83
C LEU D 179 -23.86 33.45 2.58
N THR D 180 -24.93 33.10 1.84
CA THR D 180 -25.29 33.76 0.60
C THR D 180 -26.78 34.04 0.63
N GLU D 181 -27.21 35.21 0.15
CA GLU D 181 -28.61 35.58 0.23
C GLU D 181 -29.39 35.15 -1.03
N PHE D 182 -30.62 34.70 -0.80
CA PHE D 182 -31.58 34.40 -1.84
C PHE D 182 -32.33 35.64 -2.32
N ASP D 183 -32.63 35.67 -3.63
CA ASP D 183 -33.79 36.36 -4.18
C ASP D 183 -35.02 35.48 -3.90
N THR D 184 -35.91 35.92 -3.01
CA THR D 184 -36.95 35.04 -2.49
C THR D 184 -38.08 34.86 -3.52
N ALA D 185 -38.14 35.71 -4.55
CA ALA D 185 -39.14 35.57 -5.60
C ALA D 185 -38.82 34.39 -6.52
N THR D 186 -37.53 34.07 -6.74
CA THR D 186 -37.13 32.97 -7.62
C THR D 186 -36.45 31.84 -6.85
N MET D 187 -36.09 32.10 -5.59
CA MET D 187 -35.22 31.24 -4.80
C MET D 187 -33.95 30.86 -5.59
N GLN D 188 -33.35 31.87 -6.25
CA GLN D 188 -32.00 31.77 -6.76
C GLN D 188 -31.10 32.63 -5.87
N LEU D 189 -29.89 32.13 -5.60
CA LEU D 189 -28.92 32.88 -4.83
C LEU D 189 -28.41 34.09 -5.60
N LYS D 190 -28.01 35.12 -4.84
CA LYS D 190 -27.29 36.26 -5.35
C LYS D 190 -25.81 36.10 -4.97
N PRO D 191 -24.98 35.55 -5.87
CA PRO D 191 -23.62 35.15 -5.50
C PRO D 191 -22.74 36.30 -4.96
N GLU D 192 -23.08 37.53 -5.33
CA GLU D 192 -22.28 38.66 -4.90
C GLU D 192 -22.44 38.88 -3.38
N THR D 193 -23.44 38.25 -2.74
CA THR D 193 -23.71 38.46 -1.32
C THR D 193 -22.94 37.46 -0.45
N ALA D 194 -22.27 36.48 -1.10
CA ALA D 194 -21.51 35.47 -0.39
C ALA D 194 -20.47 36.09 0.54
N ARG D 195 -20.41 35.58 1.76
CA ARG D 195 -19.29 35.88 2.62
C ARG D 195 -19.10 34.74 3.61
N ASN D 196 -17.88 34.66 4.10
CA ASN D 196 -17.49 33.82 5.20
C ASN D 196 -17.90 34.49 6.52
N ILE D 197 -18.84 33.86 7.25
CA ILE D 197 -19.34 34.38 8.53
C ILE D 197 -18.54 33.81 9.71
N TYR D 198 -17.77 32.73 9.51
CA TYR D 198 -17.16 32.03 10.63
C TYR D 198 -16.12 31.01 10.16
N ASN D 199 -14.89 31.11 10.71
CA ASN D 199 -13.80 30.23 10.33
C ASN D 199 -13.67 29.02 11.25
N GLY D 200 -14.45 28.95 12.33
CA GLY D 200 -14.34 27.80 13.22
C GLY D 200 -13.13 27.93 14.15
N THR D 201 -12.73 26.82 14.77
CA THR D 201 -11.66 26.75 15.75
C THR D 201 -10.52 25.94 15.14
N ASP D 202 -9.45 25.73 15.89
CA ASP D 202 -8.27 25.05 15.36
C ASP D 202 -8.56 23.57 15.07
N VAL D 203 -9.71 23.03 15.51
CA VAL D 203 -10.06 21.64 15.18
C VAL D 203 -10.42 21.51 13.70
N LYS D 204 -10.91 22.61 13.09
CA LYS D 204 -11.11 22.73 11.65
C LYS D 204 -12.18 21.75 11.16
N LEU D 205 -12.18 21.50 9.86
CA LEU D 205 -13.25 20.76 9.20
C LEU D 205 -14.60 21.36 9.60
N VAL D 206 -14.70 22.69 9.57
CA VAL D 206 -15.94 23.34 9.93
C VAL D 206 -16.99 23.09 8.85
N GLU D 207 -18.17 22.61 9.28
CA GLU D 207 -19.28 22.24 8.43
C GLU D 207 -20.58 22.23 9.23
N GLY D 208 -21.63 21.63 8.66
CA GLY D 208 -22.93 21.46 9.29
C GLY D 208 -23.52 22.74 9.89
N PRO D 209 -23.44 23.91 9.22
CA PRO D 209 -23.88 25.16 9.84
C PRO D 209 -25.40 25.27 9.89
N HIS D 210 -25.92 25.73 11.03
CA HIS D 210 -27.31 26.14 11.17
C HIS D 210 -27.37 27.49 11.89
N LEU D 211 -28.21 28.39 11.40
CA LEU D 211 -28.40 29.70 12.02
C LEU D 211 -29.75 29.72 12.75
N TYR D 212 -29.80 30.33 13.94
CA TYR D 212 -31.02 30.51 14.70
C TYR D 212 -31.06 31.94 15.25
N GLN D 213 -32.21 32.60 15.20
CA GLN D 213 -32.39 33.89 15.84
C GLN D 213 -32.98 33.67 17.23
N ILE D 214 -32.19 33.95 18.27
CA ILE D 214 -32.59 33.73 19.65
C ILE D 214 -32.10 34.90 20.52
N SER D 215 -33.05 35.52 21.24
CA SER D 215 -32.78 36.58 22.20
C SER D 215 -31.95 37.70 21.57
N GLY D 216 -32.27 38.09 20.34
CA GLY D 216 -31.62 39.22 19.68
C GLY D 216 -30.24 38.89 19.11
N TYR D 217 -29.83 37.61 19.10
CA TYR D 217 -28.57 37.26 18.49
C TYR D 217 -28.86 36.25 17.40
N TYR D 218 -27.97 36.20 16.40
CA TYR D 218 -27.87 35.05 15.52
C TYR D 218 -26.91 34.06 16.17
N TYR D 219 -27.40 32.85 16.44
CA TYR D 219 -26.55 31.75 16.88
C TYR D 219 -26.24 30.84 15.70
N LEU D 220 -24.96 30.51 15.56
CA LEU D 220 -24.46 29.57 14.57
C LEU D 220 -23.99 28.30 15.27
N PHE D 221 -24.61 27.18 14.93
CA PHE D 221 -24.10 25.86 15.30
C PHE D 221 -23.30 25.34 14.10
N ALA D 222 -22.15 24.72 14.33
CA ALA D 222 -21.37 24.12 13.28
C ALA D 222 -20.69 22.85 13.81
N ALA D 223 -20.59 21.85 12.94
CA ALA D 223 -19.83 20.64 13.23
C ALA D 223 -18.35 20.87 12.90
N GLU D 224 -17.44 20.21 13.62
CA GLU D 224 -16.01 20.27 13.34
C GLU D 224 -15.34 18.92 13.60
N GLY D 225 -14.12 18.78 13.08
CA GLY D 225 -13.26 17.66 13.43
C GLY D 225 -13.47 16.43 12.53
N GLY D 226 -14.42 16.46 11.60
CA GLY D 226 -14.80 15.29 10.82
C GLY D 226 -15.74 14.36 11.61
N THR D 227 -16.43 13.46 10.90
CA THR D 227 -17.54 12.71 11.48
C THR D 227 -17.08 11.37 12.09
N VAL D 228 -15.81 11.26 12.49
CA VAL D 228 -15.31 10.11 13.23
C VAL D 228 -15.15 10.50 14.70
N PHE D 229 -14.14 9.97 15.43
CA PHE D 229 -14.13 10.11 16.89
C PHE D 229 -13.76 11.52 17.37
N THR D 230 -13.17 12.34 16.47
CA THR D 230 -12.79 13.72 16.77
C THR D 230 -13.91 14.70 16.42
N HIS D 231 -15.09 14.19 16.06
CA HIS D 231 -16.24 15.02 15.77
C HIS D 231 -16.60 15.88 17.00
N GLN D 232 -17.08 17.10 16.73
CA GLN D 232 -17.68 17.94 17.77
C GLN D 232 -18.65 18.93 17.12
N GLU D 233 -19.47 19.58 17.96
CA GLU D 233 -20.26 20.71 17.51
C GLU D 233 -19.82 21.93 18.33
N VAL D 234 -19.66 23.06 17.65
CA VAL D 234 -19.33 24.32 18.29
C VAL D 234 -20.45 25.30 18.02
N VAL D 235 -20.47 26.37 18.83
CA VAL D 235 -21.51 27.39 18.79
C VAL D 235 -20.79 28.74 18.78
N ALA D 236 -21.31 29.64 17.95
CA ALA D 236 -20.84 31.01 17.83
C ALA D 236 -22.06 31.93 17.78
N ARG D 237 -21.86 33.24 18.01
CA ARG D 237 -22.99 34.15 17.89
C ARG D 237 -22.53 35.51 17.37
N SER D 238 -23.50 36.26 16.86
CA SER D 238 -23.28 37.60 16.35
C SER D 238 -24.60 38.35 16.37
N LYS D 239 -24.52 39.69 16.53
CA LYS D 239 -25.69 40.52 16.38
C LYS D 239 -26.03 40.69 14.90
N THR D 240 -25.10 40.33 13.99
CA THR D 240 -25.32 40.53 12.57
C THR D 240 -24.97 39.27 11.78
N LEU D 241 -25.15 39.37 10.46
CA LEU D 241 -24.74 38.34 9.51
C LEU D 241 -23.53 38.83 8.71
N ASP D 242 -22.73 39.71 9.34
CA ASP D 242 -21.58 40.29 8.68
C ASP D 242 -20.43 39.28 8.60
N GLU D 243 -19.58 39.50 7.59
CA GLU D 243 -18.36 38.75 7.38
C GLU D 243 -17.56 38.59 8.68
N LEU D 244 -17.16 37.34 8.99
CA LEU D 244 -16.35 36.98 10.14
C LEU D 244 -16.78 37.73 11.41
N SER D 245 -18.09 37.82 11.66
CA SER D 245 -18.59 38.53 12.84
C SER D 245 -18.91 37.56 13.97
N PHE D 246 -18.89 36.24 13.73
CA PHE D 246 -19.34 35.29 14.72
C PHE D 246 -18.23 34.95 15.70
N GLU D 247 -18.57 35.02 17.00
CA GLU D 247 -17.66 34.79 18.11
C GLU D 247 -17.96 33.45 18.77
N SER D 248 -16.91 32.69 19.05
CA SER D 248 -17.02 31.33 19.56
C SER D 248 -17.44 31.32 21.03
N GLU D 249 -18.32 30.36 21.37
CA GLU D 249 -18.70 30.06 22.73
C GLU D 249 -17.45 29.82 23.58
N PRO D 250 -17.32 30.46 24.76
CA PRO D 250 -16.23 30.14 25.68
C PRO D 250 -16.47 28.77 26.31
N ASP D 251 -15.38 28.08 26.69
CA ASP D 251 -15.49 26.81 27.38
C ASP D 251 -16.18 25.79 26.47
N GLY D 252 -15.77 25.77 25.19
CA GLY D 252 -16.33 24.85 24.21
C GLY D 252 -15.65 23.50 24.29
N PRO D 253 -16.07 22.50 23.49
CA PRO D 253 -17.16 22.67 22.52
C PRO D 253 -18.53 22.47 23.16
N PHE D 254 -19.58 22.57 22.33
CA PHE D 254 -20.95 22.36 22.78
C PHE D 254 -21.18 20.86 23.00
N ILE D 255 -20.80 20.01 22.04
CA ILE D 255 -20.92 18.57 22.19
C ILE D 255 -19.72 17.87 21.54
N THR D 256 -19.17 16.85 22.22
CA THR D 256 -18.15 15.95 21.67
C THR D 256 -18.01 14.73 22.57
N ASN D 257 -17.64 13.60 21.96
CA ASN D 257 -17.24 12.40 22.68
C ASN D 257 -15.77 12.08 22.41
N MET D 258 -15.03 13.02 21.82
CA MET D 258 -13.62 12.81 21.56
CA MET D 258 -13.62 12.82 21.56
C MET D 258 -12.90 12.47 22.86
N ASP D 259 -13.26 13.19 23.94
CA ASP D 259 -12.56 13.10 25.20
C ASP D 259 -13.38 12.28 26.21
N THR D 260 -14.32 11.45 25.73
CA THR D 260 -15.04 10.51 26.57
C THR D 260 -14.90 9.12 25.95
N PRO D 261 -13.68 8.54 25.90
CA PRO D 261 -13.42 7.34 25.09
C PRO D 261 -14.12 6.06 25.54
N ASP D 262 -14.61 6.02 26.79
CA ASP D 262 -15.28 4.83 27.31
C ASP D 262 -16.81 4.98 27.30
N PHE D 263 -17.33 6.14 26.86
CA PHE D 263 -18.76 6.39 26.94
C PHE D 263 -19.52 5.60 25.88
N TYR D 264 -20.76 5.21 26.22
CA TYR D 264 -21.61 4.40 25.35
C TYR D 264 -21.88 5.14 24.03
N LEU D 265 -21.93 6.48 24.08
CA LEU D 265 -22.16 7.27 22.87
C LEU D 265 -20.84 7.84 22.37
N GLN D 266 -20.66 7.81 21.04
CA GLN D 266 -19.47 8.35 20.39
C GLN D 266 -19.88 9.16 19.16
N LYS D 267 -18.96 10.00 18.70
CA LYS D 267 -19.02 10.72 17.44
C LYS D 267 -20.14 11.76 17.41
N GLN D 268 -20.63 12.21 18.57
CA GLN D 268 -21.70 13.21 18.57
C GLN D 268 -21.13 14.54 18.07
N GLY D 269 -21.98 15.30 17.42
CA GLY D 269 -21.60 16.55 16.80
C GLY D 269 -22.73 17.08 15.92
N HIS D 270 -22.52 16.95 14.60
CA HIS D 270 -23.40 17.45 13.56
C HIS D 270 -24.87 17.17 13.94
N GLY D 271 -25.68 18.23 13.96
CA GLY D 271 -27.04 18.10 14.43
C GLY D 271 -27.81 19.40 14.36
N ALA D 272 -28.93 19.48 15.10
CA ALA D 272 -29.83 20.62 14.99
C ALA D 272 -30.53 20.87 16.31
N LEU D 273 -30.75 22.15 16.60
CA LEU D 273 -31.39 22.65 17.81
C LEU D 273 -32.87 22.89 17.56
N THR D 274 -33.73 22.49 18.50
CA THR D 274 -35.16 22.79 18.41
C THR D 274 -35.65 23.19 19.80
N SER D 275 -36.68 24.05 19.81
CA SER D 275 -37.41 24.42 21.01
C SER D 275 -38.63 23.51 21.12
N THR D 276 -39.24 23.46 22.31
CA THR D 276 -40.51 22.80 22.54
C THR D 276 -41.60 23.88 22.67
N PRO D 277 -42.91 23.54 22.63
CA PRO D 277 -43.96 24.53 22.80
C PRO D 277 -43.84 25.35 24.09
N SER D 278 -43.20 24.78 25.14
CA SER D 278 -43.09 25.42 26.45
C SER D 278 -41.79 26.20 26.63
N GLY D 279 -40.90 26.18 25.62
CA GLY D 279 -39.65 26.90 25.71
C GLY D 279 -38.52 26.08 26.35
N GLU D 280 -38.62 24.75 26.34
CA GLU D 280 -37.45 23.91 26.55
C GLU D 280 -36.66 23.79 25.24
N TRP D 281 -35.44 23.23 25.33
CA TRP D 281 -34.51 23.17 24.21
C TRP D 281 -33.86 21.79 24.14
N TYR D 282 -33.85 21.22 22.92
CA TYR D 282 -33.25 19.92 22.63
C TYR D 282 -32.37 20.00 21.39
N TYR D 283 -31.41 19.07 21.29
CA TYR D 283 -30.46 19.01 20.21
C TYR D 283 -30.39 17.56 19.71
N ALA D 284 -30.73 17.34 18.44
CA ALA D 284 -30.52 16.05 17.80
C ALA D 284 -29.12 16.03 17.20
N SER D 285 -28.39 14.93 17.44
CA SER D 285 -27.02 14.74 17.00
C SER D 285 -26.91 13.41 16.27
N LEU D 286 -25.99 13.31 15.32
CA LEU D 286 -25.62 11.96 14.89
C LEU D 286 -24.79 11.36 16.03
N VAL D 287 -24.77 10.03 16.09
CA VAL D 287 -24.08 9.31 17.16
C VAL D 287 -23.75 7.90 16.66
N SER D 288 -22.74 7.27 17.27
CA SER D 288 -22.42 5.88 16.99
C SER D 288 -22.17 5.14 18.29
N ARG D 289 -22.31 3.80 18.20
CA ARG D 289 -22.02 2.86 19.26
C ARG D 289 -21.01 1.84 18.73
N PRO D 290 -19.71 2.22 18.61
CA PRO D 290 -18.70 1.36 18.02
C PRO D 290 -18.32 0.28 19.02
N TRP D 291 -18.20 -0.98 18.57
CA TRP D 291 -17.85 -2.07 19.48
C TRP D 291 -16.43 -2.54 19.16
N ASN D 292 -15.85 -3.36 20.04
CA ASN D 292 -14.53 -3.92 19.85
C ASN D 292 -14.60 -5.43 19.69
N HIS D 293 -13.68 -5.99 18.89
CA HIS D 293 -13.35 -7.41 18.99
C HIS D 293 -12.74 -7.66 20.37
N THR D 294 -12.79 -8.92 20.81
CA THR D 294 -12.38 -9.25 22.16
C THR D 294 -10.88 -8.98 22.37
N ASN D 295 -10.02 -9.12 21.36
CA ASN D 295 -8.58 -8.98 21.57
C ASN D 295 -8.07 -7.55 21.40
N GLU D 296 -8.92 -6.60 21.00
CA GLU D 296 -8.49 -5.24 20.70
C GLU D 296 -8.41 -4.38 21.96
N SER D 297 -7.49 -3.40 21.97
CA SER D 297 -7.54 -2.31 22.93
C SER D 297 -8.85 -1.52 22.75
N SER D 298 -9.53 -1.19 23.86
CA SER D 298 -10.75 -0.40 23.80
C SER D 298 -10.50 0.99 23.22
N HIS D 299 -9.26 1.49 23.21
CA HIS D 299 -9.00 2.86 22.78
C HIS D 299 -8.23 2.92 21.44
N ASP D 300 -7.88 1.77 20.86
CA ASP D 300 -7.26 1.78 19.55
C ASP D 300 -7.30 0.37 18.95
N PRO D 301 -8.25 0.08 18.03
CA PRO D 301 -9.19 1.07 17.49
C PRO D 301 -10.29 1.36 18.50
N ARG D 302 -10.86 2.58 18.46
CA ARG D 302 -11.94 2.92 19.39
C ARG D 302 -13.19 2.06 19.11
N GLY D 303 -13.31 1.57 17.88
CA GLY D 303 -14.25 0.50 17.59
C GLY D 303 -14.81 0.54 16.17
N TRP D 304 -15.80 -0.34 15.95
CA TRP D 304 -16.40 -0.57 14.65
C TRP D 304 -17.89 -0.28 14.71
N SER D 305 -18.35 0.60 13.82
CA SER D 305 -19.74 1.03 13.81
C SER D 305 -20.51 0.32 12.71
N THR D 306 -21.04 -0.88 13.01
CA THR D 306 -21.86 -1.60 12.04
C THR D 306 -23.23 -0.93 11.88
N LEU D 307 -23.73 -0.33 12.98
CA LEU D 307 -25.00 0.38 12.93
C LEU D 307 -24.79 1.80 12.41
N GLY D 308 -23.55 2.13 12.06
CA GLY D 308 -23.24 3.40 11.41
C GLY D 308 -23.53 4.58 12.33
N ARG D 309 -23.90 5.71 11.70
CA ARG D 309 -24.26 6.92 12.41
C ARG D 309 -25.78 6.95 12.57
N GLU D 310 -26.19 6.89 13.84
CA GLU D 310 -27.56 6.85 14.30
C GLU D 310 -27.91 8.27 14.77
N THR D 311 -29.11 8.46 15.36
CA THR D 311 -29.49 9.78 15.87
C THR D 311 -29.72 9.70 17.38
N SER D 312 -29.15 10.66 18.12
CA SER D 312 -29.43 10.87 19.54
C SER D 312 -30.10 12.24 19.74
N ILE D 313 -30.71 12.41 20.91
CA ILE D 313 -31.29 13.68 21.30
C ILE D 313 -30.80 14.01 22.71
N GLN D 314 -30.28 15.22 22.85
CA GLN D 314 -29.77 15.73 24.11
C GLN D 314 -30.59 16.96 24.50
N LYS D 315 -30.70 17.19 25.81
CA LYS D 315 -31.38 18.36 26.33
C LYS D 315 -30.37 19.50 26.42
N VAL D 316 -30.87 20.73 26.21
CA VAL D 316 -30.06 21.92 26.23
C VAL D 316 -30.59 22.92 27.25
N GLU D 317 -29.67 23.55 27.99
CA GLU D 317 -29.99 24.71 28.83
C GLU D 317 -29.03 25.85 28.51
N TRP D 318 -29.46 27.07 28.86
CA TRP D 318 -28.70 28.26 28.58
C TRP D 318 -28.03 28.76 29.85
N ASP D 319 -26.73 29.06 29.77
CA ASP D 319 -25.97 29.54 30.90
C ASP D 319 -26.26 31.04 31.04
N ASP D 320 -25.71 31.66 32.09
CA ASP D 320 -26.12 33.02 32.44
C ASP D 320 -25.60 34.03 31.40
N ALA D 321 -24.56 33.68 30.65
CA ALA D 321 -24.01 34.55 29.62
C ALA D 321 -24.70 34.32 28.27
N GLY D 322 -25.74 33.48 28.23
CA GLY D 322 -26.54 33.32 27.02
C GLY D 322 -25.96 32.28 26.06
N TRP D 323 -25.19 31.33 26.59
CA TRP D 323 -24.59 30.28 25.78
C TRP D 323 -25.29 28.95 26.03
N PRO D 324 -25.59 28.15 24.98
CA PRO D 324 -26.26 26.86 25.14
C PRO D 324 -25.27 25.78 25.57
N ARG D 325 -25.71 24.94 26.53
CA ARG D 325 -24.90 23.88 27.09
C ARG D 325 -25.74 22.61 27.15
N VAL D 326 -25.08 21.49 26.86
CA VAL D 326 -25.75 20.19 26.90
C VAL D 326 -25.90 19.77 28.35
N VAL D 327 -27.12 19.30 28.69
CA VAL D 327 -27.40 18.79 30.02
C VAL D 327 -26.64 17.48 30.18
N GLY D 328 -25.90 17.38 31.30
CA GLY D 328 -25.09 16.23 31.63
C GLY D 328 -23.64 16.39 31.18
N GLY D 329 -23.27 17.57 30.66
CA GLY D 329 -21.91 17.80 30.21
C GLY D 329 -21.77 17.61 28.71
N HIS D 330 -20.62 17.99 28.15
CA HIS D 330 -20.45 18.08 26.69
C HIS D 330 -20.46 16.72 26.01
N GLY D 331 -20.43 15.62 26.76
CA GLY D 331 -20.54 14.28 26.17
C GLY D 331 -22.01 13.84 26.01
N GLY D 332 -22.93 14.56 26.66
CA GLY D 332 -24.34 14.22 26.62
C GLY D 332 -24.66 13.05 27.57
N GLN D 333 -25.89 12.55 27.46
CA GLN D 333 -26.41 11.50 28.32
C GLN D 333 -27.02 10.40 27.46
N VAL D 334 -27.05 9.18 28.03
CA VAL D 334 -27.70 8.05 27.38
C VAL D 334 -29.21 8.22 27.51
N GLU D 335 -29.65 8.59 28.71
CA GLU D 335 -31.08 8.77 28.96
C GLU D 335 -31.37 10.23 29.27
N VAL D 336 -32.43 10.77 28.66
CA VAL D 336 -32.70 12.20 28.70
C VAL D 336 -34.18 12.41 28.99
N ASP D 337 -34.47 13.40 29.86
CA ASP D 337 -35.84 13.76 30.18
C ASP D 337 -36.57 14.27 28.95
N ALA D 338 -37.76 13.71 28.72
CA ALA D 338 -38.60 14.11 27.61
C ALA D 338 -39.17 15.50 27.88
N PRO D 339 -39.69 16.21 26.87
CA PRO D 339 -40.30 17.52 27.09
C PRO D 339 -41.42 17.45 28.13
N LYS D 340 -41.55 18.51 28.95
CA LYS D 340 -42.63 18.59 29.94
C LYS D 340 -44.00 18.50 29.29
N ASP D 341 -44.15 19.09 28.10
CA ASP D 341 -45.41 19.11 27.38
C ASP D 341 -45.49 17.97 26.36
N ALA D 342 -44.65 16.94 26.51
CA ALA D 342 -44.65 15.81 25.59
C ALA D 342 -46.06 15.22 25.43
N ILE D 343 -46.45 14.94 24.18
CA ILE D 343 -47.67 14.20 23.88
C ILE D 343 -47.28 12.80 23.44
N GLU D 344 -47.79 11.78 24.16
CA GLU D 344 -47.35 10.40 23.95
C GLU D 344 -47.59 9.97 22.50
N THR D 345 -46.55 9.44 21.86
CA THR D 345 -46.65 8.99 20.48
C THR D 345 -46.55 7.46 20.50
N THR D 346 -47.49 6.82 19.80
CA THR D 346 -47.48 5.38 19.67
C THR D 346 -46.58 5.04 18.50
N ALA D 347 -45.68 4.09 18.73
CA ALA D 347 -44.76 3.64 17.72
C ALA D 347 -44.56 2.15 17.91
N PRO D 348 -44.09 1.41 16.86
CA PRO D 348 -43.75 -0.02 17.04
C PRO D 348 -42.79 -0.18 18.22
N LYS D 349 -42.84 -1.33 18.90
CA LYS D 349 -42.06 -1.53 20.11
C LYS D 349 -40.58 -1.66 19.76
N ASP D 350 -40.27 -2.17 18.57
CA ASP D 350 -38.90 -2.27 18.06
C ASP D 350 -38.92 -2.15 16.54
N HIS D 351 -37.80 -2.46 15.86
CA HIS D 351 -37.74 -2.30 14.40
C HIS D 351 -37.80 -3.64 13.69
N SER D 352 -38.29 -4.69 14.35
CA SER D 352 -38.56 -5.97 13.70
C SER D 352 -39.50 -5.78 12.52
N GLN D 353 -39.40 -6.66 11.52
CA GLN D 353 -40.18 -6.54 10.31
C GLN D 353 -40.62 -7.93 9.87
N HIS D 354 -41.92 -8.12 9.62
CA HIS D 354 -42.46 -9.41 9.21
C HIS D 354 -43.26 -9.18 7.93
N ASP D 355 -42.64 -9.45 6.79
CA ASP D 355 -43.19 -9.05 5.52
C ASP D 355 -43.62 -10.28 4.72
N ASP D 356 -44.91 -10.35 4.39
CA ASP D 356 -45.51 -11.42 3.59
C ASP D 356 -45.56 -11.04 2.11
N PHE D 357 -45.18 -9.80 1.77
CA PHE D 357 -45.24 -9.30 0.41
C PHE D 357 -46.67 -9.38 -0.11
N ASP D 358 -47.60 -9.07 0.79
CA ASP D 358 -49.03 -9.10 0.55
C ASP D 358 -49.46 -7.83 -0.19
N GLN D 359 -48.67 -6.75 -0.08
CA GLN D 359 -49.09 -5.43 -0.56
C GLN D 359 -48.44 -5.16 -1.90
N PRO D 360 -49.07 -4.36 -2.79
CA PRO D 360 -48.48 -4.02 -4.08
C PRO D 360 -47.35 -3.00 -4.06
N THR D 361 -47.05 -2.39 -2.91
CA THR D 361 -45.89 -1.50 -2.79
C THR D 361 -45.03 -1.95 -1.62
N LEU D 362 -43.74 -1.62 -1.68
CA LEU D 362 -42.77 -2.08 -0.69
C LEU D 362 -43.03 -1.40 0.66
N ASP D 363 -42.96 -2.16 1.75
CA ASP D 363 -42.84 -1.63 3.10
C ASP D 363 -41.78 -0.51 3.09
N LEU D 364 -42.04 0.56 3.84
CA LEU D 364 -41.25 1.78 3.82
C LEU D 364 -39.83 1.56 4.36
N ASN D 365 -39.62 0.51 5.15
CA ASN D 365 -38.29 0.19 5.68
C ASN D 365 -37.34 -0.32 4.59
N TRP D 366 -37.89 -0.82 3.46
CA TRP D 366 -37.07 -1.27 2.35
C TRP D 366 -36.50 -0.09 1.58
N ASN D 367 -35.24 -0.22 1.14
CA ASN D 367 -34.62 0.73 0.24
C ASN D 367 -33.98 -0.05 -0.94
N THR D 368 -33.75 0.66 -2.05
CA THR D 368 -33.00 0.13 -3.18
C THR D 368 -31.68 0.89 -3.28
N LEU D 369 -30.76 0.36 -4.09
CA LEU D 369 -29.53 1.06 -4.37
C LEU D 369 -29.78 2.03 -5.52
N ARG D 370 -29.68 3.35 -5.22
CA ARG D 370 -29.47 4.42 -6.17
C ARG D 370 -30.70 4.78 -7.00
N GLN D 371 -31.55 3.79 -7.33
CA GLN D 371 -32.62 3.94 -8.30
C GLN D 371 -33.92 3.41 -7.71
N PRO D 372 -35.09 3.91 -8.17
CA PRO D 372 -36.39 3.38 -7.70
C PRO D 372 -36.62 1.90 -8.03
N PHE D 373 -37.48 1.26 -7.23
CA PHE D 373 -37.92 -0.10 -7.52
C PHE D 373 -38.89 -0.06 -8.71
N THR D 374 -38.39 -0.36 -9.91
CA THR D 374 -39.23 -0.31 -11.11
C THR D 374 -39.54 -1.74 -11.55
N ALA D 375 -40.35 -1.87 -12.60
CA ALA D 375 -40.72 -3.16 -13.18
C ALA D 375 -39.47 -3.91 -13.68
N GLN D 376 -38.42 -3.16 -14.02
CA GLN D 376 -37.15 -3.71 -14.48
C GLN D 376 -36.44 -4.47 -13.35
N MET D 377 -36.61 -4.03 -12.09
CA MET D 377 -36.02 -4.73 -10.95
C MET D 377 -36.90 -5.89 -10.51
N GLY D 378 -38.22 -5.76 -10.73
CA GLY D 378 -39.16 -6.78 -10.32
C GLY D 378 -40.48 -6.18 -9.85
N SER D 379 -41.17 -6.93 -8.97
CA SER D 379 -42.51 -6.59 -8.55
C SER D 379 -42.76 -7.18 -7.16
N VAL D 380 -43.74 -6.61 -6.47
CA VAL D 380 -44.17 -7.12 -5.18
C VAL D 380 -45.68 -7.11 -5.14
N GLY D 381 -46.25 -8.11 -4.48
CA GLY D 381 -47.69 -8.21 -4.33
C GLY D 381 -48.15 -9.64 -4.40
N ASN D 382 -49.37 -9.88 -3.91
CA ASN D 382 -50.00 -11.20 -3.91
C ASN D 382 -49.14 -12.23 -3.19
N GLY D 383 -48.34 -11.83 -2.17
CA GLY D 383 -47.67 -12.80 -1.32
C GLY D 383 -46.24 -13.12 -1.78
N GLU D 384 -45.76 -12.45 -2.83
CA GLU D 384 -44.43 -12.74 -3.38
C GLU D 384 -43.70 -11.46 -3.78
N LEU D 385 -42.39 -11.48 -3.54
CA LEU D 385 -41.44 -10.55 -4.14
C LEU D 385 -40.77 -11.28 -5.30
N LYS D 386 -40.81 -10.66 -6.47
CA LYS D 386 -40.06 -11.13 -7.63
C LYS D 386 -38.95 -10.13 -7.89
N LEU D 387 -37.71 -10.63 -7.91
CA LEU D 387 -36.59 -9.83 -8.34
C LEU D 387 -36.07 -10.41 -9.63
N ILE D 388 -35.96 -9.55 -10.65
CA ILE D 388 -35.38 -9.91 -11.92
C ILE D 388 -33.87 -9.70 -11.82
N GLY D 389 -33.12 -10.78 -11.98
CA GLY D 389 -31.67 -10.72 -11.93
C GLY D 389 -31.12 -9.72 -12.95
N GLN D 390 -30.38 -8.73 -12.46
CA GLN D 390 -29.62 -7.81 -13.29
C GLN D 390 -28.17 -7.82 -12.80
N GLN D 391 -27.60 -6.65 -12.46
CA GLN D 391 -26.18 -6.55 -12.14
C GLN D 391 -25.95 -6.97 -10.69
N THR D 392 -24.69 -7.31 -10.39
CA THR D 392 -24.29 -7.78 -9.07
C THR D 392 -24.23 -6.59 -8.12
N MET D 393 -24.15 -6.92 -6.82
CA MET D 393 -23.97 -5.96 -5.75
C MET D 393 -22.68 -5.14 -5.90
N SER D 394 -21.78 -5.58 -6.80
CA SER D 394 -20.56 -4.87 -7.07
C SER D 394 -20.77 -3.68 -8.02
N SER D 395 -21.99 -3.50 -8.59
CA SER D 395 -22.27 -2.50 -9.59
C SER D 395 -22.93 -1.24 -8.98
N ASN D 396 -22.65 -0.08 -9.61
CA ASN D 396 -23.34 1.16 -9.29
C ASN D 396 -24.52 1.39 -10.22
N PHE D 397 -24.93 0.36 -10.98
CA PHE D 397 -25.98 0.45 -11.97
C PHE D 397 -26.89 -0.77 -11.92
N ASP D 398 -28.20 -0.54 -11.87
CA ASP D 398 -29.21 -1.57 -12.15
C ASP D 398 -28.98 -2.82 -11.31
N VAL D 399 -29.09 -2.67 -9.99
CA VAL D 399 -29.00 -3.79 -9.07
C VAL D 399 -30.39 -4.08 -8.51
N SER D 400 -30.89 -5.30 -8.77
CA SER D 400 -32.17 -5.76 -8.26
C SER D 400 -31.96 -6.29 -6.86
N LEU D 401 -32.08 -5.35 -5.91
CA LEU D 401 -31.85 -5.60 -4.51
C LEU D 401 -32.80 -4.72 -3.70
N ILE D 402 -33.39 -5.29 -2.65
CA ILE D 402 -34.04 -4.48 -1.62
C ILE D 402 -33.41 -4.82 -0.28
N ALA D 403 -33.22 -3.80 0.58
CA ALA D 403 -32.58 -4.02 1.86
C ALA D 403 -33.05 -3.01 2.88
N ARG D 404 -32.88 -3.39 4.15
CA ARG D 404 -33.29 -2.57 5.28
C ARG D 404 -32.14 -2.53 6.27
N ARG D 405 -32.10 -1.46 7.09
CA ARG D 405 -30.96 -1.23 7.96
C ARG D 405 -30.85 -2.33 9.02
N TRP D 406 -29.62 -2.68 9.39
CA TRP D 406 -29.38 -3.26 10.71
C TRP D 406 -29.77 -2.23 11.76
N GLN D 407 -30.72 -2.54 12.65
CA GLN D 407 -31.15 -1.60 13.68
C GLN D 407 -31.03 -2.16 15.10
N ALA D 408 -30.44 -3.37 15.22
CA ALA D 408 -30.10 -3.99 16.49
C ALA D 408 -28.78 -4.74 16.31
N PHE D 409 -28.03 -4.96 17.40
CA PHE D 409 -26.74 -5.62 17.30
C PHE D 409 -26.93 -7.12 17.08
N ASN D 410 -28.02 -7.64 17.63
CA ASN D 410 -28.36 -9.06 17.51
C ASN D 410 -29.72 -9.17 16.85
N PHE D 411 -29.79 -9.99 15.79
CA PHE D 411 -31.04 -10.24 15.10
C PHE D 411 -30.90 -11.51 14.26
N ASP D 412 -32.07 -12.04 13.91
CA ASP D 412 -32.20 -13.12 12.93
C ASP D 412 -33.02 -12.56 11.77
N ALA D 413 -32.57 -12.85 10.54
CA ALA D 413 -33.35 -12.53 9.36
C ALA D 413 -33.48 -13.78 8.51
N GLU D 414 -34.64 -13.94 7.85
CA GLU D 414 -34.99 -15.18 7.19
C GLU D 414 -35.84 -14.89 5.96
N THR D 415 -35.68 -15.72 4.92
CA THR D 415 -36.51 -15.67 3.75
C THR D 415 -36.69 -17.09 3.22
N LYS D 416 -37.58 -17.22 2.26
CA LYS D 416 -37.83 -18.45 1.53
C LYS D 416 -37.86 -18.07 0.05
N VAL D 417 -37.00 -18.69 -0.77
CA VAL D 417 -36.79 -18.24 -2.14
C VAL D 417 -36.76 -19.42 -3.12
N LYS D 418 -37.29 -19.18 -4.32
CA LYS D 418 -37.21 -20.11 -5.43
C LYS D 418 -36.45 -19.40 -6.56
N PHE D 419 -35.50 -20.11 -7.19
CA PHE D 419 -34.69 -19.56 -8.27
C PHE D 419 -34.20 -20.74 -9.10
N ASP D 420 -34.24 -20.64 -10.43
CA ASP D 420 -33.91 -21.75 -11.30
C ASP D 420 -32.73 -21.41 -12.21
N PRO D 421 -31.50 -21.29 -11.69
CA PRO D 421 -30.38 -20.84 -12.52
C PRO D 421 -29.90 -21.98 -13.42
N PHE D 422 -29.41 -21.61 -14.60
CA PHE D 422 -28.81 -22.57 -15.52
C PHE D 422 -27.35 -22.19 -15.80
N THR D 423 -26.85 -21.12 -15.17
CA THR D 423 -25.45 -20.73 -15.28
C THR D 423 -25.00 -20.15 -13.94
N TYR D 424 -23.69 -20.20 -13.71
CA TYR D 424 -23.07 -19.73 -12.49
C TYR D 424 -23.14 -18.22 -12.41
N GLN D 425 -23.55 -17.56 -13.51
CA GLN D 425 -23.63 -16.11 -13.52
C GLN D 425 -24.98 -15.65 -12.96
N GLN D 426 -25.80 -16.59 -12.50
CA GLN D 426 -27.09 -16.30 -11.91
C GLN D 426 -27.02 -16.68 -10.44
N MET D 427 -27.37 -15.72 -9.56
CA MET D 427 -27.25 -15.88 -8.12
C MET D 427 -28.40 -15.13 -7.45
N ALA D 428 -29.00 -15.72 -6.41
CA ALA D 428 -30.08 -15.06 -5.69
C ALA D 428 -30.15 -15.57 -4.25
N GLY D 429 -30.36 -14.65 -3.29
CA GLY D 429 -30.52 -15.05 -1.91
C GLY D 429 -30.58 -13.90 -0.91
N LEU D 430 -30.09 -14.19 0.30
CA LEU D 430 -30.17 -13.29 1.44
C LEU D 430 -28.80 -12.65 1.69
N ALA D 431 -28.74 -11.32 1.76
CA ALA D 431 -27.47 -10.61 1.83
C ALA D 431 -27.37 -9.66 3.01
N ASN D 432 -26.13 -9.41 3.43
CA ASN D 432 -25.73 -8.30 4.29
C ASN D 432 -24.78 -7.41 3.49
N ILE D 433 -25.09 -6.11 3.37
CA ILE D 433 -24.32 -5.23 2.48
C ILE D 433 -24.03 -3.90 3.19
N TYR D 434 -22.80 -3.41 2.97
CA TYR D 434 -22.43 -2.04 3.32
C TYR D 434 -22.32 -1.25 2.00
N ASN D 435 -21.44 -1.71 1.09
CA ASN D 435 -21.33 -1.07 -0.22
C ASN D 435 -20.87 -2.09 -1.27
N ASP D 436 -20.55 -1.60 -2.46
CA ASP D 436 -20.23 -2.44 -3.61
C ASP D 436 -18.98 -3.28 -3.38
N LYS D 437 -18.12 -2.87 -2.42
CA LYS D 437 -16.89 -3.62 -2.14
C LYS D 437 -16.92 -4.26 -0.76
N HIS D 438 -18.06 -4.20 -0.07
CA HIS D 438 -18.21 -4.74 1.28
C HIS D 438 -19.61 -5.34 1.43
N TYR D 439 -19.71 -6.66 1.18
CA TYR D 439 -20.97 -7.36 1.32
C TYR D 439 -20.71 -8.86 1.45
N SER D 440 -21.76 -9.57 1.85
CA SER D 440 -21.75 -11.02 1.88
C SER D 440 -23.16 -11.52 1.62
N TRP D 441 -23.31 -12.80 1.33
CA TRP D 441 -24.63 -13.40 1.20
C TRP D 441 -24.54 -14.91 1.05
N ILE D 442 -25.70 -15.55 1.26
CA ILE D 442 -25.92 -16.95 0.97
C ILE D 442 -26.92 -16.97 -0.17
N PHE D 443 -26.64 -17.80 -1.19
CA PHE D 443 -27.42 -17.71 -2.42
C PHE D 443 -27.53 -19.05 -3.12
N ILE D 444 -28.58 -19.14 -3.93
CA ILE D 444 -28.77 -20.23 -4.89
C ILE D 444 -28.03 -19.83 -6.15
N THR D 445 -27.28 -20.79 -6.73
CA THR D 445 -26.64 -20.60 -8.01
C THR D 445 -26.55 -21.96 -8.74
N TRP D 446 -25.76 -22.01 -9.80
CA TRP D 446 -25.63 -23.22 -10.61
C TRP D 446 -24.16 -23.55 -10.73
N ASP D 447 -23.82 -24.85 -10.69
CA ASP D 447 -22.46 -25.24 -11.00
C ASP D 447 -22.48 -26.41 -11.98
N GLU D 448 -21.32 -26.62 -12.58
CA GLU D 448 -21.13 -27.53 -13.69
C GLU D 448 -21.29 -28.99 -13.25
N LYS D 449 -20.96 -29.32 -11.98
CA LYS D 449 -20.99 -30.70 -11.50
C LYS D 449 -22.36 -31.08 -10.91
N LYS D 450 -22.98 -30.17 -10.15
CA LYS D 450 -24.11 -30.57 -9.32
C LYS D 450 -25.42 -29.92 -9.79
N GLY D 451 -25.37 -28.93 -10.66
CA GLY D 451 -26.55 -28.14 -10.96
C GLY D 451 -26.84 -27.11 -9.87
N HIS D 452 -28.09 -27.05 -9.42
CA HIS D 452 -28.51 -26.07 -8.44
C HIS D 452 -27.80 -26.31 -7.12
N VAL D 453 -27.11 -25.28 -6.62
CA VAL D 453 -26.38 -25.37 -5.36
C VAL D 453 -26.58 -24.13 -4.50
N ILE D 454 -26.10 -24.23 -3.25
CA ILE D 454 -26.03 -23.11 -2.33
C ILE D 454 -24.54 -22.80 -2.08
N GLU D 455 -24.22 -21.50 -2.15
CA GLU D 455 -22.89 -20.99 -1.86
C GLU D 455 -23.02 -19.80 -0.90
N VAL D 456 -21.93 -19.49 -0.22
CA VAL D 456 -21.78 -18.27 0.56
C VAL D 456 -20.54 -17.56 0.06
N ALA D 457 -20.66 -16.25 -0.14
CA ALA D 457 -19.54 -15.44 -0.58
C ALA D 457 -19.52 -14.12 0.19
N GLN D 458 -18.28 -13.59 0.31
CA GLN D 458 -18.00 -12.33 0.93
C GLN D 458 -17.07 -11.54 0.01
N ASN D 459 -17.42 -10.27 -0.23
CA ASN D 459 -16.54 -9.32 -0.87
C ASN D 459 -16.01 -8.36 0.22
N ASP D 460 -14.69 -8.43 0.47
CA ASP D 460 -14.03 -7.65 1.52
C ASP D 460 -12.99 -6.74 0.86
N ASN D 461 -13.45 -5.56 0.47
CA ASN D 461 -12.64 -4.60 -0.24
C ASN D 461 -12.06 -5.24 -1.50
N ASN D 462 -12.90 -5.93 -2.25
CA ASN D 462 -12.55 -6.61 -3.50
C ASN D 462 -11.62 -7.80 -3.28
N ASN D 463 -11.36 -8.18 -2.02
CA ASN D 463 -10.85 -9.52 -1.73
C ASN D 463 -12.06 -10.42 -1.60
N TYR D 464 -12.34 -11.22 -2.65
CA TYR D 464 -13.59 -11.94 -2.77
C TYR D 464 -13.35 -13.41 -2.41
N THR D 465 -14.18 -13.95 -1.50
CA THR D 465 -14.07 -15.34 -1.10
C THR D 465 -15.38 -16.07 -1.37
N SER D 466 -15.28 -17.19 -2.08
CA SER D 466 -16.31 -18.20 -2.11
C SER D 466 -15.98 -19.27 -1.08
N TYR D 467 -16.85 -19.46 -0.08
CA TYR D 467 -16.50 -20.31 1.03
C TYR D 467 -16.59 -21.80 0.69
N LEU D 468 -17.61 -22.22 -0.06
CA LEU D 468 -17.82 -23.64 -0.26
C LEU D 468 -17.16 -24.13 -1.53
N LYS D 469 -17.10 -23.29 -2.58
CA LYS D 469 -16.45 -23.65 -3.82
C LYS D 469 -17.10 -24.92 -4.40
N ASP D 470 -16.26 -25.89 -4.82
CA ASP D 470 -16.75 -27.17 -5.32
C ASP D 470 -17.64 -27.89 -4.30
N ASP D 471 -17.54 -27.55 -3.01
CA ASP D 471 -18.35 -28.20 -1.98
C ASP D 471 -19.65 -27.43 -1.73
N ALA D 472 -20.05 -26.59 -2.67
CA ALA D 472 -21.37 -25.95 -2.61
C ALA D 472 -22.43 -27.03 -2.37
N ILE D 473 -23.46 -26.69 -1.58
CA ILE D 473 -24.45 -27.67 -1.17
C ILE D 473 -25.42 -27.95 -2.33
N LYS D 474 -25.51 -29.21 -2.75
CA LYS D 474 -26.48 -29.65 -3.73
C LYS D 474 -27.90 -29.42 -3.21
N ILE D 475 -28.75 -28.79 -4.03
CA ILE D 475 -30.17 -28.66 -3.75
C ILE D 475 -30.87 -29.92 -4.26
N PRO D 476 -31.47 -30.77 -3.40
CA PRO D 476 -32.11 -32.01 -3.87
C PRO D 476 -33.17 -31.81 -4.96
N ASP D 477 -33.33 -32.83 -5.82
CA ASP D 477 -34.11 -32.74 -7.06
C ASP D 477 -35.58 -32.35 -6.84
N GLY D 478 -36.21 -32.76 -5.75
CA GLY D 478 -37.61 -32.35 -5.56
C GLY D 478 -37.76 -30.89 -5.09
N THR D 479 -36.66 -30.23 -4.73
CA THR D 479 -36.74 -29.00 -3.95
C THR D 479 -37.19 -27.83 -4.82
N ASN D 480 -38.27 -27.19 -4.40
CA ASN D 480 -38.74 -25.96 -5.03
C ASN D 480 -38.05 -24.77 -4.34
N TYR D 481 -38.49 -24.49 -3.12
CA TYR D 481 -38.04 -23.31 -2.39
C TYR D 481 -36.89 -23.69 -1.47
N VAL D 482 -35.98 -22.75 -1.25
CA VAL D 482 -34.94 -22.89 -0.25
C VAL D 482 -35.16 -21.80 0.81
N TRP D 483 -34.97 -22.14 2.08
CA TRP D 483 -35.07 -21.16 3.16
C TRP D 483 -33.65 -20.74 3.53
N PHE D 484 -33.44 -19.44 3.77
CA PHE D 484 -32.14 -18.92 4.20
C PHE D 484 -32.35 -18.06 5.44
N ARG D 485 -31.32 -18.04 6.30
CA ARG D 485 -31.33 -17.25 7.50
C ARG D 485 -29.95 -16.68 7.73
N THR D 486 -29.89 -15.47 8.29
CA THR D 486 -28.63 -14.96 8.80
C THR D 486 -28.85 -14.65 10.27
N LYS D 487 -27.87 -15.00 11.10
CA LYS D 487 -27.90 -14.70 12.52
C LYS D 487 -26.76 -13.76 12.81
N VAL D 488 -27.12 -12.50 13.11
CA VAL D 488 -26.12 -11.49 13.41
C VAL D 488 -26.00 -11.41 14.94
N ARG D 489 -24.76 -11.47 15.43
CA ARG D 489 -24.46 -11.48 16.85
C ARG D 489 -23.36 -10.47 17.13
N LYS D 490 -23.64 -9.19 16.82
CA LYS D 490 -22.80 -8.05 17.13
C LYS D 490 -21.50 -8.08 16.33
N GLN D 491 -20.49 -8.81 16.81
CA GLN D 491 -19.16 -8.77 16.24
C GLN D 491 -19.06 -9.72 15.05
N SER D 492 -20.00 -10.68 14.94
CA SER D 492 -19.91 -11.72 13.94
C SER D 492 -21.29 -12.20 13.52
N TYR D 493 -21.33 -12.96 12.41
CA TYR D 493 -22.58 -13.45 11.86
C TYR D 493 -22.37 -14.71 11.01
N THR D 494 -23.47 -15.46 10.86
CA THR D 494 -23.47 -16.73 10.15
C THR D 494 -24.66 -16.78 9.19
N TYR D 495 -24.59 -17.75 8.27
CA TYR D 495 -25.70 -18.06 7.37
C TYR D 495 -26.11 -19.53 7.55
N GLU D 496 -27.43 -19.75 7.45
CA GLU D 496 -28.04 -21.06 7.60
C GLU D 496 -29.00 -21.26 6.44
N TYR D 497 -29.31 -22.53 6.13
CA TYR D 497 -30.21 -22.86 5.05
C TYR D 497 -31.07 -24.04 5.49
N SER D 498 -32.20 -24.26 4.80
CA SER D 498 -33.11 -25.35 5.06
C SER D 498 -33.88 -25.69 3.79
N PHE D 499 -34.16 -26.99 3.59
CA PHE D 499 -34.95 -27.44 2.45
C PHE D 499 -36.40 -27.66 2.83
N ASP D 500 -36.78 -27.41 4.09
CA ASP D 500 -38.15 -27.65 4.52
C ASP D 500 -38.66 -26.57 5.47
N GLY D 501 -37.80 -25.66 5.93
CA GLY D 501 -38.22 -24.56 6.78
C GLY D 501 -38.19 -24.95 8.27
N GLN D 502 -37.81 -26.20 8.56
CA GLN D 502 -37.82 -26.72 9.93
C GLN D 502 -36.45 -27.19 10.36
N ASN D 503 -35.76 -27.91 9.48
CA ASN D 503 -34.43 -28.45 9.76
C ASN D 503 -33.39 -27.57 9.07
N TRP D 504 -32.55 -26.92 9.89
CA TRP D 504 -31.60 -25.94 9.44
C TRP D 504 -30.18 -26.47 9.57
N GLU D 505 -29.33 -26.09 8.61
CA GLU D 505 -27.92 -26.43 8.62
C GLU D 505 -27.12 -25.13 8.65
N THR D 506 -26.06 -25.05 9.48
CA THR D 506 -25.25 -23.85 9.51
C THR D 506 -24.09 -24.01 8.53
N VAL D 507 -23.86 -23.02 7.67
CA VAL D 507 -22.66 -23.04 6.85
C VAL D 507 -21.50 -22.73 7.77
N PRO D 508 -20.48 -23.61 7.85
CA PRO D 508 -19.45 -23.50 8.88
C PRO D 508 -18.41 -22.39 8.65
N VAL D 509 -18.88 -21.14 8.58
CA VAL D 509 -17.99 -20.01 8.55
C VAL D 509 -18.60 -18.90 9.40
N GLU D 510 -17.78 -18.30 10.27
CA GLU D 510 -18.19 -17.11 11.01
C GLU D 510 -17.65 -15.89 10.29
N LEU D 511 -18.54 -14.97 9.90
CA LEU D 511 -18.12 -13.77 9.20
C LEU D 511 -17.92 -12.63 10.21
N ASP D 512 -16.92 -11.78 9.93
CA ASP D 512 -16.59 -10.63 10.75
C ASP D 512 -17.53 -9.47 10.40
N ALA D 513 -18.36 -9.05 11.36
CA ALA D 513 -19.28 -7.94 11.11
C ALA D 513 -18.53 -6.63 10.86
N ALA D 514 -17.28 -6.53 11.33
CA ALA D 514 -16.52 -5.29 11.18
C ALA D 514 -16.28 -4.97 9.70
N ILE D 515 -16.37 -5.97 8.80
CA ILE D 515 -16.21 -5.71 7.37
C ILE D 515 -17.34 -4.81 6.85
N LEU D 516 -18.49 -4.77 7.53
CA LEU D 516 -19.62 -3.94 7.16
C LEU D 516 -19.80 -2.76 8.11
N SER D 517 -18.71 -2.08 8.45
CA SER D 517 -18.73 -0.97 9.38
C SER D 517 -18.07 0.27 8.75
N ASP D 518 -18.50 1.46 9.20
CA ASP D 518 -17.97 2.73 8.72
C ASP D 518 -16.46 2.76 8.93
N ASP D 519 -16.03 2.32 10.12
CA ASP D 519 -14.65 2.43 10.57
C ASP D 519 -13.72 1.55 9.76
N TYR D 520 -14.22 0.42 9.27
CA TYR D 520 -13.43 -0.45 8.38
C TYR D 520 -13.32 0.17 6.98
N VAL D 521 -14.44 0.66 6.45
CA VAL D 521 -14.47 1.18 5.08
C VAL D 521 -13.57 2.41 4.97
N LEU D 522 -13.54 3.21 6.03
CA LEU D 522 -12.72 4.42 6.14
C LEU D 522 -11.24 4.14 5.92
N GLN D 523 -10.80 2.92 6.23
CA GLN D 523 -9.40 2.58 6.14
C GLN D 523 -8.89 2.66 4.70
N ASN D 524 -9.73 2.40 3.71
CA ASN D 524 -9.28 2.33 2.32
C ASN D 524 -10.20 3.07 1.35
N TYR D 525 -11.17 3.86 1.85
CA TYR D 525 -12.09 4.61 0.99
C TYR D 525 -12.61 5.81 1.79
N GLY D 526 -12.74 6.97 1.11
CA GLY D 526 -13.07 8.22 1.76
C GLY D 526 -14.57 8.44 1.94
N GLY D 527 -15.40 7.50 1.44
CA GLY D 527 -16.84 7.53 1.69
C GLY D 527 -17.28 6.39 2.61
N PHE D 528 -17.67 6.73 3.85
CA PHE D 528 -17.94 5.73 4.87
C PHE D 528 -19.07 6.22 5.77
N PHE D 529 -20.20 6.59 5.17
CA PHE D 529 -21.20 7.41 5.85
C PHE D 529 -22.55 6.72 6.01
N THR D 530 -22.65 5.39 5.77
CA THR D 530 -23.94 4.73 5.83
C THR D 530 -23.99 3.81 7.04
N GLY D 531 -23.88 2.50 6.85
CA GLY D 531 -24.22 1.52 7.84
C GLY D 531 -24.63 0.22 7.17
N ALA D 532 -24.65 -0.88 7.94
CA ALA D 532 -24.92 -2.19 7.38
C ALA D 532 -26.41 -2.33 7.13
N PHE D 533 -26.77 -3.05 6.05
CA PHE D 533 -28.12 -3.38 5.71
C PHE D 533 -28.23 -4.89 5.49
N VAL D 534 -29.46 -5.40 5.64
CA VAL D 534 -29.76 -6.80 5.32
C VAL D 534 -30.89 -6.82 4.31
N GLY D 535 -30.85 -7.77 3.37
CA GLY D 535 -31.90 -7.80 2.38
C GLY D 535 -31.79 -8.99 1.42
N LEU D 536 -32.47 -8.80 0.28
CA LEU D 536 -32.74 -9.84 -0.69
C LEU D 536 -32.28 -9.33 -2.03
N MET D 537 -31.64 -10.20 -2.83
CA MET D 537 -31.24 -9.77 -4.16
C MET D 537 -31.09 -10.95 -5.10
N ALA D 538 -31.23 -10.62 -6.39
CA ALA D 538 -31.00 -11.54 -7.48
C ALA D 538 -30.11 -10.83 -8.49
N ALA D 539 -29.12 -11.58 -8.99
CA ALA D 539 -28.21 -11.15 -10.03
C ALA D 539 -28.25 -12.15 -11.20
N ASP D 540 -28.16 -11.60 -12.43
CA ASP D 540 -27.97 -12.40 -13.63
C ASP D 540 -27.07 -11.60 -14.56
N TYR D 541 -25.75 -11.79 -14.44
CA TYR D 541 -24.81 -11.07 -15.27
C TYR D 541 -24.57 -11.83 -16.57
N ALA D 542 -25.27 -12.96 -16.81
CA ALA D 542 -25.45 -13.49 -18.15
C ALA D 542 -26.44 -12.65 -18.95
N GLY D 543 -27.23 -11.82 -18.24
CA GLY D 543 -28.16 -10.89 -18.88
C GLY D 543 -29.46 -11.56 -19.32
N TYR D 544 -29.80 -12.74 -18.77
CA TYR D 544 -31.01 -13.46 -19.18
C TYR D 544 -32.15 -13.27 -18.17
N LYS D 545 -32.01 -12.32 -17.23
CA LYS D 545 -33.14 -11.84 -16.46
C LYS D 545 -33.80 -12.93 -15.65
N ARG D 546 -33.02 -13.84 -15.07
CA ARG D 546 -33.57 -14.94 -14.31
C ARG D 546 -34.27 -14.40 -13.05
N VAL D 547 -35.47 -14.91 -12.76
CA VAL D 547 -36.33 -14.35 -11.74
C VAL D 547 -36.23 -15.19 -10.46
N ALA D 548 -36.01 -14.51 -9.34
CA ALA D 548 -36.07 -15.12 -8.03
C ALA D 548 -37.37 -14.70 -7.34
N THR D 549 -38.07 -15.66 -6.73
CA THR D 549 -39.33 -15.42 -6.05
C THR D 549 -39.11 -15.65 -4.56
N PHE D 550 -39.42 -14.63 -3.75
CA PHE D 550 -39.27 -14.68 -2.30
C PHE D 550 -40.67 -14.61 -1.69
N ASP D 551 -41.00 -15.58 -0.83
CA ASP D 551 -42.35 -15.69 -0.30
C ASP D 551 -42.55 -14.79 0.92
N TYR D 552 -41.48 -14.52 1.66
CA TYR D 552 -41.56 -13.65 2.81
C TYR D 552 -40.15 -13.20 3.19
N PHE D 553 -40.13 -12.21 4.10
CA PHE D 553 -38.91 -11.80 4.76
C PHE D 553 -39.24 -11.53 6.22
N ASP D 554 -38.41 -12.07 7.11
CA ASP D 554 -38.56 -11.83 8.54
C ASP D 554 -37.26 -11.23 9.09
N TYR D 555 -37.38 -10.14 9.85
CA TYR D 555 -36.28 -9.55 10.58
C TYR D 555 -36.71 -9.42 12.03
N GLN D 556 -36.05 -10.19 12.89
CA GLN D 556 -36.41 -10.30 14.31
C GLN D 556 -35.24 -9.82 15.16
N GLU D 557 -35.44 -8.65 15.80
CA GLU D 557 -34.43 -8.09 16.67
C GLU D 557 -34.43 -8.91 17.98
N LEU D 558 -33.26 -9.04 18.57
CA LEU D 558 -33.08 -9.77 19.82
C LEU D 558 -32.49 -8.81 20.84
N PRO D 559 -32.59 -9.11 22.14
CA PRO D 559 -32.01 -8.24 23.17
C PRO D 559 -30.50 -8.04 23.00
N ASP D 560 -30.03 -6.86 23.42
CA ASP D 560 -28.63 -6.49 23.29
C ASP D 560 -27.91 -6.97 24.55
#